data_7U9G
#
_entry.id   7U9G
#
_cell.length_a   1.00
_cell.length_b   1.00
_cell.length_c   1.00
_cell.angle_alpha   90.00
_cell.angle_beta   90.00
_cell.angle_gamma   90.00
#
_symmetry.space_group_name_H-M   'P 1'
#
loop_
_entity.id
_entity.type
_entity.pdbx_description
1 polymer Glycoprotein
2 polymer 'RVA122 Fab Light Chain'
3 polymer 'RVA122 Fab Heavy Chain'
4 non-polymer 2-acetamido-2-deoxy-beta-D-glucopyranose
#
loop_
_entity_poly.entity_id
_entity_poly.type
_entity_poly.pdbx_seq_one_letter_code
_entity_poly.pdbx_strand_id
1 'polypeptide(L)'
;MVPQALLFVPLLVFPLCFGKFPIYTIPDKLGPWSPIDIHHLSCPNNLVVEDEGCTNLSGFSYMELKVGYISAIKMNGFTC
TGVVTEAETYTNFVGYVTTTFKRKHFRPTPDACRAAYNWKMAGDPRYEESLHNPYPDYHWLRTVKTTKESLVIISPSVAD
LDPYDRSLHSRVFPGGNCSGVAVSSTYCSTNHDYTIWMPENPRLGMSCDIFTNSRGKRASKGSETCGFVDERGLYKSLKG
ACKLKLCGVLGLRLMDGTWVAMQTSNETKWCPPGQLVNLHDFRSDEIEHLVVEELVKKREECLDALESIMTTKSVSFRRL
SHLRKLVPGFGKAYTIFNKTLMEADAHYKSVRTWNEIIPSKGCLRVGGRCHPHVNGVFFNGIILGPDGNVLIPEMQSSLL
QQHMELLVSSVIPLMHPLADPSTVFKNGDEAEDFVEVHL
;
A,B,C
2 'polypeptide(L)'
;QSVLTQSPSASDTPGQRVTISCSGSSSNIGSNYVYWYQQFPGTAPKLLIYKSDKRPSGVPDRFSGSTSGTSASLAISGLR
SEDEADYYCAAWDNRLSGWLFGGGTKLTVLGTVAAPSVFIFPPSDEQLKSGTASVVCLLNNFYPREAKVQWKVDNALQSG
NSQESVTEQDSKDSTYSLSSTLTLSKADYEKHKVYACEVTHQGLRSPVTKSFNRGEC
;
D,E,F
3 'polypeptide(L)'
;QVHLQESGPGLVKPSETLSLTCTVSGDSMNNFYWGWIRQPAGKGLEWIGYIYYSGTTNYNPSLKSRVTISIDTSKNQFSL
KVNSVTAADTAVYYCARDSGDYVSYYYYGMDVWGPGTTVTVSSASTKGPSVFPLAPSSKSTSGGTAALGCLVKDYFPEPV
TVSWNSGALTSGVHTFPAVLQSSGLYSLSSVVTVPSSSLGTQTYICNVNHKPSNTKVDKKVEPKSCDLEVDDDDKAGWSH
PQFEKGGGSGGGSGGGSWSHPQFEK
;
G,H,I
#
loop_
_chem_comp.id
_chem_comp.type
_chem_comp.name
_chem_comp.formula
NAG D-saccharide, beta linking 2-acetamido-2-deoxy-beta-D-glucopyranose 'C8 H15 N O6'
#
# COMPACT_ATOMS: atom_id res chain seq x y z
N LYS A 20 9.09 -9.11 -10.34
CA LYS A 20 10.14 -8.41 -11.07
C LYS A 20 9.63 -7.86 -12.39
N PHE A 21 9.77 -6.55 -12.58
CA PHE A 21 9.24 -5.88 -13.75
C PHE A 21 10.26 -4.86 -14.24
N PRO A 22 10.25 -4.54 -15.53
CA PRO A 22 11.16 -3.52 -16.04
C PRO A 22 10.81 -2.13 -15.52
N ILE A 23 11.80 -1.24 -15.55
CA ILE A 23 11.61 0.08 -14.97
C ILE A 23 10.60 0.89 -15.76
N TYR A 24 10.59 0.75 -17.08
CA TYR A 24 9.64 1.51 -17.89
C TYR A 24 9.44 0.81 -19.22
N THR A 25 8.31 1.11 -19.85
CA THR A 25 7.99 0.60 -21.18
C THR A 25 7.50 1.75 -22.05
N ILE A 26 7.87 1.72 -23.32
CA ILE A 26 7.51 2.78 -24.24
C ILE A 26 6.94 2.18 -25.52
N PRO A 27 5.88 2.75 -26.08
CA PRO A 27 5.36 2.24 -27.34
C PRO A 27 6.35 2.33 -28.46
N ASP A 28 6.35 1.31 -29.32
CA ASP A 28 7.21 1.31 -30.49
C ASP A 28 6.53 1.92 -31.71
N LYS A 29 5.24 1.63 -31.89
CA LYS A 29 4.45 2.20 -32.98
C LYS A 29 3.10 2.62 -32.44
N LEU A 30 2.63 3.79 -32.84
CA LEU A 30 1.38 4.34 -32.36
C LEU A 30 0.38 4.43 -33.50
N GLY A 31 -0.83 3.94 -33.27
CA GLY A 31 -1.88 4.07 -34.23
C GLY A 31 -2.56 5.42 -34.16
N PRO A 32 -3.52 5.63 -35.05
CA PRO A 32 -4.25 6.89 -35.03
C PRO A 32 -5.02 7.07 -33.73
N TRP A 33 -5.07 8.31 -33.26
CA TRP A 33 -5.77 8.62 -32.03
C TRP A 33 -7.27 8.63 -32.25
N SER A 34 -8.02 8.17 -31.25
CA SER A 34 -9.47 8.15 -31.27
C SER A 34 -10.00 8.64 -29.94
N PRO A 35 -11.16 9.29 -29.92
CA PRO A 35 -11.71 9.82 -28.66
C PRO A 35 -12.55 8.80 -27.91
N ILE A 36 -12.43 8.82 -26.59
CA ILE A 36 -13.20 7.97 -25.69
C ILE A 36 -13.54 8.78 -24.44
N ASP A 37 -14.27 8.17 -23.53
CA ASP A 37 -14.58 8.76 -22.23
C ASP A 37 -13.99 7.88 -21.12
N ILE A 38 -14.29 8.24 -19.88
CA ILE A 38 -13.73 7.52 -18.74
C ILE A 38 -14.25 6.10 -18.67
N HIS A 39 -15.44 5.83 -19.20
CA HIS A 39 -16.04 4.51 -19.08
C HIS A 39 -15.42 3.48 -20.00
N HIS A 40 -14.65 3.89 -20.99
CA HIS A 40 -13.98 2.94 -21.86
C HIS A 40 -12.63 2.48 -21.33
N LEU A 41 -12.17 3.03 -20.21
CA LEU A 41 -10.88 2.65 -19.67
C LEU A 41 -10.91 1.23 -19.12
N SER A 42 -9.76 0.57 -19.13
CA SER A 42 -9.65 -0.77 -18.60
C SER A 42 -8.21 -1.01 -18.16
N CYS A 43 -8.05 -1.71 -17.05
CA CYS A 43 -6.72 -2.00 -16.54
C CYS A 43 -5.97 -2.92 -17.49
N PRO A 44 -4.69 -2.66 -17.75
CA PRO A 44 -3.94 -3.48 -18.70
C PRO A 44 -3.60 -4.85 -18.15
N ASN A 45 -3.23 -5.73 -19.06
CA ASN A 45 -2.84 -7.10 -18.73
C ASN A 45 -1.31 -7.17 -18.64
N ASN A 46 -0.81 -7.63 -17.49
CA ASN A 46 0.63 -7.67 -17.24
C ASN A 46 1.20 -9.08 -17.30
N LEU A 47 0.51 -10.01 -17.94
CA LEU A 47 0.94 -11.40 -17.97
C LEU A 47 1.52 -11.75 -19.33
N VAL A 48 2.66 -12.43 -19.31
CA VAL A 48 3.30 -12.94 -20.52
C VAL A 48 3.52 -14.44 -20.35
N VAL A 49 3.21 -15.20 -21.38
CA VAL A 49 3.26 -16.65 -21.32
C VAL A 49 4.61 -17.13 -21.84
N GLU A 50 5.27 -17.96 -21.06
CA GLU A 50 6.56 -18.55 -21.41
C GLU A 50 6.44 -20.07 -21.52
N ASP A 51 7.07 -20.63 -22.54
CA ASP A 51 7.01 -22.06 -22.79
C ASP A 51 8.40 -22.67 -22.60
N GLU A 52 8.43 -23.94 -22.22
CA GLU A 52 9.66 -24.65 -21.93
C GLU A 52 9.84 -25.83 -22.86
N GLY A 53 11.03 -25.94 -23.44
CA GLY A 53 11.37 -27.04 -24.32
C GLY A 53 11.56 -26.66 -25.77
N CYS A 54 11.19 -25.45 -26.17
CA CYS A 54 11.29 -25.03 -27.56
C CYS A 54 12.71 -24.55 -27.79
N THR A 55 13.56 -25.42 -28.32
CA THR A 55 14.96 -25.08 -28.52
C THR A 55 15.37 -24.97 -29.97
N ASN A 56 14.45 -25.10 -30.92
CA ASN A 56 14.79 -25.07 -32.33
C ASN A 56 14.16 -23.85 -32.97
N LEU A 57 14.97 -23.06 -33.67
CA LEU A 57 14.50 -21.84 -34.32
C LEU A 57 14.77 -21.91 -35.82
N SER A 58 13.83 -21.41 -36.60
CA SER A 58 13.99 -21.38 -38.05
C SER A 58 13.28 -20.18 -38.63
N GLY A 59 13.99 -19.40 -39.43
CA GLY A 59 13.40 -18.20 -40.02
C GLY A 59 12.14 -18.52 -40.81
N PHE A 60 11.18 -17.60 -40.77
CA PHE A 60 9.94 -17.76 -41.51
C PHE A 60 9.29 -16.41 -41.67
N SER A 61 8.34 -16.32 -42.60
CA SER A 61 7.60 -15.10 -42.87
C SER A 61 6.14 -15.28 -42.47
N TYR A 62 5.56 -14.22 -41.91
CA TYR A 62 4.19 -14.25 -41.44
C TYR A 62 3.52 -12.92 -41.71
N MET A 63 2.20 -12.92 -41.58
CA MET A 63 1.37 -11.74 -41.84
C MET A 63 0.58 -11.39 -40.59
N GLU A 64 0.49 -10.10 -40.29
CA GLU A 64 -0.22 -9.62 -39.12
C GLU A 64 -0.95 -8.32 -39.43
N LEU A 65 -1.92 -7.99 -38.58
CA LEU A 65 -2.69 -6.77 -38.77
C LEU A 65 -1.86 -5.54 -38.47
N LYS A 66 -2.17 -4.45 -39.16
CA LYS A 66 -1.52 -3.18 -38.91
C LYS A 66 -1.99 -2.59 -37.58
N VAL A 67 -1.19 -1.65 -37.07
CA VAL A 67 -1.52 -1.00 -35.82
C VAL A 67 -2.78 -0.17 -35.99
N GLY A 68 -3.61 -0.16 -34.95
CA GLY A 68 -4.85 0.58 -34.96
C GLY A 68 -6.06 -0.20 -35.44
N TYR A 69 -5.87 -1.40 -35.97
CA TYR A 69 -6.96 -2.26 -36.35
C TYR A 69 -7.03 -3.53 -35.53
N ILE A 70 -5.98 -3.83 -34.75
CA ILE A 70 -5.92 -5.06 -33.98
C ILE A 70 -7.01 -5.15 -32.93
N SER A 71 -7.30 -4.04 -32.26
CA SER A 71 -8.27 -4.11 -31.17
C SER A 71 -9.67 -4.40 -31.68
N ALA A 72 -10.19 -3.55 -32.56
CA ALA A 72 -11.54 -3.74 -33.07
C ALA A 72 -11.78 -2.87 -34.28
N ILE A 73 -12.23 -3.45 -35.40
CA ILE A 73 -12.56 -2.61 -36.53
C ILE A 73 -13.73 -1.74 -36.12
N LYS A 74 -13.66 -0.45 -36.40
CA LYS A 74 -14.71 0.46 -35.96
C LYS A 74 -15.50 1.01 -37.13
N MET A 75 -16.83 1.04 -37.00
CA MET A 75 -17.69 1.58 -38.03
C MET A 75 -18.27 2.90 -37.57
N ASN A 76 -18.03 3.98 -38.31
CA ASN A 76 -18.53 5.29 -37.94
C ASN A 76 -20.04 5.40 -38.13
N GLY A 77 -20.69 6.24 -37.32
CA GLY A 77 -22.12 6.38 -37.46
C GLY A 77 -22.60 7.69 -36.88
N PHE A 78 -23.92 7.85 -36.84
CA PHE A 78 -24.53 9.05 -36.27
C PHE A 78 -25.88 8.70 -35.67
N THR A 79 -26.31 9.47 -34.67
CA THR A 79 -27.58 9.20 -34.00
C THR A 79 -28.58 10.34 -34.26
N CYS A 80 -29.84 9.99 -34.53
CA CYS A 80 -30.88 10.97 -34.76
C CYS A 80 -31.84 11.00 -33.57
N THR A 81 -32.04 12.19 -33.00
CA THR A 81 -32.99 12.37 -31.91
C THR A 81 -33.88 13.56 -32.22
N GLY A 82 -35.18 13.32 -32.39
CA GLY A 82 -36.09 14.39 -32.73
C GLY A 82 -36.69 15.09 -31.51
N VAL A 83 -36.92 16.39 -31.66
CA VAL A 83 -37.54 17.20 -30.63
C VAL A 83 -38.52 18.15 -31.27
N VAL A 84 -39.60 18.47 -30.55
CA VAL A 84 -40.64 19.35 -31.04
C VAL A 84 -40.40 20.75 -30.49
N THR A 85 -40.38 21.74 -31.38
CA THR A 85 -40.19 23.13 -31.01
C THR A 85 -41.48 23.91 -31.22
N GLU A 86 -42.50 23.59 -30.43
CA GLU A 86 -43.74 24.34 -30.49
C GLU A 86 -43.66 25.53 -29.53
N ALA A 87 -44.53 26.50 -29.76
CA ALA A 87 -44.64 27.64 -28.84
C ALA A 87 -46.01 28.29 -29.03
N GLU A 88 -46.24 29.36 -28.27
CA GLU A 88 -47.47 30.13 -28.32
C GLU A 88 -47.22 31.48 -28.95
N THR A 89 -48.30 32.13 -29.39
CA THR A 89 -48.20 33.41 -30.08
C THR A 89 -49.51 34.18 -30.00
N VAL A 97 -49.64 40.14 -26.66
CA VAL A 97 -48.97 39.05 -27.36
C VAL A 97 -48.27 38.13 -26.36
N THR A 98 -48.70 36.88 -26.30
CA THR A 98 -48.13 35.92 -25.38
C THR A 98 -46.82 35.34 -25.93
N THR A 99 -46.06 34.69 -25.05
CA THR A 99 -44.79 34.09 -25.40
C THR A 99 -44.49 32.95 -24.45
N THR A 100 -44.35 31.73 -24.96
CA THR A 100 -43.97 30.59 -24.13
C THR A 100 -43.45 29.47 -25.03
N PHE A 101 -42.35 28.85 -24.61
CA PHE A 101 -41.69 27.81 -25.41
C PHE A 101 -42.08 26.42 -24.93
N LYS A 102 -42.09 25.46 -25.86
CA LYS A 102 -42.49 24.08 -25.55
C LYS A 102 -41.56 23.10 -26.26
N ARG A 103 -41.06 22.10 -25.53
CA ARG A 103 -40.12 21.14 -26.11
C ARG A 103 -40.41 19.70 -25.70
N LYS A 104 -40.71 18.82 -26.66
CA LYS A 104 -40.92 17.41 -26.36
C LYS A 104 -40.22 16.55 -27.41
N HIS A 105 -39.70 15.39 -26.99
CA HIS A 105 -38.95 14.51 -27.89
C HIS A 105 -39.81 13.44 -28.54
N PHE A 106 -39.31 12.88 -29.65
CA PHE A 106 -40.02 11.85 -30.39
C PHE A 106 -39.02 10.97 -31.11
N ARG A 107 -39.49 9.79 -31.56
CA ARG A 107 -38.65 8.89 -32.34
C ARG A 107 -38.85 9.14 -33.83
N PRO A 108 -37.81 9.50 -34.58
CA PRO A 108 -38.00 9.83 -36.00
C PRO A 108 -38.00 8.60 -36.89
N THR A 109 -38.06 8.82 -38.27
CA THR A 109 -37.99 7.83 -39.33
C THR A 109 -36.61 7.80 -39.97
N PRO A 110 -36.14 6.63 -40.38
CA PRO A 110 -34.78 6.54 -40.92
C PRO A 110 -34.54 7.39 -42.15
N ASP A 111 -35.53 7.55 -43.03
CA ASP A 111 -35.30 8.26 -44.28
C ASP A 111 -35.04 9.75 -44.02
N ALA A 112 -35.87 10.38 -43.18
CA ALA A 112 -35.64 11.77 -42.83
C ALA A 112 -34.34 11.93 -42.05
N CYS A 113 -33.99 10.92 -41.24
CA CYS A 113 -32.72 10.96 -40.52
C CYS A 113 -31.55 10.97 -41.50
N ARG A 114 -31.59 10.11 -42.52
CA ARG A 114 -30.54 10.11 -43.53
C ARG A 114 -30.50 11.41 -44.30
N ALA A 115 -31.67 11.95 -44.65
CA ALA A 115 -31.68 13.23 -45.37
C ALA A 115 -31.06 14.32 -44.51
N ALA A 116 -31.43 14.36 -43.23
CA ALA A 116 -30.88 15.35 -42.33
C ALA A 116 -29.37 15.22 -42.26
N TYR A 117 -28.89 13.97 -42.20
CA TYR A 117 -27.45 13.76 -42.13
C TYR A 117 -26.77 14.27 -43.40
N ASN A 118 -27.38 14.02 -44.56
CA ASN A 118 -26.78 14.48 -45.80
C ASN A 118 -26.71 15.99 -45.84
N TRP A 119 -27.75 16.66 -45.32
CA TRP A 119 -27.77 18.12 -45.33
C TRP A 119 -26.79 18.69 -44.30
N LYS A 120 -26.59 17.99 -43.20
CA LYS A 120 -25.59 18.40 -42.22
C LYS A 120 -24.19 18.11 -42.74
N MET A 121 -24.05 17.04 -43.53
CA MET A 121 -22.76 16.76 -44.15
C MET A 121 -22.44 17.85 -45.15
N ALA A 122 -23.47 18.38 -45.81
CA ALA A 122 -23.23 19.47 -46.73
C ALA A 122 -22.73 20.69 -45.97
N GLY A 123 -23.14 20.82 -44.71
CA GLY A 123 -22.71 21.91 -43.86
C GLY A 123 -23.37 23.21 -44.20
N ASP A 124 -24.45 23.16 -44.97
CA ASP A 124 -25.12 24.36 -45.39
C ASP A 124 -25.79 25.05 -44.20
N PRO A 125 -25.90 26.38 -44.25
CA PRO A 125 -26.58 27.11 -43.16
C PRO A 125 -28.03 26.73 -43.04
N ARG A 126 -28.63 26.23 -44.11
CA ARG A 126 -30.03 25.86 -44.09
C ARG A 126 -30.29 24.79 -43.04
N TYR A 127 -29.41 23.78 -42.96
CA TYR A 127 -29.59 22.79 -41.90
C TYR A 127 -29.45 23.43 -40.53
N GLU A 128 -28.47 24.31 -40.35
CA GLU A 128 -28.23 24.94 -39.04
C GLU A 128 -29.47 25.67 -38.55
N GLU A 129 -30.11 26.45 -39.42
CA GLU A 129 -31.28 27.21 -38.99
C GLU A 129 -32.45 26.28 -38.75
N SER A 130 -32.67 25.30 -39.64
CA SER A 130 -33.78 24.37 -39.48
C SER A 130 -33.78 23.72 -38.11
N LEU A 131 -32.67 23.77 -37.41
CA LEU A 131 -32.50 23.17 -36.09
C LEU A 131 -32.40 24.20 -34.97
N HIS A 132 -31.42 25.11 -35.07
CA HIS A 132 -31.16 26.08 -34.00
C HIS A 132 -32.29 27.05 -33.71
N ASN A 133 -32.94 27.62 -34.72
CA ASN A 133 -33.95 28.61 -34.41
C ASN A 133 -35.38 28.14 -34.60
N PRO A 134 -36.18 28.04 -33.53
CA PRO A 134 -37.53 27.50 -33.71
C PRO A 134 -38.50 28.45 -34.38
N TYR A 135 -38.46 29.75 -34.05
CA TYR A 135 -39.37 30.75 -34.61
C TYR A 135 -40.81 30.26 -34.66
N PRO A 136 -41.35 29.67 -33.59
CA PRO A 136 -42.71 29.12 -33.69
C PRO A 136 -43.76 30.18 -33.38
N ASP A 137 -43.96 31.11 -34.31
CA ASP A 137 -44.90 32.20 -34.12
C ASP A 137 -45.91 32.26 -35.27
N VAL A 144 -53.36 31.78 -29.88
CA VAL A 144 -52.85 31.14 -31.08
C VAL A 144 -51.53 30.43 -30.76
N LYS A 145 -51.39 29.18 -31.20
CA LYS A 145 -50.13 28.46 -31.04
C LYS A 145 -49.49 28.22 -32.41
N THR A 146 -48.21 27.86 -32.39
CA THR A 146 -47.53 27.48 -33.62
C THR A 146 -46.38 26.54 -33.30
N THR A 147 -46.14 25.55 -34.16
CA THR A 147 -45.16 24.51 -33.89
C THR A 147 -44.19 24.34 -35.06
N LYS A 148 -42.98 23.86 -34.76
CA LYS A 148 -41.96 23.61 -35.79
C LYS A 148 -41.25 22.30 -35.46
N GLU A 149 -41.47 21.26 -36.28
CA GLU A 149 -40.81 19.98 -36.07
C GLU A 149 -39.32 20.03 -36.40
N SER A 150 -38.50 19.37 -35.59
CA SER A 150 -37.05 19.41 -35.75
C SER A 150 -36.45 18.04 -35.51
N LEU A 151 -35.38 17.72 -36.25
CA LEU A 151 -34.64 16.48 -36.05
C LEU A 151 -33.16 16.80 -35.80
N VAL A 152 -32.66 16.42 -34.63
CA VAL A 152 -31.29 16.74 -34.25
C VAL A 152 -30.41 15.51 -34.39
N ILE A 153 -29.25 15.66 -35.01
CA ILE A 153 -28.28 14.57 -35.15
C ILE A 153 -27.06 14.86 -34.29
N ILE A 154 -26.55 13.85 -33.62
CA ILE A 154 -25.43 14.01 -32.72
C ILE A 154 -24.12 13.78 -33.49
N SER A 155 -23.02 14.40 -33.01
CA SER A 155 -21.67 14.24 -33.56
C SER A 155 -21.43 12.76 -33.85
N PRO A 156 -20.60 12.42 -34.82
CA PRO A 156 -20.44 10.99 -35.17
C PRO A 156 -20.07 10.13 -33.97
N SER A 157 -20.70 8.97 -33.89
CA SER A 157 -20.43 7.96 -32.89
C SER A 157 -19.93 6.68 -33.56
N VAL A 158 -19.11 5.92 -32.85
CA VAL A 158 -18.44 4.78 -33.45
C VAL A 158 -18.90 3.51 -32.74
N ALA A 159 -18.88 2.40 -33.47
CA ALA A 159 -19.32 1.14 -32.90
C ALA A 159 -18.43 0.02 -33.40
N ASP A 160 -17.99 -0.85 -32.49
CA ASP A 160 -17.14 -1.96 -32.86
C ASP A 160 -17.91 -2.95 -33.71
N LEU A 161 -17.24 -3.52 -34.70
CA LEU A 161 -17.82 -4.53 -35.56
C LEU A 161 -17.30 -5.90 -35.19
N ASP A 162 -18.18 -6.88 -35.09
CA ASP A 162 -17.74 -8.23 -34.81
C ASP A 162 -17.66 -8.99 -36.13
N PRO A 163 -16.48 -9.45 -36.53
CA PRO A 163 -16.37 -10.14 -37.83
C PRO A 163 -17.15 -11.43 -37.93
N TYR A 164 -17.18 -12.22 -36.86
CA TYR A 164 -17.83 -13.52 -36.94
C TYR A 164 -19.32 -13.44 -37.26
N ASP A 165 -20.05 -12.52 -36.63
CA ASP A 165 -21.48 -12.44 -36.88
C ASP A 165 -21.91 -11.15 -37.57
N ARG A 166 -20.95 -10.31 -37.97
CA ARG A 166 -21.28 -9.03 -38.59
C ARG A 166 -22.22 -8.19 -37.73
N SER A 167 -21.97 -8.17 -36.42
CA SER A 167 -22.82 -7.42 -35.51
C SER A 167 -22.08 -6.21 -34.96
N LEU A 168 -22.82 -5.14 -34.70
CA LEU A 168 -22.25 -3.93 -34.14
C LEU A 168 -22.48 -3.84 -32.64
N HIS A 169 -21.40 -3.63 -31.89
CA HIS A 169 -21.49 -3.50 -30.44
C HIS A 169 -21.16 -2.07 -30.02
N SER A 170 -21.86 -1.56 -29.03
CA SER A 170 -21.60 -0.22 -28.50
C SER A 170 -22.44 -0.01 -27.25
N ARG A 171 -22.01 0.94 -26.43
CA ARG A 171 -22.77 1.24 -25.22
C ARG A 171 -24.13 1.83 -25.53
N VAL A 172 -24.23 2.57 -26.64
CA VAL A 172 -25.48 3.22 -27.03
C VAL A 172 -26.56 2.18 -27.31
N PHE A 173 -26.20 1.08 -27.96
CA PHE A 173 -27.19 0.05 -28.24
C PHE A 173 -27.62 -0.60 -26.94
N PRO A 174 -28.92 -0.88 -26.78
CA PRO A 174 -29.37 -1.44 -25.49
C PRO A 174 -28.94 -2.89 -25.38
N GLY A 175 -28.30 -3.21 -24.26
CA GLY A 175 -27.83 -4.54 -24.02
C GLY A 175 -26.51 -4.85 -24.68
N GLY A 176 -25.99 -3.94 -25.49
CA GLY A 176 -24.69 -4.11 -26.10
C GLY A 176 -24.64 -5.19 -27.16
N ASN A 177 -25.78 -5.53 -27.77
CA ASN A 177 -25.81 -6.55 -28.82
C ASN A 177 -26.77 -6.14 -29.94
N CYS A 178 -26.31 -5.30 -30.85
CA CYS A 178 -27.12 -4.96 -32.01
C CYS A 178 -26.68 -5.90 -33.13
N SER A 179 -27.62 -6.59 -33.76
CA SER A 179 -27.27 -7.58 -34.75
C SER A 179 -27.98 -7.36 -36.08
N GLY A 180 -27.28 -7.74 -37.15
CA GLY A 180 -27.81 -7.65 -38.50
C GLY A 180 -28.35 -6.30 -38.91
N VAL A 181 -27.63 -5.22 -38.58
CA VAL A 181 -28.11 -3.90 -38.95
C VAL A 181 -28.15 -3.75 -40.47
N ALA A 182 -27.08 -4.15 -41.15
CA ALA A 182 -27.07 -4.10 -42.60
C ALA A 182 -28.02 -5.13 -43.20
N VAL A 183 -28.07 -6.32 -42.61
CA VAL A 183 -28.88 -7.41 -43.13
C VAL A 183 -30.37 -7.08 -43.11
N SER A 184 -30.88 -6.51 -42.02
CA SER A 184 -32.32 -6.30 -41.94
C SER A 184 -32.77 -4.85 -41.80
N SER A 185 -32.41 -4.15 -40.72
CA SER A 185 -32.91 -2.80 -40.49
C SER A 185 -31.78 -1.78 -40.47
N THR A 186 -31.90 -0.76 -41.31
CA THR A 186 -30.85 0.26 -41.42
C THR A 186 -30.59 0.98 -40.09
N TYR A 187 -31.55 0.99 -39.18
CA TYR A 187 -31.40 1.71 -37.93
C TYR A 187 -31.43 0.74 -36.76
N CYS A 188 -30.74 1.11 -35.68
CA CYS A 188 -30.67 0.27 -34.50
C CYS A 188 -31.18 1.07 -33.30
N SER A 189 -31.75 0.36 -32.34
CA SER A 189 -32.32 0.99 -31.17
C SER A 189 -31.24 1.56 -30.25
N THR A 190 -31.65 2.51 -29.41
CA THR A 190 -30.78 3.17 -28.46
C THR A 190 -31.47 3.19 -27.11
N ASN A 191 -30.69 3.45 -26.05
CA ASN A 191 -31.27 3.41 -24.71
C ASN A 191 -32.40 4.43 -24.57
N HIS A 192 -32.20 5.62 -25.13
CA HIS A 192 -33.28 6.61 -25.15
C HIS A 192 -34.31 6.17 -26.17
N ASP A 193 -35.58 6.12 -25.76
CA ASP A 193 -36.61 5.61 -26.66
C ASP A 193 -36.79 6.50 -27.88
N TYR A 194 -36.49 7.78 -27.76
CA TYR A 194 -36.62 8.72 -28.87
C TYR A 194 -35.36 8.82 -29.71
N THR A 195 -34.36 7.99 -29.45
CA THR A 195 -33.09 8.02 -30.17
C THR A 195 -32.87 6.74 -30.96
N ILE A 196 -32.35 6.89 -32.17
CA ILE A 196 -31.97 5.76 -33.03
C ILE A 196 -30.59 6.02 -33.58
N TRP A 197 -29.94 4.95 -34.02
CA TRP A 197 -28.57 5.03 -34.52
C TRP A 197 -28.52 4.70 -36.00
N MET A 198 -27.60 5.36 -36.71
CA MET A 198 -27.40 5.24 -38.15
C MET A 198 -25.92 5.15 -38.47
N PRO A 199 -25.48 4.12 -39.19
CA PRO A 199 -24.12 4.11 -39.71
C PRO A 199 -23.93 5.17 -40.77
N GLU A 200 -22.73 5.72 -40.84
CA GLU A 200 -22.44 6.74 -41.84
C GLU A 200 -22.56 6.18 -43.25
N ASN A 201 -22.02 5.00 -43.49
CA ASN A 201 -22.19 4.37 -44.79
C ASN A 201 -23.56 3.72 -44.88
N PRO A 202 -24.15 3.67 -46.08
CA PRO A 202 -25.42 2.95 -46.23
C PRO A 202 -25.32 1.49 -45.88
N ARG A 203 -24.17 0.86 -46.14
CA ARG A 203 -23.96 -0.54 -45.87
C ARG A 203 -22.61 -0.73 -45.18
N LEU A 204 -22.51 -1.79 -44.39
CA LEU A 204 -21.29 -2.03 -43.63
C LEU A 204 -20.17 -2.49 -44.55
N GLY A 205 -19.42 -1.54 -45.13
CA GLY A 205 -18.32 -1.86 -46.01
C GLY A 205 -16.98 -1.62 -45.32
N MET A 206 -16.15 -2.66 -45.32
CA MET A 206 -14.87 -2.63 -44.62
C MET A 206 -13.74 -2.87 -45.60
N SER A 207 -12.78 -1.95 -45.63
CA SER A 207 -11.61 -2.13 -46.47
C SER A 207 -10.77 -3.28 -45.93
N CYS A 208 -10.21 -4.09 -46.81
CA CYS A 208 -9.40 -5.22 -46.38
C CYS A 208 -7.90 -4.95 -46.45
N ASP A 209 -7.48 -3.70 -46.62
CA ASP A 209 -6.06 -3.37 -46.61
C ASP A 209 -5.59 -3.12 -45.18
N ILE A 210 -5.63 -4.18 -44.38
CA ILE A 210 -5.24 -4.10 -42.98
C ILE A 210 -4.09 -5.06 -42.64
N PHE A 211 -3.35 -5.53 -43.63
CA PHE A 211 -2.33 -6.54 -43.39
C PHE A 211 -0.93 -6.04 -43.75
N THR A 212 0.03 -6.36 -42.88
CA THR A 212 1.43 -6.06 -43.08
C THR A 212 2.24 -7.34 -42.95
N ASN A 213 3.38 -7.41 -43.64
CA ASN A 213 4.21 -8.59 -43.65
C ASN A 213 5.51 -8.34 -42.89
N SER A 214 5.89 -9.28 -42.03
CA SER A 214 7.09 -9.14 -41.22
C SER A 214 7.84 -10.46 -41.17
N ARG A 215 9.12 -10.37 -40.82
CA ARG A 215 9.95 -11.56 -40.67
C ARG A 215 9.93 -12.03 -39.21
N GLY A 216 10.34 -13.27 -39.02
CA GLY A 216 10.38 -13.82 -37.67
C GLY A 216 11.08 -15.16 -37.65
N LYS A 217 11.23 -15.69 -36.45
CA LYS A 217 11.82 -17.01 -36.27
C LYS A 217 10.77 -17.87 -35.60
N ARG A 218 10.71 -19.15 -35.98
CA ARG A 218 9.69 -20.05 -35.48
C ARG A 218 10.27 -20.97 -34.42
N ALA A 219 9.67 -20.97 -33.24
CA ALA A 219 10.17 -21.78 -32.14
C ALA A 219 9.43 -23.11 -32.18
N SER A 220 10.16 -24.21 -32.30
CA SER A 220 9.52 -25.51 -32.40
C SER A 220 10.03 -26.45 -31.32
N LYS A 221 9.11 -27.11 -30.64
CA LYS A 221 9.43 -28.10 -29.63
C LYS A 221 9.09 -29.44 -30.28
N GLY A 222 10.06 -30.33 -30.38
CA GLY A 222 9.79 -31.56 -31.10
C GLY A 222 9.37 -31.16 -32.50
N SER A 223 8.19 -31.61 -32.93
CA SER A 223 7.69 -31.24 -34.25
C SER A 223 6.72 -30.08 -34.20
N GLU A 224 5.91 -29.99 -33.15
CA GLU A 224 4.91 -28.94 -33.01
C GLU A 224 5.60 -27.59 -32.80
N THR A 225 4.98 -26.53 -33.32
CA THR A 225 5.53 -25.19 -33.15
C THR A 225 4.86 -24.54 -31.95
N CYS A 226 5.57 -24.50 -30.81
CA CYS A 226 5.01 -23.90 -29.61
C CYS A 226 4.80 -22.40 -29.72
N GLY A 227 5.72 -21.68 -30.37
CA GLY A 227 5.61 -20.23 -30.43
C GLY A 227 6.46 -19.66 -31.54
N PHE A 228 6.28 -18.36 -31.79
CA PHE A 228 7.10 -17.65 -32.76
C PHE A 228 7.59 -16.33 -32.22
N VAL A 229 8.79 -15.93 -32.65
CA VAL A 229 9.37 -14.65 -32.28
C VAL A 229 8.97 -13.64 -33.35
N ASP A 230 8.53 -12.46 -32.95
CA ASP A 230 8.03 -11.51 -33.94
C ASP A 230 9.13 -10.57 -34.42
N GLU A 231 8.74 -9.59 -35.23
CA GLU A 231 9.68 -8.62 -35.76
C GLU A 231 10.28 -7.77 -34.65
N ARG A 232 9.48 -7.41 -33.66
CA ARG A 232 9.96 -6.61 -32.55
C ARG A 232 10.94 -7.37 -31.66
N GLY A 233 11.07 -8.67 -31.82
CA GLY A 233 11.97 -9.44 -30.99
C GLY A 233 11.36 -10.03 -29.74
N LEU A 234 10.04 -10.04 -29.61
CA LEU A 234 9.36 -10.55 -28.44
C LEU A 234 8.78 -11.92 -28.75
N TYR A 235 8.97 -12.86 -27.82
CA TYR A 235 8.44 -14.21 -28.00
C TYR A 235 6.93 -14.22 -27.81
N LYS A 236 6.23 -14.84 -28.75
CA LYS A 236 4.77 -14.96 -28.68
C LYS A 236 4.41 -16.43 -28.50
N SER A 237 3.61 -16.71 -27.49
CA SER A 237 3.19 -18.07 -27.19
C SER A 237 1.96 -18.43 -28.01
N LEU A 238 2.02 -19.56 -28.71
CA LEU A 238 0.91 -20.03 -29.52
C LEU A 238 -0.08 -20.87 -28.75
N LYS A 239 0.17 -21.11 -27.46
CA LYS A 239 -0.72 -21.93 -26.65
C LYS A 239 -2.05 -21.23 -26.44
N GLY A 240 -3.13 -22.01 -26.47
CA GLY A 240 -4.45 -21.45 -26.21
C GLY A 240 -5.04 -20.60 -27.30
N ALA A 241 -4.61 -20.80 -28.55
CA ALA A 241 -5.12 -20.03 -29.67
C ALA A 241 -6.37 -20.68 -30.24
N CYS A 242 -7.14 -19.89 -30.99
CA CYS A 242 -8.33 -20.36 -31.68
C CYS A 242 -8.31 -19.85 -33.11
N LYS A 243 -8.98 -20.59 -33.99
CA LYS A 243 -9.00 -20.29 -35.41
C LYS A 243 -10.08 -19.27 -35.74
N LEU A 244 -9.68 -18.19 -36.40
CA LEU A 244 -10.61 -17.16 -36.85
C LEU A 244 -10.31 -16.88 -38.32
N LYS A 245 -11.19 -16.14 -38.99
CA LYS A 245 -10.94 -15.75 -40.37
C LYS A 245 -11.36 -14.32 -40.60
N LEU A 246 -10.42 -13.48 -41.02
CA LEU A 246 -10.69 -12.09 -41.34
C LEU A 246 -10.35 -11.85 -42.80
N CYS A 247 -11.25 -11.21 -43.53
CA CYS A 247 -11.02 -10.88 -44.94
C CYS A 247 -10.79 -12.13 -45.78
N GLY A 248 -11.30 -13.27 -45.33
CA GLY A 248 -11.21 -14.49 -46.10
C GLY A 248 -9.92 -15.25 -45.95
N VAL A 249 -8.96 -14.75 -45.18
CA VAL A 249 -7.72 -15.46 -44.91
C VAL A 249 -7.78 -16.05 -43.51
N LEU A 250 -7.55 -17.36 -43.41
CA LEU A 250 -7.61 -18.03 -42.12
C LEU A 250 -6.40 -17.67 -41.26
N GLY A 251 -6.64 -17.51 -39.97
CA GLY A 251 -5.58 -17.17 -39.03
C GLY A 251 -5.83 -17.70 -37.63
N LEU A 252 -5.05 -17.24 -36.67
CA LEU A 252 -5.23 -17.61 -35.27
C LEU A 252 -5.31 -16.38 -34.40
N ARG A 253 -6.30 -16.32 -33.52
CA ARG A 253 -6.40 -15.25 -32.55
C ARG A 253 -5.62 -15.67 -31.31
N LEU A 254 -4.51 -15.00 -31.04
CA LEU A 254 -3.64 -15.39 -29.95
C LEU A 254 -4.27 -15.06 -28.61
N MET A 255 -3.56 -15.44 -27.54
CA MET A 255 -4.06 -15.20 -26.20
C MET A 255 -4.17 -13.71 -25.89
N ASP A 256 -3.20 -12.93 -26.36
CA ASP A 256 -3.16 -11.50 -26.07
C ASP A 256 -4.04 -10.67 -26.99
N GLY A 257 -4.69 -11.28 -27.98
CA GLY A 257 -5.53 -10.58 -28.92
C GLY A 257 -4.92 -10.34 -30.29
N THR A 258 -3.62 -10.52 -30.42
CA THR A 258 -2.98 -10.34 -31.71
C THR A 258 -3.38 -11.47 -32.65
N TRP A 259 -3.60 -11.14 -33.93
CA TRP A 259 -3.98 -12.13 -34.91
C TRP A 259 -2.87 -12.31 -35.93
N VAL A 260 -2.42 -13.54 -36.14
CA VAL A 260 -1.37 -13.83 -37.12
C VAL A 260 -1.82 -14.91 -38.08
N ALA A 261 -1.46 -14.75 -39.35
CA ALA A 261 -1.80 -15.73 -40.38
C ALA A 261 -0.69 -16.77 -40.45
N MET A 262 -0.95 -17.98 -40.00
CA MET A 262 0.06 -19.03 -40.09
C MET A 262 -0.63 -20.38 -40.10
N GLN A 263 0.17 -21.44 -40.23
CA GLN A 263 -0.36 -22.79 -40.24
C GLN A 263 -1.00 -23.11 -38.89
N THR A 264 -2.12 -23.81 -38.93
CA THR A 264 -2.84 -24.14 -37.71
C THR A 264 -3.15 -25.63 -37.65
N SER A 265 -3.12 -26.17 -36.44
CA SER A 265 -3.48 -27.55 -36.23
C SER A 265 -4.96 -27.75 -36.51
N ASN A 266 -5.31 -28.88 -37.14
CA ASN A 266 -6.71 -29.13 -37.39
C ASN A 266 -7.45 -29.34 -36.09
N GLU A 267 -6.74 -29.90 -35.11
CA GLU A 267 -7.32 -30.16 -33.79
C GLU A 267 -7.79 -28.87 -33.14
N THR A 268 -7.08 -27.77 -33.36
CA THR A 268 -7.47 -26.49 -32.78
C THR A 268 -8.89 -26.13 -33.22
N LYS A 269 -9.69 -25.65 -32.28
CA LYS A 269 -11.08 -25.36 -32.55
C LYS A 269 -11.26 -23.95 -33.10
N TRP A 270 -12.51 -23.65 -33.46
CA TRP A 270 -12.87 -22.32 -33.94
C TRP A 270 -13.12 -21.41 -32.75
N CYS A 271 -12.93 -20.12 -32.96
CA CYS A 271 -13.09 -19.19 -31.86
C CYS A 271 -14.56 -19.13 -31.41
N PRO A 272 -14.82 -18.99 -30.12
CA PRO A 272 -16.20 -18.97 -29.63
C PRO A 272 -16.94 -17.78 -30.20
N PRO A 273 -18.23 -17.91 -30.50
CA PRO A 273 -18.93 -16.78 -31.13
C PRO A 273 -18.79 -15.48 -30.35
N GLY A 274 -18.89 -15.53 -29.02
CA GLY A 274 -18.84 -14.32 -28.24
C GLY A 274 -17.49 -13.63 -28.34
N GLN A 275 -17.50 -12.34 -28.61
CA GLN A 275 -16.27 -11.57 -28.72
C GLN A 275 -16.54 -10.19 -28.17
N LEU A 276 -15.47 -9.48 -27.80
CA LEU A 276 -15.61 -8.12 -27.30
C LEU A 276 -16.55 -8.03 -26.10
N VAL A 277 -16.44 -8.99 -25.17
CA VAL A 277 -17.33 -9.00 -24.02
C VAL A 277 -16.51 -8.98 -22.73
N ASN A 278 -17.19 -8.89 -21.59
CA ASN A 278 -16.52 -8.89 -20.30
C ASN A 278 -15.57 -10.08 -20.19
N LEU A 279 -14.42 -9.85 -19.57
CA LEU A 279 -13.36 -10.85 -19.51
C LEU A 279 -13.88 -12.22 -19.10
N HIS A 280 -13.78 -13.18 -20.03
CA HIS A 280 -14.15 -14.56 -19.77
C HIS A 280 -13.02 -15.48 -20.27
N ASP A 281 -11.85 -15.38 -19.65
CA ASP A 281 -10.73 -16.24 -20.00
C ASP A 281 -10.53 -17.22 -18.85
N PHE A 282 -10.06 -18.42 -19.16
CA PHE A 282 -9.99 -19.39 -18.07
C PHE A 282 -8.63 -20.07 -17.84
N ARG A 283 -8.10 -20.71 -18.88
CA ARG A 283 -6.86 -21.49 -18.76
C ARG A 283 -5.70 -20.71 -18.18
N SER A 284 -5.46 -19.49 -18.68
CA SER A 284 -4.28 -18.78 -18.22
C SER A 284 -4.31 -18.53 -16.71
N ASP A 285 -5.47 -18.16 -16.18
CA ASP A 285 -5.53 -17.85 -14.76
C ASP A 285 -5.21 -19.05 -13.88
N GLU A 286 -5.82 -20.21 -14.17
CA GLU A 286 -5.50 -21.43 -13.43
C GLU A 286 -4.11 -22.01 -13.72
N ILE A 287 -3.73 -22.11 -14.99
CA ILE A 287 -2.44 -22.72 -15.33
C ILE A 287 -1.26 -21.90 -14.87
N GLU A 288 -1.32 -20.58 -14.99
CA GLU A 288 -0.20 -19.75 -14.59
C GLU A 288 -0.53 -19.21 -13.21
N HIS A 289 0.34 -19.54 -12.25
CA HIS A 289 0.12 -19.03 -10.92
C HIS A 289 0.15 -17.52 -10.96
N LEU A 290 -1.02 -16.93 -10.80
CA LEU A 290 -1.06 -15.47 -10.78
C LEU A 290 -0.32 -15.11 -9.51
N VAL A 291 0.97 -14.78 -9.64
CA VAL A 291 1.72 -14.53 -8.42
C VAL A 291 1.00 -13.45 -7.66
N VAL A 292 0.76 -13.70 -6.38
CA VAL A 292 0.03 -12.72 -5.58
C VAL A 292 0.75 -11.38 -5.60
N GLU A 293 2.02 -11.40 -5.19
CA GLU A 293 2.79 -10.16 -5.13
C GLU A 293 2.99 -9.53 -6.50
N GLU A 294 3.23 -10.33 -7.52
CA GLU A 294 3.53 -9.73 -8.81
C GLU A 294 2.32 -9.29 -9.60
N LEU A 295 1.26 -10.09 -9.63
CA LEU A 295 0.12 -9.70 -10.47
C LEU A 295 -1.07 -9.17 -9.70
N VAL A 296 -1.50 -9.89 -8.66
CA VAL A 296 -2.68 -9.48 -7.92
C VAL A 296 -2.49 -8.10 -7.31
N LYS A 297 -1.31 -7.85 -6.76
CA LYS A 297 -1.08 -6.56 -6.11
C LYS A 297 -1.14 -5.43 -7.12
N LYS A 298 -0.36 -5.53 -8.20
CA LYS A 298 -0.38 -4.51 -9.24
C LYS A 298 -1.80 -4.27 -9.75
N ARG A 299 -2.58 -5.34 -9.89
CA ARG A 299 -3.96 -5.21 -10.33
C ARG A 299 -4.78 -4.42 -9.33
N GLU A 300 -4.57 -4.65 -8.04
CA GLU A 300 -5.31 -3.90 -7.03
C GLU A 300 -4.94 -2.42 -7.05
N GLU A 301 -3.66 -2.11 -7.19
CA GLU A 301 -3.24 -0.71 -7.27
C GLU A 301 -3.83 -0.01 -8.49
N CYS A 302 -3.83 -0.70 -9.62
CA CYS A 302 -4.45 -0.16 -10.82
C CYS A 302 -5.94 0.05 -10.62
N LEU A 303 -6.61 -0.92 -9.99
CA LEU A 303 -8.05 -0.78 -9.80
C LEU A 303 -8.36 0.36 -8.85
N ASP A 304 -7.49 0.61 -7.89
CA ASP A 304 -7.69 1.74 -6.98
C ASP A 304 -7.68 3.05 -7.76
N ALA A 305 -6.69 3.23 -8.62
CA ALA A 305 -6.64 4.44 -9.43
C ALA A 305 -7.82 4.54 -10.39
N LEU A 306 -8.20 3.43 -11.02
CA LEU A 306 -9.35 3.46 -11.91
C LEU A 306 -10.63 3.81 -11.16
N GLU A 307 -10.81 3.27 -9.97
CA GLU A 307 -12.01 3.55 -9.19
C GLU A 307 -12.04 5.02 -8.81
N SER A 308 -10.89 5.58 -8.46
CA SER A 308 -10.84 6.99 -8.11
C SER A 308 -11.24 7.85 -9.31
N ILE A 309 -10.80 7.47 -10.50
CA ILE A 309 -11.17 8.20 -11.70
C ILE A 309 -12.69 8.18 -11.89
N MET A 310 -13.29 6.99 -11.77
CA MET A 310 -14.75 6.91 -11.96
C MET A 310 -15.50 7.72 -10.93
N THR A 311 -15.08 7.65 -9.66
CA THR A 311 -15.80 8.39 -8.63
C THR A 311 -15.68 9.89 -8.82
N THR A 312 -14.48 10.40 -9.08
CA THR A 312 -14.29 11.85 -9.20
C THR A 312 -14.58 12.41 -10.58
N LYS A 313 -14.76 11.55 -11.58
CA LYS A 313 -15.03 11.99 -12.95
C LYS A 313 -13.98 12.99 -13.44
N SER A 314 -12.73 12.79 -13.03
CA SER A 314 -11.66 13.66 -13.46
C SER A 314 -10.36 12.86 -13.48
N VAL A 315 -9.39 13.34 -14.25
CA VAL A 315 -8.14 12.63 -14.42
C VAL A 315 -6.98 13.58 -14.17
N SER A 316 -5.84 12.99 -13.85
CA SER A 316 -4.59 13.72 -13.68
C SER A 316 -3.49 12.93 -14.34
N PHE A 317 -2.42 13.64 -14.69
CA PHE A 317 -1.32 12.99 -15.40
C PHE A 317 -0.70 11.88 -14.57
N ARG A 318 -0.61 12.06 -13.26
CA ARG A 318 -0.08 11.00 -12.42
C ARG A 318 -0.98 9.77 -12.45
N ARG A 319 -2.30 9.99 -12.39
CA ARG A 319 -3.23 8.86 -12.37
C ARG A 319 -3.27 8.14 -13.72
N LEU A 320 -3.06 8.86 -14.81
CA LEU A 320 -3.01 8.21 -16.12
C LEU A 320 -1.82 7.28 -16.23
N SER A 321 -0.74 7.58 -15.52
CA SER A 321 0.46 6.76 -15.61
C SER A 321 0.26 5.38 -15.02
N HIS A 322 -0.74 5.21 -14.15
CA HIS A 322 -0.98 3.93 -13.51
C HIS A 322 -1.69 2.93 -14.40
N LEU A 323 -2.13 3.35 -15.59
CA LEU A 323 -2.82 2.46 -16.52
C LEU A 323 -1.89 1.93 -17.60
N ARG A 324 -0.61 2.20 -17.52
CA ARG A 324 0.34 1.74 -18.53
C ARG A 324 0.64 0.27 -18.34
N LYS A 325 0.82 -0.45 -19.46
CA LYS A 325 1.18 -1.85 -19.39
C LYS A 325 2.60 -1.99 -18.90
N LEU A 326 2.83 -2.94 -17.99
CA LEU A 326 4.16 -3.11 -17.44
C LEU A 326 4.99 -4.13 -18.21
N VAL A 327 4.46 -4.70 -19.27
CA VAL A 327 5.16 -5.75 -20.02
C VAL A 327 5.19 -5.41 -21.50
N PRO A 328 6.03 -6.09 -22.29
CA PRO A 328 6.15 -5.78 -23.72
C PRO A 328 4.93 -6.09 -24.59
N GLY A 329 3.89 -6.75 -24.12
CA GLY A 329 2.78 -7.10 -24.99
C GLY A 329 1.98 -5.91 -25.51
N PHE A 330 1.21 -6.18 -26.56
CA PHE A 330 0.39 -5.16 -27.21
C PHE A 330 -0.62 -4.56 -26.24
N GLY A 331 -0.79 -3.24 -26.32
CA GLY A 331 -1.71 -2.55 -25.42
C GLY A 331 -2.29 -1.27 -25.96
N LYS A 332 -2.78 -0.40 -25.07
CA LYS A 332 -3.42 0.86 -25.44
C LYS A 332 -2.84 2.03 -24.68
N ALA A 333 -2.48 3.08 -25.39
CA ALA A 333 -1.93 4.30 -24.79
C ALA A 333 -3.03 5.34 -24.60
N TYR A 334 -2.85 6.23 -23.63
CA TYR A 334 -3.85 7.24 -23.33
C TYR A 334 -3.22 8.61 -23.22
N THR A 335 -3.99 9.64 -23.56
CA THR A 335 -3.54 11.02 -23.49
C THR A 335 -4.75 11.94 -23.57
N ILE A 336 -4.53 13.23 -23.32
CA ILE A 336 -5.61 14.22 -23.29
C ILE A 336 -5.25 15.43 -24.14
N PHE A 337 -5.94 15.58 -25.27
CA PHE A 337 -5.76 16.72 -26.16
C PHE A 337 -7.07 17.50 -26.23
N ASN A 338 -6.98 18.83 -26.10
CA ASN A 338 -8.16 19.70 -26.03
C ASN A 338 -9.18 19.22 -25.01
N LYS A 339 -8.70 18.89 -23.82
CA LYS A 339 -9.56 18.39 -22.74
C LYS A 339 -10.41 17.21 -23.17
N THR A 340 -9.92 16.41 -24.12
CA THR A 340 -10.65 15.23 -24.55
C THR A 340 -9.79 13.99 -24.38
N LEU A 341 -10.34 12.96 -23.77
CA LEU A 341 -9.60 11.72 -23.56
C LEU A 341 -9.34 11.05 -24.90
N MET A 342 -8.11 10.59 -25.10
CA MET A 342 -7.70 9.98 -26.36
C MET A 342 -7.08 8.62 -26.10
N GLU A 343 -7.13 7.75 -27.10
CA GLU A 343 -6.53 6.44 -26.96
C GLU A 343 -6.07 5.94 -28.33
N ALA A 344 -5.14 5.00 -28.31
CA ALA A 344 -4.61 4.42 -29.54
C ALA A 344 -3.97 3.09 -29.23
N ASP A 345 -3.81 2.26 -30.26
CA ASP A 345 -3.16 0.98 -30.13
C ASP A 345 -1.65 1.11 -30.28
N ALA A 346 -0.91 0.26 -29.58
CA ALA A 346 0.54 0.37 -29.61
C ALA A 346 1.17 -0.95 -29.22
N HIS A 347 2.44 -1.11 -29.60
CA HIS A 347 3.26 -2.23 -29.19
C HIS A 347 4.33 -1.71 -28.24
N TYR A 348 4.44 -2.32 -27.07
CA TYR A 348 5.31 -1.83 -26.01
C TYR A 348 6.63 -2.56 -26.00
N LYS A 349 7.72 -1.82 -25.79
CA LYS A 349 9.06 -2.37 -25.66
C LYS A 349 9.65 -1.95 -24.32
N SER A 350 10.45 -2.83 -23.74
CA SER A 350 11.05 -2.57 -22.44
C SER A 350 12.21 -1.60 -22.58
N VAL A 351 12.49 -0.90 -21.48
CA VAL A 351 13.56 0.08 -21.40
C VAL A 351 14.45 -0.25 -20.22
N ARG A 352 15.76 -0.21 -20.43
CA ARG A 352 16.73 -0.52 -19.38
C ARG A 352 17.33 0.71 -18.74
N THR A 353 17.44 1.81 -19.47
CA THR A 353 18.04 3.03 -18.94
C THR A 353 17.27 4.24 -19.44
N TRP A 354 17.06 5.21 -18.56
CA TRP A 354 16.27 6.37 -18.93
C TRP A 354 16.95 7.20 -20.00
N ASN A 355 18.22 6.94 -20.26
CA ASN A 355 18.92 7.67 -21.30
C ASN A 355 18.34 7.39 -22.68
N GLU A 356 17.96 6.15 -22.97
CA GLU A 356 17.48 5.79 -24.30
C GLU A 356 16.21 6.52 -24.69
N ILE A 357 15.24 6.60 -23.79
CA ILE A 357 13.99 7.33 -24.07
C ILE A 357 14.23 8.82 -24.20
N ILE A 358 15.10 9.40 -23.39
CA ILE A 358 15.30 10.85 -23.47
C ILE A 358 16.77 11.17 -23.70
N PRO A 359 17.23 11.09 -24.95
CA PRO A 359 18.65 11.30 -25.21
C PRO A 359 19.13 12.70 -24.90
N SER A 360 18.36 13.72 -25.26
CA SER A 360 18.76 15.10 -25.02
C SER A 360 17.54 15.87 -24.53
N LYS A 361 17.72 17.14 -24.20
CA LYS A 361 16.61 17.90 -23.66
C LYS A 361 15.55 18.13 -24.73
N GLY A 362 14.28 17.89 -24.39
CA GLY A 362 13.22 18.13 -25.34
C GLY A 362 12.97 17.06 -26.38
N CYS A 363 13.49 15.86 -26.23
CA CYS A 363 13.18 14.78 -27.19
C CYS A 363 12.82 13.47 -26.53
N LEU A 364 11.71 12.89 -26.94
CA LEU A 364 11.29 11.59 -26.44
C LEU A 364 11.27 10.70 -27.67
N ARG A 365 12.27 9.82 -27.78
CA ARG A 365 12.38 8.99 -28.97
C ARG A 365 11.29 7.93 -29.06
N VAL A 366 10.62 7.84 -30.19
CA VAL A 366 9.60 6.82 -30.39
C VAL A 366 9.84 6.27 -31.79
N GLY A 367 10.17 4.99 -31.88
CA GLY A 367 10.51 4.42 -33.17
C GLY A 367 11.74 5.03 -33.78
N GLY A 368 12.65 5.56 -32.96
CA GLY A 368 13.84 6.19 -33.50
C GLY A 368 13.67 7.63 -33.94
N ARG A 369 12.51 8.23 -33.70
CA ARG A 369 12.24 9.62 -34.07
C ARG A 369 11.75 10.41 -32.86
N CYS A 370 12.18 11.67 -32.76
CA CYS A 370 11.68 12.51 -31.67
C CYS A 370 10.17 12.71 -31.84
N HIS A 371 9.39 12.19 -30.92
CA HIS A 371 7.95 12.31 -31.01
C HIS A 371 7.51 13.78 -30.90
N PRO A 372 6.56 14.21 -31.72
CA PRO A 372 6.04 15.58 -31.63
C PRO A 372 5.07 15.72 -30.47
N HIS A 373 5.01 16.91 -29.89
CA HIS A 373 4.14 17.17 -28.75
C HIS A 373 3.02 18.12 -29.14
N VAL A 374 1.80 17.77 -28.77
CA VAL A 374 0.64 18.62 -29.00
C VAL A 374 0.40 19.39 -27.72
N ASN A 375 0.60 20.70 -27.76
CA ASN A 375 0.43 21.56 -26.59
C ASN A 375 1.29 21.05 -25.44
N GLY A 376 2.48 20.56 -25.76
CA GLY A 376 3.37 20.02 -24.75
C GLY A 376 2.79 18.85 -23.98
N VAL A 377 2.01 18.01 -24.64
CA VAL A 377 1.41 16.83 -24.00
C VAL A 377 1.77 15.59 -24.79
N PHE A 378 2.44 14.64 -24.14
CA PHE A 378 2.81 13.38 -24.72
C PHE A 378 1.82 12.30 -24.28
N PHE A 379 2.11 11.05 -24.64
CA PHE A 379 1.24 9.95 -24.27
C PHE A 379 1.55 9.44 -22.86
N ASN A 380 0.56 8.77 -22.28
CA ASN A 380 0.71 8.11 -20.98
C ASN A 380 1.16 9.06 -19.89
N GLY A 381 0.66 10.29 -19.94
CA GLY A 381 0.92 11.23 -18.88
C GLY A 381 2.25 11.95 -18.95
N ILE A 382 3.07 11.67 -19.95
CA ILE A 382 4.32 12.40 -20.10
C ILE A 382 4.03 13.81 -20.59
N ILE A 383 4.62 14.81 -19.95
CA ILE A 383 4.37 16.20 -20.29
C ILE A 383 5.70 16.93 -20.40
N LEU A 384 5.65 18.10 -21.03
CA LEU A 384 6.80 18.97 -21.13
C LEU A 384 6.75 19.99 -20.00
N GLY A 385 7.78 20.00 -19.16
CA GLY A 385 7.79 20.86 -18.00
C GLY A 385 7.97 22.32 -18.33
N PRO A 386 7.75 23.19 -17.35
CA PRO A 386 7.93 24.63 -17.58
C PRO A 386 9.34 25.00 -17.96
N ASP A 387 10.34 24.22 -17.53
CA ASP A 387 11.72 24.50 -17.90
C ASP A 387 12.07 24.01 -19.29
N GLY A 388 11.08 23.62 -20.09
CA GLY A 388 11.37 23.04 -21.37
C GLY A 388 12.05 21.69 -21.29
N ASN A 389 11.67 20.86 -20.33
CA ASN A 389 12.30 19.56 -20.14
C ASN A 389 11.26 18.47 -19.97
N VAL A 390 11.51 17.31 -20.57
CA VAL A 390 10.57 16.19 -20.52
C VAL A 390 10.48 15.61 -19.11
N LEU A 391 9.26 15.51 -18.58
CA LEU A 391 9.04 14.96 -17.26
C LEU A 391 8.28 13.65 -17.34
N ILE A 392 8.81 12.60 -16.74
CA ILE A 392 8.13 11.32 -16.70
C ILE A 392 7.70 11.05 -15.27
N PRO A 393 6.42 10.81 -14.99
CA PRO A 393 6.01 10.67 -13.58
C PRO A 393 6.72 9.57 -12.84
N GLU A 394 6.99 8.44 -13.50
CA GLU A 394 7.70 7.36 -12.83
C GLU A 394 9.21 7.54 -12.81
N MET A 395 9.74 8.48 -13.56
CA MET A 395 11.15 8.83 -13.48
C MET A 395 11.40 9.88 -12.42
N GLN A 396 10.51 10.88 -12.34
CA GLN A 396 10.68 11.92 -11.34
C GLN A 396 10.49 11.37 -9.94
N SER A 397 9.54 10.45 -9.77
CA SER A 397 9.31 9.87 -8.45
C SER A 397 10.52 9.09 -7.97
N SER A 398 11.18 8.36 -8.88
CA SER A 398 12.36 7.60 -8.50
C SER A 398 13.52 8.49 -8.09
N LEU A 399 13.48 9.77 -8.44
CA LEU A 399 14.49 10.72 -8.03
C LEU A 399 14.05 11.59 -6.87
N LEU A 400 12.94 11.24 -6.22
CA LEU A 400 12.30 12.04 -5.19
C LEU A 400 11.93 13.44 -5.66
N GLN A 401 11.82 13.64 -6.96
CA GLN A 401 11.38 14.91 -7.49
C GLN A 401 9.86 15.03 -7.40
N GLN A 402 9.37 16.27 -7.31
CA GLN A 402 7.94 16.51 -7.26
C GLN A 402 7.58 17.75 -8.05
N HIS A 403 6.42 17.74 -8.69
CA HIS A 403 5.98 18.87 -9.48
C HIS A 403 4.47 19.00 -9.38
N MET A 404 4.00 20.24 -9.29
CA MET A 404 2.56 20.48 -9.17
C MET A 404 1.82 20.28 -10.48
N GLU A 405 2.52 20.38 -11.60
CA GLU A 405 1.87 20.25 -12.90
C GLU A 405 1.26 18.88 -13.10
N LEU A 406 1.95 17.83 -12.65
CA LEU A 406 1.43 16.48 -12.83
C LEU A 406 0.19 16.23 -11.99
N LEU A 407 0.18 16.72 -10.75
CA LEU A 407 -0.96 16.50 -9.86
C LEU A 407 -2.26 17.12 -10.35
N VAL A 408 -2.21 18.31 -10.95
CA VAL A 408 -3.41 19.03 -11.38
C VAL A 408 -4.45 18.12 -12.03
N SER A 409 -5.72 18.29 -11.64
CA SER A 409 -6.82 17.46 -12.10
C SER A 409 -7.78 18.23 -13.00
N SER A 410 -8.21 17.60 -14.09
CA SER A 410 -9.12 18.23 -15.04
C SER A 410 -10.28 17.31 -15.40
N VAL A 411 -11.50 17.83 -15.34
CA VAL A 411 -12.71 17.06 -15.62
C VAL A 411 -12.81 16.70 -17.10
N ILE A 412 -13.37 15.54 -17.40
CA ILE A 412 -13.56 15.09 -18.77
C ILE A 412 -15.04 14.93 -19.08
N PRO A 413 -15.55 15.56 -20.14
CA PRO A 413 -16.98 15.44 -20.50
C PRO A 413 -17.36 14.05 -21.01
N LEU A 414 -18.58 13.61 -20.68
CA LEU A 414 -19.04 12.29 -21.13
C LEU A 414 -19.23 12.27 -22.64
N MET A 415 -18.84 11.15 -23.26
CA MET A 415 -18.94 11.03 -24.72
C MET A 415 -20.36 11.08 -25.27
N HIS A 416 -21.32 10.42 -24.61
CA HIS A 416 -22.68 10.36 -25.12
C HIS A 416 -23.63 11.29 -24.42
N PRO A 417 -23.89 12.49 -24.94
CA PRO A 417 -24.76 13.42 -24.21
C PRO A 417 -26.21 12.98 -24.12
N LEU A 418 -26.78 12.43 -25.20
CA LEU A 418 -28.20 12.09 -25.17
C LEU A 418 -28.46 10.60 -25.03
N ALA A 419 -27.81 9.79 -25.87
CA ALA A 419 -28.04 8.35 -25.87
C ALA A 419 -28.02 7.79 -24.46
N ASP A 420 -26.95 8.07 -23.72
CA ASP A 420 -26.80 7.56 -22.37
C ASP A 420 -27.16 8.66 -21.39
N PRO A 421 -28.11 8.45 -20.47
CA PRO A 421 -28.48 9.45 -19.48
C PRO A 421 -27.77 9.22 -18.15
N LYS B 20 13.95 2.73 8.67
CA LYS B 20 13.78 2.96 10.10
C LYS B 20 13.58 4.44 10.40
N PHE B 21 12.48 4.75 11.07
CA PHE B 21 12.11 6.13 11.36
C PHE B 21 11.58 6.22 12.78
N PRO B 22 11.69 7.38 13.42
CA PRO B 22 11.13 7.55 14.76
C PRO B 22 9.62 7.51 14.74
N ILE B 23 9.05 7.20 15.90
CA ILE B 23 7.60 7.03 15.99
C ILE B 23 6.87 8.35 15.75
N TYR B 24 7.42 9.46 16.24
CA TYR B 24 6.76 10.74 16.05
C TYR B 24 7.79 11.86 16.17
N THR B 25 7.44 13.00 15.59
CA THR B 25 8.26 14.20 15.68
C THR B 25 7.38 15.37 16.05
N ILE B 26 7.91 16.28 16.87
CA ILE B 26 7.14 17.43 17.33
C ILE B 26 7.97 18.70 17.15
N PRO B 27 7.38 19.80 16.71
CA PRO B 27 8.14 21.04 16.59
C PRO B 27 8.65 21.52 17.94
N ASP B 28 9.85 22.08 17.91
CA ASP B 28 10.43 22.66 19.11
C ASP B 28 10.11 24.14 19.25
N LYS B 29 10.14 24.88 18.15
CA LYS B 29 9.78 26.29 18.14
C LYS B 29 8.90 26.56 16.94
N LEU B 30 7.85 27.34 17.13
CA LEU B 30 6.88 27.64 16.08
C LEU B 30 6.92 29.12 15.75
N GLY B 31 7.02 29.43 14.47
CA GLY B 31 6.96 30.80 14.02
C GLY B 31 5.55 31.30 13.91
N PRO B 32 5.41 32.57 13.54
CA PRO B 32 4.08 33.14 13.37
C PRO B 32 3.32 32.44 12.26
N TRP B 33 2.01 32.27 12.47
CA TRP B 33 1.16 31.62 11.49
C TRP B 33 0.88 32.55 10.32
N SER B 34 0.80 31.98 9.13
CA SER B 34 0.49 32.72 7.91
C SER B 34 -0.52 31.92 7.09
N PRO B 35 -1.40 32.59 6.35
CA PRO B 35 -2.42 31.88 5.57
C PRO B 35 -1.92 31.48 4.19
N ILE B 36 -2.34 30.30 3.75
CA ILE B 36 -2.04 29.75 2.44
C ILE B 36 -3.27 29.00 1.93
N ASP B 37 -3.16 28.47 0.72
CA ASP B 37 -4.19 27.62 0.14
C ASP B 37 -3.61 26.23 -0.13
N ILE B 38 -4.41 25.39 -0.76
CA ILE B 38 -3.99 24.02 -1.03
C ILE B 38 -2.82 23.96 -2.01
N HIS B 39 -2.69 24.96 -2.88
CA HIS B 39 -1.66 24.92 -3.90
C HIS B 39 -0.28 25.22 -3.38
N HIS B 40 -0.15 25.75 -2.18
CA HIS B 40 1.16 26.00 -1.60
C HIS B 40 1.73 24.81 -0.86
N LEU B 41 0.98 23.73 -0.72
CA LEU B 41 1.46 22.55 0.00
C LEU B 41 2.56 21.85 -0.77
N SER B 42 3.45 21.19 -0.04
CA SER B 42 4.55 20.45 -0.64
C SER B 42 4.96 19.32 0.30
N CYS B 43 5.28 18.17 -0.28
CA CYS B 43 5.69 17.04 0.52
C CYS B 43 7.03 17.31 1.21
N PRO B 44 7.16 16.95 2.49
CA PRO B 44 8.40 17.25 3.21
C PRO B 44 9.55 16.37 2.76
N ASN B 45 10.75 16.82 3.13
CA ASN B 45 11.98 16.11 2.85
C ASN B 45 12.38 15.28 4.05
N ASN B 46 12.55 13.97 3.85
CA ASN B 46 12.84 13.04 4.92
C ASN B 46 14.30 12.55 4.92
N LEU B 47 15.19 13.28 4.27
CA LEU B 47 16.57 12.86 4.14
C LEU B 47 17.47 13.67 5.06
N VAL B 48 18.36 12.98 5.77
CA VAL B 48 19.36 13.60 6.61
C VAL B 48 20.74 13.09 6.18
N VAL B 49 21.69 13.99 6.08
CA VAL B 49 23.03 13.67 5.57
C VAL B 49 23.95 13.37 6.74
N GLU B 50 24.61 12.22 6.68
CA GLU B 50 25.56 11.79 7.69
C GLU B 50 26.96 11.68 7.10
N ASP B 51 27.96 12.13 7.83
CA ASP B 51 29.33 12.14 7.38
C ASP B 51 30.16 11.19 8.24
N GLU B 52 31.20 10.63 7.65
CA GLU B 52 32.05 9.64 8.30
C GLU B 52 33.48 10.15 8.41
N GLY B 53 34.05 10.04 9.61
CA GLY B 53 35.42 10.43 9.86
C GLY B 53 35.58 11.64 10.76
N CYS B 54 34.51 12.37 11.04
CA CYS B 54 34.60 13.58 11.84
C CYS B 54 34.57 13.16 13.30
N THR B 55 35.74 13.05 13.92
CA THR B 55 35.81 12.58 15.30
C THR B 55 36.29 13.65 16.28
N ASN B 56 36.49 14.88 15.84
CA ASN B 56 37.01 15.92 16.72
C ASN B 56 35.94 17.00 16.89
N LEU B 57 35.63 17.33 18.14
CA LEU B 57 34.61 18.32 18.45
C LEU B 57 35.23 19.45 19.27
N SER B 58 34.79 20.68 18.99
CA SER B 58 35.27 21.83 19.73
C SER B 58 34.19 22.90 19.79
N GLY B 59 33.89 23.36 21.01
CA GLY B 59 32.85 24.36 21.19
C GLY B 59 33.10 25.60 20.34
N PHE B 60 32.02 26.19 19.85
CA PHE B 60 32.12 27.41 19.05
C PHE B 60 30.77 28.10 19.06
N SER B 61 30.77 29.37 18.67
CA SER B 61 29.56 30.19 18.61
C SER B 61 29.25 30.53 17.16
N TYR B 62 27.96 30.52 16.83
CA TYR B 62 27.52 30.78 15.46
C TYR B 62 26.22 31.58 15.50
N MET B 63 25.87 32.13 14.34
CA MET B 63 24.68 32.95 14.18
C MET B 63 23.77 32.34 13.13
N GLU B 64 22.46 32.34 13.40
CA GLU B 64 21.48 31.78 12.48
C GLU B 64 20.22 32.62 12.48
N LEU B 65 19.42 32.45 11.44
CA LEU B 65 18.18 33.19 11.31
C LEU B 65 17.15 32.74 12.33
N LYS B 66 16.30 33.67 12.74
CA LYS B 66 15.20 33.35 13.63
C LYS B 66 14.13 32.56 12.91
N VAL B 67 13.29 31.89 13.70
CA VAL B 67 12.21 31.09 13.16
C VAL B 67 11.21 32.00 12.46
N GLY B 68 10.67 31.54 11.34
CA GLY B 68 9.69 32.28 10.57
C GLY B 68 10.27 33.14 9.47
N TYR B 69 11.59 33.28 9.42
CA TYR B 69 12.25 34.02 8.35
C TYR B 69 13.14 33.12 7.50
N ILE B 70 13.40 31.89 7.96
CA ILE B 70 14.31 30.99 7.25
C ILE B 70 13.79 30.62 5.88
N SER B 71 12.49 30.38 5.75
CA SER B 71 11.98 29.91 4.47
C SER B 71 12.08 30.99 3.40
N ALA B 72 11.46 32.14 3.63
CA ALA B 72 11.47 33.21 2.64
C ALA B 72 11.01 34.51 3.25
N ILE B 73 11.80 35.59 3.12
CA ILE B 73 11.31 36.86 3.61
C ILE B 73 10.11 37.23 2.77
N LYS B 74 9.03 37.67 3.41
CA LYS B 74 7.81 37.96 2.68
C LYS B 74 7.50 39.44 2.70
N MET B 75 7.11 39.99 1.54
CA MET B 75 6.75 41.39 1.44
C MET B 75 5.24 41.51 1.23
N ASN B 76 4.56 42.21 2.13
CA ASN B 76 3.11 42.37 2.03
C ASN B 76 2.72 43.29 0.88
N GLY B 77 1.53 43.06 0.31
CA GLY B 77 1.11 43.91 -0.78
C GLY B 77 -0.39 43.88 -0.95
N PHE B 78 -0.86 44.52 -2.02
CA PHE B 78 -2.28 44.54 -2.33
C PHE B 78 -2.47 44.65 -3.83
N THR B 79 -3.60 44.14 -4.33
CA THR B 79 -3.88 44.15 -5.76
C THR B 79 -5.07 45.05 -6.08
N CYS B 80 -4.95 45.83 -7.15
CA CYS B 80 -6.03 46.73 -7.59
C CYS B 80 -6.67 46.17 -8.85
N THR B 81 -7.99 46.00 -8.84
CA THR B 81 -8.73 45.56 -10.01
C THR B 81 -9.93 46.48 -10.20
N GLY B 82 -9.96 47.22 -11.30
CA GLY B 82 -11.05 48.14 -11.55
C GLY B 82 -12.23 47.53 -12.29
N VAL B 83 -13.42 47.99 -11.97
CA VAL B 83 -14.64 47.54 -12.62
C VAL B 83 -15.55 48.75 -12.83
N VAL B 84 -16.32 48.71 -13.92
CA VAL B 84 -17.23 49.80 -14.27
C VAL B 84 -18.62 49.46 -13.78
N THR B 85 -19.23 50.38 -13.05
CA THR B 85 -20.59 50.21 -12.53
C THR B 85 -21.53 51.16 -13.26
N GLU B 86 -21.73 50.92 -14.55
CA GLU B 86 -22.70 51.72 -15.29
C GLU B 86 -24.08 51.07 -15.20
N ALA B 87 -25.11 51.86 -15.47
CA ALA B 87 -26.47 51.34 -15.54
C ALA B 87 -27.33 52.27 -16.38
N GLU B 88 -28.60 51.93 -16.50
CA GLU B 88 -29.59 52.71 -17.24
C GLU B 88 -30.57 53.36 -16.27
N THR B 89 -31.27 54.38 -16.77
CA THR B 89 -32.19 55.14 -15.93
C THR B 89 -33.24 55.85 -16.80
N VAL B 97 -39.80 54.08 -16.13
CA VAL B 97 -38.42 54.17 -15.66
C VAL B 97 -37.74 52.82 -15.82
N THR B 98 -36.71 52.77 -16.66
CA THR B 98 -35.99 51.53 -16.89
C THR B 98 -34.98 51.25 -15.78
N THR B 99 -34.49 50.01 -15.76
CA THR B 99 -33.52 49.59 -14.75
C THR B 99 -32.72 48.42 -15.31
N THR B 100 -31.39 48.59 -15.42
CA THR B 100 -30.53 47.50 -15.85
C THR B 100 -29.09 47.80 -15.45
N PHE B 101 -28.39 46.80 -14.93
CA PHE B 101 -27.04 46.97 -14.41
C PHE B 101 -26.00 46.52 -15.44
N LYS B 102 -24.82 47.15 -15.40
CA LYS B 102 -23.75 46.86 -16.36
C LYS B 102 -22.41 46.82 -15.64
N ARG B 103 -21.60 45.77 -15.89
CA ARG B 103 -20.31 45.64 -15.22
C ARG B 103 -19.19 45.18 -16.15
N LYS B 104 -18.16 46.01 -16.31
CA LYS B 104 -17.01 45.61 -17.12
C LYS B 104 -15.72 46.02 -16.42
N HIS B 105 -14.67 45.21 -16.58
CA HIS B 105 -13.40 45.44 -15.88
C HIS B 105 -12.39 46.23 -16.73
N PHE B 106 -11.42 46.84 -16.05
CA PHE B 106 -10.40 47.65 -16.71
C PHE B 106 -9.11 47.61 -15.90
N ARG B 107 -8.01 48.03 -16.52
CA ARG B 107 -6.73 48.11 -15.82
C ARG B 107 -6.53 49.53 -15.30
N PRO B 108 -6.38 49.72 -13.98
CA PRO B 108 -6.26 51.08 -13.45
C PRO B 108 -4.85 51.64 -13.52
N THR B 109 -4.63 52.87 -12.92
CA THR B 109 -3.37 53.58 -12.80
C THR B 109 -2.81 53.42 -11.39
N PRO B 110 -1.48 53.36 -11.25
CA PRO B 110 -0.91 53.13 -9.91
C PRO B 110 -1.23 54.20 -8.90
N ASP B 111 -1.33 55.47 -9.31
CA ASP B 111 -1.53 56.54 -8.35
C ASP B 111 -2.91 56.44 -7.71
N ALA B 112 -3.94 56.26 -8.52
CA ALA B 112 -5.28 56.08 -7.97
C ALA B 112 -5.38 54.80 -7.14
N CYS B 113 -4.63 53.77 -7.54
CA CYS B 113 -4.59 52.54 -6.76
C CYS B 113 -4.02 52.79 -5.36
N ARG B 114 -2.92 53.54 -5.30
CA ARG B 114 -2.33 53.88 -4.01
C ARG B 114 -3.27 54.75 -3.19
N ALA B 115 -3.93 55.72 -3.82
CA ALA B 115 -4.87 56.55 -3.09
C ALA B 115 -6.00 55.71 -2.52
N ALA B 116 -6.53 54.80 -3.34
CA ALA B 116 -7.62 53.93 -2.89
C ALA B 116 -7.15 53.11 -1.71
N TYR B 117 -5.92 52.61 -1.77
CA TYR B 117 -5.40 51.80 -0.68
C TYR B 117 -5.31 52.63 0.59
N ASN B 118 -4.84 53.88 0.47
CA ASN B 118 -4.72 54.73 1.65
C ASN B 118 -6.08 54.99 2.27
N TRP B 119 -7.11 55.17 1.43
CA TRP B 119 -8.44 55.44 1.94
C TRP B 119 -9.07 54.18 2.54
N LYS B 120 -8.73 53.02 2.00
CA LYS B 120 -9.19 51.76 2.59
C LYS B 120 -8.42 51.47 3.86
N MET B 121 -7.15 51.89 3.93
CA MET B 121 -6.40 51.73 5.16
C MET B 121 -7.00 52.62 6.24
N ALA B 122 -7.52 53.78 5.84
CA ALA B 122 -8.16 54.63 6.80
C ALA B 122 -9.40 53.94 7.34
N GLY B 123 -10.03 53.09 6.53
CA GLY B 123 -11.20 52.35 6.93
C GLY B 123 -12.43 53.20 7.00
N ASP B 124 -12.39 54.37 6.39
CA ASP B 124 -13.53 55.27 6.43
C ASP B 124 -14.70 54.70 5.62
N PRO B 125 -15.92 55.03 6.03
CA PRO B 125 -17.11 54.56 5.29
C PRO B 125 -17.14 55.10 3.87
N ARG B 126 -16.48 56.23 3.64
CA ARG B 126 -16.48 56.84 2.32
C ARG B 126 -15.88 55.88 1.29
N TYR B 127 -14.79 55.21 1.63
CA TYR B 127 -14.26 54.23 0.69
C TYR B 127 -15.25 53.10 0.47
N GLU B 128 -15.89 52.61 1.54
CA GLU B 128 -16.83 51.49 1.43
C GLU B 128 -17.96 51.80 0.44
N GLU B 129 -18.54 52.99 0.55
CA GLU B 129 -19.64 53.34 -0.33
C GLU B 129 -19.15 53.55 -1.75
N SER B 130 -18.01 54.24 -1.92
CA SER B 130 -17.47 54.50 -3.26
C SER B 130 -17.32 53.21 -4.05
N LEU B 131 -17.34 52.06 -3.38
CA LEU B 131 -17.17 50.77 -4.01
C LEU B 131 -18.45 49.94 -4.00
N HIS B 132 -19.03 49.70 -2.81
CA HIS B 132 -20.19 48.83 -2.69
C HIS B 132 -21.45 49.29 -3.41
N ASN B 133 -21.79 50.58 -3.33
CA ASN B 133 -23.05 50.99 -3.95
C ASN B 133 -22.88 51.77 -5.23
N PRO B 134 -23.32 51.24 -6.37
CA PRO B 134 -23.10 51.95 -7.64
C PRO B 134 -23.98 53.18 -7.84
N TYR B 135 -25.26 53.10 -7.46
CA TYR B 135 -26.22 54.19 -7.63
C TYR B 135 -26.08 54.87 -9.00
N PRO B 136 -26.02 54.11 -10.10
CA PRO B 136 -25.80 54.78 -11.40
C PRO B 136 -27.12 55.21 -12.03
N ASP B 137 -27.72 56.26 -11.47
CA ASP B 137 -29.01 56.75 -11.96
C ASP B 137 -28.92 58.24 -12.30
N VAL B 144 -31.98 57.22 -20.93
CA VAL B 144 -30.88 57.89 -20.24
C VAL B 144 -30.03 56.84 -19.52
N LYS B 145 -28.71 56.93 -19.67
CA LYS B 145 -27.80 56.05 -18.94
C LYS B 145 -26.99 56.86 -17.93
N THR B 146 -26.37 56.16 -17.00
CA THR B 146 -25.46 56.80 -16.05
C THR B 146 -24.43 55.79 -15.57
N THR B 147 -23.19 56.25 -15.36
CA THR B 147 -22.09 55.34 -15.03
C THR B 147 -21.33 55.84 -13.80
N LYS B 148 -20.70 54.91 -13.08
CA LYS B 148 -19.91 55.23 -11.89
C LYS B 148 -18.63 54.38 -11.90
N GLU B 149 -17.48 55.01 -12.12
CA GLU B 149 -16.21 54.28 -12.11
C GLU B 149 -15.80 53.85 -10.72
N SER B 150 -15.27 52.63 -10.60
CA SER B 150 -14.91 52.06 -9.31
C SER B 150 -13.57 51.33 -9.39
N LEU B 151 -12.80 51.37 -8.31
CA LEU B 151 -11.55 50.62 -8.22
C LEU B 151 -11.58 49.75 -6.97
N VAL B 152 -11.48 48.42 -7.16
CA VAL B 152 -11.58 47.48 -6.05
C VAL B 152 -10.19 46.95 -5.70
N ILE B 153 -9.86 46.94 -4.41
CA ILE B 153 -8.58 46.40 -3.94
C ILE B 153 -8.86 45.11 -3.17
N ILE B 154 -8.02 44.12 -3.39
CA ILE B 154 -8.19 42.82 -2.75
C ILE B 154 -7.43 42.80 -1.43
N SER B 155 -7.88 41.95 -0.48
CA SER B 155 -7.24 41.73 0.82
C SER B 155 -5.74 41.60 0.61
N PRO B 156 -4.91 41.96 1.58
CA PRO B 156 -3.46 41.93 1.35
C PRO B 156 -2.97 40.57 0.85
N SER B 157 -2.07 40.62 -0.13
CA SER B 157 -1.40 39.45 -0.67
C SER B 157 0.09 39.56 -0.44
N VAL B 158 0.76 38.42 -0.31
CA VAL B 158 2.16 38.41 0.09
C VAL B 158 2.98 37.81 -1.05
N ALA B 159 4.24 38.22 -1.15
CA ALA B 159 5.11 37.73 -2.20
C ALA B 159 6.51 37.53 -1.66
N ASP B 160 7.11 36.39 -1.96
CA ASP B 160 8.45 36.10 -1.50
C ASP B 160 9.45 37.04 -2.15
N LEU B 161 10.46 37.44 -1.38
CA LEU B 161 11.52 38.29 -1.88
C LEU B 161 12.77 37.47 -2.09
N ASP B 162 13.44 37.66 -3.22
CA ASP B 162 14.70 36.97 -3.46
C ASP B 162 15.82 37.93 -3.12
N PRO B 163 16.66 37.61 -2.14
CA PRO B 163 17.73 38.54 -1.76
C PRO B 163 18.76 38.79 -2.84
N TYR B 164 19.13 37.75 -3.59
CA TYR B 164 20.20 37.90 -4.57
C TYR B 164 19.88 38.94 -5.65
N ASP B 165 18.67 38.91 -6.20
CA ASP B 165 18.33 39.85 -7.26
C ASP B 165 17.27 40.87 -6.86
N ARG B 166 16.85 40.88 -5.61
CA ARG B 166 15.80 41.79 -5.15
C ARG B 166 14.53 41.66 -5.99
N SER B 167 14.15 40.43 -6.32
CA SER B 167 12.97 40.21 -7.14
C SER B 167 11.87 39.59 -6.30
N LEU B 168 10.62 39.91 -6.64
CA LEU B 168 9.46 39.36 -5.95
C LEU B 168 8.84 38.21 -6.74
N HIS B 169 8.67 37.07 -6.07
CA HIS B 169 8.05 35.91 -6.69
C HIS B 169 6.69 35.64 -6.07
N SER B 170 5.74 35.21 -6.89
CA SER B 170 4.41 34.87 -6.40
C SER B 170 3.61 34.26 -7.54
N ARG B 171 2.57 33.51 -7.18
CA ARG B 171 1.73 32.89 -8.20
C ARG B 171 0.97 33.94 -8.99
N VAL B 172 0.62 35.06 -8.36
CA VAL B 172 -0.13 36.12 -9.02
C VAL B 172 0.65 36.72 -10.19
N PHE B 173 1.95 36.90 -10.01
CA PHE B 173 2.75 37.45 -11.09
C PHE B 173 2.83 36.43 -12.23
N PRO B 174 2.72 36.88 -13.48
CA PRO B 174 2.72 35.92 -14.59
C PRO B 174 4.10 35.36 -14.79
N GLY B 175 4.19 34.04 -14.82
CA GLY B 175 5.44 33.37 -15.02
C GLY B 175 6.26 33.23 -13.75
N GLY B 176 5.81 33.82 -12.65
CA GLY B 176 6.47 33.67 -11.37
C GLY B 176 7.81 34.36 -11.28
N ASN B 177 8.05 35.38 -12.11
CA ASN B 177 9.31 36.12 -12.07
C ASN B 177 9.06 37.62 -12.27
N CYS B 178 8.71 38.32 -11.21
CA CYS B 178 8.57 39.76 -11.29
C CYS B 178 9.90 40.32 -10.80
N SER B 179 10.51 41.22 -11.58
CA SER B 179 11.83 41.72 -11.23
C SER B 179 11.89 43.25 -11.20
N GLY B 180 12.74 43.74 -10.31
CA GLY B 180 12.97 45.18 -10.18
C GLY B 180 11.74 46.02 -9.97
N VAL B 181 10.82 45.57 -9.12
CA VAL B 181 9.61 46.35 -8.88
C VAL B 181 9.95 47.70 -8.25
N ALA B 182 10.78 47.68 -7.21
CA ALA B 182 11.21 48.92 -6.60
C ALA B 182 12.12 49.72 -7.51
N VAL B 183 13.01 49.03 -8.22
CA VAL B 183 13.99 49.70 -9.08
C VAL B 183 13.33 50.46 -10.22
N SER B 184 12.34 49.87 -10.89
CA SER B 184 11.78 50.56 -12.05
C SER B 184 10.30 50.91 -11.97
N SER B 185 9.39 49.95 -11.85
CA SER B 185 7.96 50.22 -11.88
C SER B 185 7.28 49.82 -10.58
N THR B 186 6.59 50.78 -9.96
CA THR B 186 5.94 50.52 -8.68
C THR B 186 4.92 49.39 -8.75
N TYR B 187 4.38 49.09 -9.93
CA TYR B 187 3.35 48.08 -10.05
C TYR B 187 3.86 46.93 -10.90
N CYS B 188 3.34 45.73 -10.63
CA CYS B 188 3.73 44.54 -11.36
C CYS B 188 2.50 43.90 -11.99
N SER B 189 2.72 43.24 -13.12
CA SER B 189 1.62 42.63 -13.85
C SER B 189 1.06 41.42 -13.12
N THR B 190 -0.18 41.07 -13.46
CA THR B 190 -0.89 39.95 -12.88
C THR B 190 -1.50 39.13 -14.02
N ASN B 191 -1.90 37.90 -13.70
CA ASN B 191 -2.43 37.03 -14.75
C ASN B 191 -3.67 37.64 -15.39
N HIS B 192 -4.54 38.23 -14.57
CA HIS B 192 -5.70 38.94 -15.10
C HIS B 192 -5.21 40.25 -15.71
N ASP B 193 -5.60 40.51 -16.96
CA ASP B 193 -5.07 41.70 -17.63
C ASP B 193 -5.54 42.98 -16.96
N TYR B 194 -6.69 42.95 -16.30
CA TYR B 194 -7.21 44.12 -15.62
C TYR B 194 -6.75 44.24 -14.17
N THR B 195 -5.82 43.38 -13.75
CA THR B 195 -5.33 43.38 -12.39
C THR B 195 -3.85 43.72 -12.33
N ILE B 196 -3.47 44.52 -11.34
CA ILE B 196 -2.08 44.88 -11.08
C ILE B 196 -1.81 44.70 -9.60
N TRP B 197 -0.53 44.58 -9.25
CA TRP B 197 -0.13 44.35 -7.87
C TRP B 197 0.68 45.53 -7.34
N MET B 198 0.52 45.79 -6.05
CA MET B 198 1.14 46.90 -5.34
C MET B 198 1.68 46.44 -3.99
N PRO B 199 2.95 46.65 -3.71
CA PRO B 199 3.44 46.42 -2.34
C PRO B 199 2.85 47.42 -1.38
N GLU B 200 2.66 46.97 -0.14
CA GLU B 200 2.12 47.87 0.88
C GLU B 200 3.06 49.04 1.15
N ASN B 201 4.34 48.77 1.28
CA ASN B 201 5.30 49.85 1.45
C ASN B 201 5.61 50.49 0.10
N PRO B 202 5.90 51.79 0.09
CA PRO B 202 6.30 52.42 -1.18
C PRO B 202 7.56 51.82 -1.77
N ARG B 203 8.48 51.37 -0.92
CA ARG B 203 9.74 50.79 -1.37
C ARG B 203 10.00 49.51 -0.58
N LEU B 204 10.75 48.60 -1.20
CA LEU B 204 11.01 47.32 -0.58
C LEU B 204 11.99 47.46 0.57
N GLY B 205 11.48 47.77 1.78
CA GLY B 205 12.32 47.91 2.94
C GLY B 205 12.19 46.71 3.87
N MET B 206 13.34 46.12 4.19
CA MET B 206 13.39 44.89 4.98
C MET B 206 14.19 45.13 6.25
N SER B 207 13.59 44.84 7.41
CA SER B 207 14.30 44.96 8.67
C SER B 207 15.37 43.88 8.72
N CYS B 208 16.53 44.21 9.27
CA CYS B 208 17.63 43.26 9.36
C CYS B 208 17.76 42.63 10.75
N ASP B 209 16.76 42.78 11.62
CA ASP B 209 16.79 42.12 12.91
C ASP B 209 16.21 40.71 12.82
N ILE B 210 16.92 39.87 12.07
CA ILE B 210 16.48 38.50 11.86
C ILE B 210 17.53 37.48 12.33
N PHE B 211 18.45 37.88 13.19
CA PHE B 211 19.54 36.99 13.59
C PHE B 211 19.52 36.70 15.07
N THR B 212 19.76 35.43 15.41
CA THR B 212 19.88 34.97 16.79
C THR B 212 21.20 34.22 16.94
N ASN B 213 21.76 34.25 18.16
CA ASN B 213 23.05 33.64 18.44
C ASN B 213 22.88 32.40 19.30
N SER B 214 23.55 31.31 18.92
CA SER B 214 23.45 30.05 19.65
C SER B 214 24.82 29.42 19.79
N ARG B 215 24.93 28.50 20.75
CA ARG B 215 26.16 27.75 20.95
C ARG B 215 26.12 26.44 20.17
N GLY B 216 27.29 25.85 19.99
CA GLY B 216 27.36 24.60 19.27
C GLY B 216 28.75 24.01 19.36
N LYS B 217 28.89 22.82 18.80
CA LYS B 217 30.17 22.14 18.75
C LYS B 217 30.51 21.94 17.28
N ARG B 218 31.79 22.07 16.94
CA ARG B 218 32.21 22.00 15.54
C ARG B 218 32.85 20.65 15.27
N ALA B 219 32.33 19.93 14.27
CA ALA B 219 32.84 18.61 13.96
C ALA B 219 33.90 18.77 12.88
N SER B 220 35.11 18.33 13.14
CA SER B 220 36.20 18.50 12.18
C SER B 220 36.81 17.17 11.82
N LYS B 221 36.98 16.93 10.53
CA LYS B 221 37.65 15.74 10.03
C LYS B 221 39.00 16.21 9.53
N GLY B 222 40.08 15.68 10.08
CA GLY B 222 41.37 16.22 9.69
C GLY B 222 41.36 17.68 10.06
N SER B 223 41.64 18.56 9.08
CA SER B 223 41.61 19.99 9.34
C SER B 223 40.29 20.62 8.92
N GLU B 224 39.69 20.14 7.84
CA GLU B 224 38.45 20.70 7.33
C GLU B 224 37.30 20.42 8.30
N THR B 225 36.35 21.35 8.38
CA THR B 225 35.19 21.17 9.25
C THR B 225 34.05 20.58 8.42
N CYS B 226 33.82 19.26 8.59
CA CYS B 226 32.75 18.62 7.83
C CYS B 226 31.36 19.08 8.24
N GLY B 227 31.13 19.30 9.54
CA GLY B 227 29.79 19.65 10.00
C GLY B 227 29.82 20.28 11.37
N PHE B 228 28.67 20.81 11.78
CA PHE B 228 28.53 21.36 13.12
C PHE B 228 27.25 20.88 13.79
N VAL B 229 27.31 20.74 15.11
CA VAL B 229 26.15 20.35 15.91
C VAL B 229 25.48 21.64 16.38
N ASP B 230 24.16 21.72 16.26
CA ASP B 230 23.50 22.96 16.60
C ASP B 230 23.05 23.01 18.05
N GLU B 231 22.31 24.05 18.41
CA GLU B 231 21.82 24.22 19.77
C GLU B 231 20.82 23.12 20.13
N ARG B 232 19.99 22.73 19.17
CA ARG B 232 19.01 21.68 19.41
C ARG B 232 19.64 20.31 19.58
N GLY B 233 20.92 20.15 19.30
CA GLY B 233 21.58 18.87 19.44
C GLY B 233 21.56 18.01 18.20
N LEU B 234 21.22 18.55 17.04
CA LEU B 234 21.15 17.80 15.80
C LEU B 234 22.37 18.10 14.94
N TYR B 235 22.98 17.06 14.39
CA TYR B 235 24.15 17.24 13.54
C TYR B 235 23.74 17.81 12.19
N LYS B 236 24.44 18.85 11.75
CA LYS B 236 24.20 19.50 10.47
C LYS B 236 25.39 19.26 9.57
N SER B 237 25.14 18.74 8.37
CA SER B 237 26.20 18.47 7.41
C SER B 237 26.49 19.70 6.58
N LEU B 238 27.77 20.08 6.51
CA LEU B 238 28.21 21.24 5.75
C LEU B 238 28.49 20.90 4.30
N LYS B 239 28.36 19.65 3.90
CA LYS B 239 28.63 19.26 2.52
C LYS B 239 27.61 19.86 1.57
N GLY B 240 28.07 20.28 0.40
CA GLY B 240 27.18 20.79 -0.61
C GLY B 240 26.61 22.17 -0.34
N ALA B 241 27.29 22.99 0.45
CA ALA B 241 26.83 24.32 0.76
C ALA B 241 27.31 25.32 -0.29
N CYS B 242 26.64 26.47 -0.33
CA CYS B 242 27.01 27.56 -1.22
C CYS B 242 27.02 28.86 -0.44
N LYS B 243 27.83 29.81 -0.90
CA LYS B 243 28.00 31.08 -0.22
C LYS B 243 26.93 32.08 -0.62
N LEU B 244 26.24 32.64 0.37
CA LEU B 244 25.22 33.65 0.14
C LEU B 244 25.50 34.80 1.09
N LYS B 245 24.83 35.94 0.90
CA LYS B 245 24.99 37.06 1.81
C LYS B 245 23.64 37.72 2.08
N LEU B 246 23.24 37.76 3.34
CA LEU B 246 21.99 38.40 3.74
C LEU B 246 22.33 39.51 4.71
N CYS B 247 21.76 40.70 4.49
CA CYS B 247 21.97 41.84 5.38
C CYS B 247 23.44 42.22 5.47
N GLY B 248 24.22 41.90 4.44
CA GLY B 248 25.60 42.29 4.39
C GLY B 248 26.56 41.41 5.14
N VAL B 249 26.08 40.36 5.80
CA VAL B 249 26.94 39.40 6.48
C VAL B 249 27.01 38.13 5.65
N LEU B 250 28.23 37.70 5.33
CA LEU B 250 28.41 36.51 4.51
C LEU B 250 28.10 35.26 5.30
N GLY B 251 27.47 34.29 4.62
CA GLY B 251 27.12 33.04 5.24
C GLY B 251 27.09 31.88 4.27
N LEU B 252 26.54 30.74 4.70
CA LEU B 252 26.39 29.58 3.84
C LEU B 252 24.95 29.08 3.86
N ARG B 253 24.39 28.84 2.69
CA ARG B 253 23.07 28.23 2.59
C ARG B 253 23.25 26.73 2.59
N LEU B 254 22.80 26.07 3.65
CA LEU B 254 23.02 24.64 3.79
C LEU B 254 22.13 23.86 2.82
N MET B 255 22.30 22.54 2.84
CA MET B 255 21.53 21.67 1.97
C MET B 255 20.05 21.73 2.28
N ASP B 256 19.69 21.78 3.57
CA ASP B 256 18.31 21.76 4.00
C ASP B 256 17.64 23.13 3.95
N GLY B 257 18.36 24.18 3.58
CA GLY B 257 17.83 25.52 3.51
C GLY B 257 18.19 26.43 4.66
N THR B 258 18.70 25.88 5.76
CA THR B 258 19.11 26.70 6.88
C THR B 258 20.35 27.51 6.53
N TRP B 259 20.40 28.75 6.99
CA TRP B 259 21.55 29.61 6.70
C TRP B 259 22.29 29.89 8.01
N VAL B 260 23.60 29.63 8.01
CA VAL B 260 24.42 29.91 9.19
C VAL B 260 25.63 30.77 8.82
N ALA B 261 25.96 31.70 9.70
CA ALA B 261 27.12 32.57 9.49
C ALA B 261 28.35 31.91 10.07
N MET B 262 29.26 31.45 9.23
CA MET B 262 30.50 30.85 9.74
C MET B 262 31.57 30.96 8.68
N GLN B 263 32.76 30.48 9.02
CA GLN B 263 33.88 30.52 8.09
C GLN B 263 33.59 29.63 6.89
N THR B 264 33.98 30.09 5.71
CA THR B 264 33.73 29.35 4.49
C THR B 264 35.00 29.20 3.68
N SER B 265 35.11 28.05 3.00
CA SER B 265 36.23 27.81 2.12
C SER B 265 36.15 28.75 0.92
N ASN B 266 37.30 29.25 0.48
CA ASN B 266 37.29 30.13 -0.68
C ASN B 266 36.88 29.33 -1.91
N GLU B 267 37.24 28.05 -1.92
CA GLU B 267 36.91 27.17 -3.03
C GLU B 267 35.41 27.08 -3.24
N THR B 268 34.65 27.11 -2.16
CA THR B 268 33.20 27.02 -2.26
C THR B 268 32.68 28.15 -3.12
N LYS B 269 31.75 27.83 -4.02
CA LYS B 269 31.24 28.80 -4.97
C LYS B 269 30.08 29.60 -4.39
N TRP B 270 29.63 30.57 -5.17
CA TRP B 270 28.47 31.39 -4.79
C TRP B 270 27.20 30.66 -5.17
N CYS B 271 26.13 30.96 -4.46
CA CYS B 271 24.88 30.27 -4.73
C CYS B 271 24.34 30.61 -6.11
N PRO B 272 23.74 29.66 -6.81
CA PRO B 272 23.23 29.93 -8.15
C PRO B 272 22.14 30.99 -8.11
N PRO B 273 22.06 31.85 -9.12
CA PRO B 273 21.05 32.93 -9.05
C PRO B 273 19.65 32.41 -8.78
N GLY B 274 19.25 31.33 -9.43
CA GLY B 274 17.90 30.85 -9.26
C GLY B 274 17.62 30.39 -7.85
N GLN B 275 16.52 30.85 -7.28
CA GLN B 275 16.14 30.47 -5.93
C GLN B 275 14.63 30.37 -5.88
N LEU B 276 14.11 29.65 -4.88
CA LEU B 276 12.66 29.53 -4.71
C LEU B 276 11.98 28.98 -5.96
N VAL B 277 12.58 27.97 -6.59
CA VAL B 277 12.01 27.44 -7.82
C VAL B 277 11.78 25.93 -7.65
N ASN B 278 11.16 25.31 -8.66
CA ASN B 278 10.91 23.87 -8.62
C ASN B 278 12.19 23.11 -8.30
N LEU B 279 12.05 22.05 -7.51
CA LEU B 279 13.19 21.31 -7.01
C LEU B 279 14.19 20.98 -8.11
N HIS B 280 15.39 21.55 -7.98
CA HIS B 280 16.49 21.28 -8.90
C HIS B 280 17.76 20.99 -8.08
N ASP B 281 17.75 19.90 -7.32
CA ASP B 281 18.91 19.50 -6.55
C ASP B 281 19.49 18.25 -7.20
N PHE B 282 20.80 18.08 -7.12
CA PHE B 282 21.35 16.94 -7.84
C PHE B 282 22.23 15.96 -7.05
N ARG B 283 23.28 16.48 -6.41
CA ARG B 283 24.23 15.63 -5.70
C ARG B 283 23.61 14.69 -4.68
N SER B 284 22.72 15.21 -3.84
CA SER B 284 22.19 14.36 -2.78
C SER B 284 21.47 13.14 -3.33
N ASP B 285 20.68 13.32 -4.40
CA ASP B 285 19.92 12.19 -4.92
C ASP B 285 20.82 11.07 -5.45
N GLU B 286 21.83 11.42 -6.25
CA GLU B 286 22.79 10.42 -6.73
C GLU B 286 23.74 9.88 -5.65
N ILE B 287 24.33 10.76 -4.85
CA ILE B 287 25.31 10.32 -3.85
C ILE B 287 24.68 9.47 -2.74
N GLU B 288 23.50 9.84 -2.28
CA GLU B 288 22.87 9.09 -1.21
C GLU B 288 21.86 8.17 -1.85
N HIS B 289 22.05 6.87 -1.63
CA HIS B 289 21.10 5.93 -2.19
C HIS B 289 19.74 6.21 -1.60
N LEU B 290 18.86 6.74 -2.43
CA LEU B 290 17.53 7.01 -1.95
C LEU B 290 16.95 5.63 -1.72
N VAL B 291 16.99 5.15 -0.47
CA VAL B 291 16.55 3.79 -0.25
C VAL B 291 15.15 3.68 -0.78
N VAL B 292 14.91 2.66 -1.60
CA VAL B 292 13.58 2.51 -2.18
C VAL B 292 12.53 2.40 -1.08
N GLU B 293 12.71 1.43 -0.20
CA GLU B 293 11.74 1.21 0.86
C GLU B 293 11.63 2.39 1.82
N GLU B 294 12.77 3.00 2.16
CA GLU B 294 12.71 4.06 3.16
C GLU B 294 12.27 5.41 2.63
N LEU B 295 12.76 5.82 1.46
CA LEU B 295 12.41 7.16 0.99
C LEU B 295 11.39 7.18 -0.14
N VAL B 296 11.61 6.38 -1.17
CA VAL B 296 10.71 6.41 -2.33
C VAL B 296 9.31 6.02 -1.92
N LYS B 297 9.17 5.02 -1.06
CA LYS B 297 7.84 4.57 -0.68
C LYS B 297 7.12 5.66 0.10
N LYS B 298 7.75 6.18 1.16
CA LYS B 298 7.13 7.25 1.93
C LYS B 298 6.75 8.42 1.04
N ARG B 299 7.59 8.74 0.06
CA ARG B 299 7.28 9.82 -0.87
C ARG B 299 6.04 9.51 -1.68
N GLU B 300 5.89 8.27 -2.12
CA GLU B 300 4.70 7.90 -2.88
C GLU B 300 3.44 8.00 -2.03
N GLU B 301 3.50 7.54 -0.79
CA GLU B 301 2.33 7.64 0.09
C GLU B 301 1.95 9.09 0.35
N CYS B 302 2.96 9.94 0.56
CA CYS B 302 2.70 11.36 0.73
C CYS B 302 2.09 11.95 -0.52
N LEU B 303 2.62 11.58 -1.69
CA LEU B 303 2.08 12.14 -2.93
C LEU B 303 0.67 11.69 -3.17
N ASP B 304 0.32 10.49 -2.73
CA ASP B 304 -1.05 10.01 -2.87
C ASP B 304 -2.00 10.89 -2.07
N ALA B 305 -1.64 11.18 -0.82
CA ALA B 305 -2.49 12.05 -0.02
C ALA B 305 -2.55 13.47 -0.57
N LEU B 306 -1.43 13.99 -1.03
CA LEU B 306 -1.42 15.33 -1.62
C LEU B 306 -2.29 15.39 -2.87
N GLU B 307 -2.22 14.36 -3.72
CA GLU B 307 -3.02 14.34 -4.92
C GLU B 307 -4.49 14.27 -4.58
N SER B 308 -4.85 13.51 -3.55
CA SER B 308 -6.25 13.44 -3.15
C SER B 308 -6.74 14.80 -2.70
N ILE B 309 -5.89 15.54 -1.97
CA ILE B 309 -6.27 16.86 -1.53
C ILE B 309 -6.55 17.76 -2.72
N MET B 310 -5.64 17.76 -3.71
CA MET B 310 -5.85 18.63 -4.87
C MET B 310 -7.11 18.26 -5.64
N THR B 311 -7.35 16.97 -5.83
CA THR B 311 -8.53 16.56 -6.59
C THR B 311 -9.82 16.92 -5.87
N THR B 312 -9.92 16.64 -4.58
CA THR B 312 -11.16 16.90 -3.86
C THR B 312 -11.29 18.31 -3.33
N LYS B 313 -10.22 19.11 -3.37
CA LYS B 313 -10.25 20.48 -2.87
C LYS B 313 -10.76 20.57 -1.44
N SER B 314 -10.42 19.57 -0.64
CA SER B 314 -10.83 19.54 0.75
C SER B 314 -9.78 18.79 1.55
N VAL B 315 -9.73 19.06 2.86
CA VAL B 315 -8.74 18.46 3.73
C VAL B 315 -9.42 17.84 4.94
N SER B 316 -8.71 16.91 5.55
CA SER B 316 -9.15 16.27 6.78
C SER B 316 -7.94 16.15 7.70
N PHE B 317 -8.23 16.04 8.99
CA PHE B 317 -7.15 16.00 9.97
C PHE B 317 -6.25 14.80 9.75
N ARG B 318 -6.82 13.67 9.35
CA ARG B 318 -5.99 12.50 9.07
C ARG B 318 -5.07 12.78 7.89
N ARG B 319 -5.59 13.40 6.83
CA ARG B 319 -4.79 13.65 5.65
C ARG B 319 -3.70 14.67 5.90
N LEU B 320 -3.96 15.64 6.79
CA LEU B 320 -2.93 16.62 7.13
C LEU B 320 -1.76 15.98 7.84
N SER B 321 -2.01 14.88 8.56
CA SER B 321 -0.95 14.23 9.30
C SER B 321 0.08 13.58 8.39
N HIS B 322 -0.28 13.31 7.14
CA HIS B 322 0.63 12.65 6.22
C HIS B 322 1.66 13.59 5.63
N LEU B 323 1.56 14.89 5.89
CA LEU B 323 2.51 15.86 5.39
C LEU B 323 3.56 16.25 6.41
N ARG B 324 3.59 15.59 7.56
CA ARG B 324 4.56 15.91 8.59
C ARG B 324 5.93 15.35 8.25
N LYS B 325 6.98 16.09 8.59
CA LYS B 325 8.34 15.62 8.36
C LYS B 325 8.64 14.46 9.30
N LEU B 326 9.27 13.42 8.78
CA LEU B 326 9.55 12.26 9.61
C LEU B 326 10.94 12.33 10.25
N VAL B 327 11.68 13.40 10.03
CA VAL B 327 13.04 13.51 10.55
C VAL B 327 13.23 14.82 11.31
N PRO B 328 14.30 14.95 12.09
CA PRO B 328 14.50 16.17 12.89
C PRO B 328 14.79 17.46 12.12
N GLY B 329 14.99 17.45 10.81
CA GLY B 329 15.33 18.68 10.10
C GLY B 329 14.22 19.71 10.08
N PHE B 330 14.62 20.95 9.77
CA PHE B 330 13.70 22.08 9.71
C PHE B 330 12.60 21.86 8.69
N GLY B 331 11.37 22.24 9.05
CA GLY B 331 10.24 22.05 8.17
C GLY B 331 9.10 23.03 8.36
N LYS B 332 7.90 22.65 7.90
CA LYS B 332 6.72 23.50 7.97
C LYS B 332 5.54 22.76 8.56
N ALA B 333 4.88 23.37 9.53
CA ALA B 333 3.70 22.81 10.19
C ALA B 333 2.42 23.37 9.56
N TYR B 334 1.35 22.60 9.63
CA TYR B 334 0.08 23.01 9.03
C TYR B 334 -1.06 22.85 10.01
N THR B 335 -2.08 23.70 9.87
CA THR B 335 -3.26 23.66 10.72
C THR B 335 -4.36 24.47 10.07
N ILE B 336 -5.57 24.38 10.62
CA ILE B 336 -6.74 25.06 10.05
C ILE B 336 -7.50 25.82 11.14
N PHE B 337 -7.43 27.14 11.09
CA PHE B 337 -8.15 28.02 12.00
C PHE B 337 -9.15 28.85 11.21
N ASN B 338 -10.38 28.93 11.72
CA ASN B 338 -11.48 29.60 11.03
C ASN B 338 -11.62 29.15 9.57
N LYS B 339 -11.59 27.83 9.37
CA LYS B 339 -11.68 27.26 8.03
C LYS B 339 -10.65 27.84 7.07
N THR B 340 -9.50 28.27 7.57
CA THR B 340 -8.45 28.78 6.71
C THR B 340 -7.17 28.00 6.92
N LEU B 341 -6.55 27.58 5.83
CA LEU B 341 -5.31 26.82 5.93
C LEU B 341 -4.20 27.71 6.45
N MET B 342 -3.42 27.20 7.40
CA MET B 342 -2.37 27.97 8.04
C MET B 342 -1.05 27.20 7.97
N GLU B 343 0.06 27.93 8.02
CA GLU B 343 1.36 27.29 7.99
C GLU B 343 2.36 28.15 8.76
N ALA B 344 3.44 27.51 9.19
CA ALA B 344 4.49 28.20 9.93
C ALA B 344 5.77 27.39 9.86
N ASP B 345 6.88 28.05 10.13
CA ASP B 345 8.18 27.39 10.16
C ASP B 345 8.46 26.81 11.53
N ALA B 346 9.18 25.70 11.56
CA ALA B 346 9.44 25.03 12.82
C ALA B 346 10.67 24.15 12.70
N HIS B 347 11.24 23.82 13.86
CA HIS B 347 12.33 22.86 13.99
C HIS B 347 11.81 21.63 14.69
N TYR B 348 12.01 20.47 14.08
CA TYR B 348 11.43 19.23 14.55
C TYR B 348 12.41 18.44 15.39
N LYS B 349 11.91 17.85 16.48
CA LYS B 349 12.69 16.98 17.35
C LYS B 349 12.01 15.63 17.45
N SER B 350 12.83 14.59 17.56
CA SER B 350 12.31 13.23 17.63
C SER B 350 11.74 12.94 19.01
N VAL B 351 10.81 11.98 19.04
CA VAL B 351 10.13 11.57 20.26
C VAL B 351 10.26 10.06 20.39
N ARG B 352 10.60 9.60 21.60
CA ARG B 352 10.77 8.18 21.86
C ARG B 352 9.59 7.54 22.55
N THR B 353 8.84 8.30 23.34
CA THR B 353 7.70 7.77 24.06
C THR B 353 6.56 8.78 24.06
N TRP B 354 5.34 8.30 23.87
CA TRP B 354 4.21 9.22 23.77
C TRP B 354 3.96 9.94 25.08
N ASN B 355 4.57 9.48 26.16
CA ASN B 355 4.41 10.15 27.44
C ASN B 355 4.97 11.57 27.42
N GLU B 356 6.12 11.77 26.77
CA GLU B 356 6.76 13.09 26.78
C GLU B 356 5.91 14.19 26.14
N ILE B 357 5.32 13.90 24.98
CA ILE B 357 4.46 14.88 24.32
C ILE B 357 3.18 15.14 25.12
N ILE B 358 2.59 14.12 25.72
CA ILE B 358 1.34 14.33 26.44
C ILE B 358 1.47 13.86 27.88
N PRO B 359 2.05 14.69 28.75
CA PRO B 359 2.28 14.24 30.13
C PRO B 359 1.00 13.99 30.91
N SER B 360 0.00 14.85 30.78
CA SER B 360 -1.26 14.69 31.50
C SER B 360 -2.40 15.00 30.55
N LYS B 361 -3.62 14.85 31.03
CA LYS B 361 -4.75 15.06 30.14
C LYS B 361 -4.88 16.55 29.78
N GLY B 362 -5.06 16.84 28.50
CA GLY B 362 -5.23 18.22 28.08
C GLY B 362 -3.98 19.04 27.91
N CYS B 363 -2.79 18.45 27.86
CA CYS B 363 -1.57 19.23 27.61
C CYS B 363 -0.67 18.61 26.56
N LEU B 364 -0.27 19.42 25.59
CA LEU B 364 0.68 18.97 24.57
C LEU B 364 1.89 19.87 24.74
N ARG B 365 2.95 19.33 25.31
CA ARG B 365 4.13 20.14 25.58
C ARG B 365 4.87 20.57 24.32
N VAL B 366 5.15 21.86 24.19
CA VAL B 366 5.91 22.35 23.06
C VAL B 366 6.93 23.33 23.63
N GLY B 367 8.21 23.01 23.48
CA GLY B 367 9.23 23.85 24.09
C GLY B 367 9.16 23.87 25.60
N GLY B 368 8.62 22.83 26.21
CA GLY B 368 8.49 22.80 27.65
C GLY B 368 7.28 23.51 28.21
N ARG B 369 6.37 23.98 27.37
CA ARG B 369 5.16 24.67 27.78
C ARG B 369 3.93 24.02 27.17
N CYS B 370 2.84 23.94 27.93
CA CYS B 370 1.61 23.40 27.37
C CYS B 370 1.12 24.32 26.26
N HIS B 371 1.10 23.82 25.03
CA HIS B 371 0.68 24.64 23.90
C HIS B 371 -0.79 25.02 24.02
N PRO B 372 -1.14 26.26 23.71
CA PRO B 372 -2.56 26.67 23.73
C PRO B 372 -3.29 26.18 22.49
N HIS B 373 -4.58 25.93 22.63
CA HIS B 373 -5.39 25.43 21.52
C HIS B 373 -6.40 26.47 21.09
N VAL B 374 -6.48 26.71 19.79
CA VAL B 374 -7.46 27.62 19.23
C VAL B 374 -8.64 26.77 18.77
N ASN B 375 -9.78 26.95 19.44
CA ASN B 375 -10.98 26.17 19.12
C ASN B 375 -10.69 24.68 19.18
N GLY B 376 -9.85 24.29 20.14
CA GLY B 376 -9.47 22.89 20.26
C GLY B 376 -8.79 22.32 19.04
N VAL B 377 -7.98 23.11 18.35
CA VAL B 377 -7.26 22.66 17.17
C VAL B 377 -5.78 22.94 17.35
N PHE B 378 -4.97 21.89 17.29
CA PHE B 378 -3.52 21.98 17.40
C PHE B 378 -2.91 21.92 16.00
N PHE B 379 -1.58 21.86 15.94
CA PHE B 379 -0.89 21.78 14.66
C PHE B 379 -0.82 20.34 14.16
N ASN B 380 -0.62 20.21 12.85
CA ASN B 380 -0.39 18.92 12.21
C ASN B 380 -1.52 17.93 12.48
N GLY B 381 -2.74 18.42 12.52
CA GLY B 381 -3.89 17.55 12.64
C GLY B 381 -4.21 17.09 14.04
N ILE B 382 -3.44 17.49 15.04
CA ILE B 382 -3.76 17.13 16.41
C ILE B 382 -4.97 17.94 16.87
N ILE B 383 -5.95 17.27 17.46
CA ILE B 383 -7.18 17.92 17.89
C ILE B 383 -7.49 17.50 19.33
N LEU B 384 -8.38 18.26 19.96
CA LEU B 384 -8.87 17.93 21.28
C LEU B 384 -10.19 17.16 21.13
N GLY B 385 -10.23 15.95 21.66
CA GLY B 385 -11.37 15.09 21.50
C GLY B 385 -12.56 15.54 22.31
N PRO B 386 -13.73 14.95 22.04
CA PRO B 386 -14.93 15.33 22.81
C PRO B 386 -14.81 15.01 24.28
N ASP B 387 -14.01 14.02 24.66
CA ASP B 387 -13.81 13.71 26.06
C ASP B 387 -12.84 14.64 26.75
N GLY B 388 -12.46 15.74 26.11
CA GLY B 388 -11.44 16.60 26.67
C GLY B 388 -10.07 15.95 26.73
N ASN B 389 -9.70 15.17 25.71
CA ASN B 389 -8.43 14.49 25.70
C ASN B 389 -7.74 14.66 24.35
N VAL B 390 -6.41 14.84 24.40
CA VAL B 390 -5.62 15.06 23.19
C VAL B 390 -5.57 13.82 22.32
N LEU B 391 -5.94 13.95 21.05
CA LEU B 391 -5.91 12.82 20.12
C LEU B 391 -4.86 13.04 19.06
N ILE B 392 -3.97 12.09 18.86
CA ILE B 392 -2.96 12.18 17.82
C ILE B 392 -3.29 11.11 16.77
N PRO B 393 -3.46 11.46 15.50
CA PRO B 393 -3.88 10.44 14.53
C PRO B 393 -2.94 9.27 14.43
N GLU B 394 -1.63 9.49 14.52
CA GLU B 394 -0.68 8.40 14.44
C GLU B 394 -0.50 7.66 15.76
N MET B 395 -0.99 8.22 16.86
CA MET B 395 -1.01 7.51 18.13
C MET B 395 -2.26 6.67 18.29
N GLN B 396 -3.40 7.20 17.86
CA GLN B 396 -4.64 6.45 17.97
C GLN B 396 -4.63 5.25 17.04
N SER B 397 -4.07 5.41 15.84
CA SER B 397 -4.02 4.31 14.91
C SER B 397 -3.17 3.16 15.44
N SER B 398 -2.07 3.48 16.10
CA SER B 398 -1.20 2.45 16.66
C SER B 398 -1.87 1.69 17.78
N LEU B 399 -2.95 2.23 18.35
CA LEU B 399 -3.71 1.54 19.38
C LEU B 399 -4.99 0.92 18.84
N LEU B 400 -5.13 0.85 17.53
CA LEU B 400 -6.36 0.42 16.85
C LEU B 400 -7.57 1.25 17.24
N GLN B 401 -7.37 2.45 17.75
CA GLN B 401 -8.46 3.34 18.06
C GLN B 401 -8.96 4.02 16.79
N GLN B 402 -10.23 4.41 16.79
CA GLN B 402 -10.81 5.11 15.65
C GLN B 402 -11.78 6.17 16.13
N HIS B 403 -11.83 7.29 15.41
CA HIS B 403 -12.73 8.38 15.78
C HIS B 403 -13.23 9.05 14.51
N MET B 404 -14.51 9.43 14.52
CA MET B 404 -15.11 10.07 13.36
C MET B 404 -14.67 11.52 13.21
N GLU B 405 -14.24 12.15 14.29
CA GLU B 405 -13.85 13.56 14.24
C GLU B 405 -12.67 13.79 13.31
N LEU B 406 -11.69 12.89 13.32
CA LEU B 406 -10.53 13.07 12.48
C LEU B 406 -10.86 12.90 10.99
N LEU B 407 -11.71 11.95 10.66
CA LEU B 407 -12.06 11.70 9.26
C LEU B 407 -12.78 12.87 8.60
N VAL B 408 -13.67 13.56 9.31
CA VAL B 408 -14.48 14.64 8.74
C VAL B 408 -13.68 15.56 7.81
N SER B 409 -14.26 15.87 6.65
CA SER B 409 -13.60 16.67 5.61
C SER B 409 -14.25 18.04 5.46
N SER B 410 -13.42 19.07 5.31
CA SER B 410 -13.91 20.44 5.17
C SER B 410 -13.22 21.15 4.01
N VAL B 411 -14.01 21.80 3.15
CA VAL B 411 -13.49 22.50 1.98
C VAL B 411 -12.72 23.75 2.38
N ILE B 412 -11.68 24.08 1.61
CA ILE B 412 -10.87 25.26 1.85
C ILE B 412 -10.98 26.23 0.67
N PRO B 413 -11.33 27.50 0.91
CA PRO B 413 -11.43 28.48 -0.18
C PRO B 413 -10.09 28.86 -0.79
N LEU B 414 -10.08 29.11 -2.10
CA LEU B 414 -8.84 29.49 -2.78
C LEU B 414 -8.37 30.87 -2.33
N MET B 415 -7.05 31.01 -2.15
CA MET B 415 -6.51 32.28 -1.67
C MET B 415 -6.71 33.46 -2.63
N HIS B 416 -6.54 33.26 -3.94
CA HIS B 416 -6.64 34.36 -4.88
C HIS B 416 -7.95 34.39 -5.63
N PRO B 417 -8.94 35.17 -5.21
CA PRO B 417 -10.23 35.13 -5.90
C PRO B 417 -10.19 35.68 -7.32
N LEU B 418 -9.49 36.78 -7.54
CA LEU B 418 -9.51 37.41 -8.86
C LEU B 418 -8.25 37.17 -9.67
N ALA B 419 -7.09 37.42 -9.08
CA ALA B 419 -5.82 37.29 -9.80
C ALA B 419 -5.76 35.97 -10.55
N ASP B 420 -5.99 34.87 -9.86
CA ASP B 420 -5.93 33.56 -10.48
C ASP B 420 -7.35 33.08 -10.77
N PRO B 421 -7.66 32.74 -12.02
CA PRO B 421 -9.00 32.23 -12.39
C PRO B 421 -9.05 30.70 -12.42
N LYS C 20 -2.01 -13.79 9.05
CA LYS C 20 -2.71 -14.88 8.42
C LYS C 20 -4.21 -14.78 8.65
N PHE C 21 -4.98 -14.75 7.58
CA PHE C 21 -6.42 -14.58 7.65
C PHE C 21 -7.09 -15.51 6.66
N PRO C 22 -8.34 -15.90 6.91
CA PRO C 22 -9.07 -16.74 5.96
C PRO C 22 -9.38 -15.98 4.67
N ILE C 23 -9.61 -16.74 3.61
CA ILE C 23 -9.82 -16.14 2.30
C ILE C 23 -11.13 -15.34 2.26
N TYR C 24 -12.17 -15.83 2.92
CA TYR C 24 -13.44 -15.11 2.92
C TYR C 24 -14.25 -15.54 4.14
N THR C 25 -15.19 -14.67 4.50
CA THR C 25 -16.13 -14.95 5.58
C THR C 25 -17.53 -14.61 5.12
N ILE C 26 -18.50 -15.41 5.55
CA ILE C 26 -19.88 -15.22 5.13
C ILE C 26 -20.79 -15.27 6.36
N PRO C 27 -21.79 -14.39 6.44
CA PRO C 27 -22.71 -14.45 7.58
C PRO C 27 -23.48 -15.76 7.63
N ASP C 28 -23.69 -16.24 8.85
CA ASP C 28 -24.47 -17.44 9.06
C ASP C 28 -25.95 -17.14 9.26
N LYS C 29 -26.26 -16.08 10.00
CA LYS C 29 -27.63 -15.66 10.21
C LYS C 29 -27.71 -14.15 10.08
N LEU C 30 -28.73 -13.66 9.39
CA LEU C 30 -28.89 -12.23 9.13
C LEU C 30 -30.13 -11.71 9.84
N GLY C 31 -29.97 -10.61 10.56
CA GLY C 31 -31.09 -9.97 11.19
C GLY C 31 -31.85 -9.08 10.23
N PRO C 32 -32.92 -8.48 10.72
CA PRO C 32 -33.71 -7.57 9.88
C PRO C 32 -32.88 -6.38 9.44
N TRP C 33 -33.11 -5.95 8.21
CA TRP C 33 -32.39 -4.81 7.66
C TRP C 33 -32.93 -3.51 8.24
N SER C 34 -32.04 -2.55 8.46
CA SER C 34 -32.39 -1.22 8.96
C SER C 34 -31.64 -0.18 8.16
N PRO C 35 -32.21 1.01 7.98
CA PRO C 35 -31.54 2.05 7.20
C PRO C 35 -30.61 2.90 8.03
N ILE C 36 -29.48 3.28 7.43
CA ILE C 36 -28.49 4.16 8.02
C ILE C 36 -27.92 5.06 6.92
N ASP C 37 -27.03 5.95 7.31
CA ASP C 37 -26.30 6.79 6.38
C ASP C 37 -24.81 6.51 6.48
N ILE C 38 -24.01 7.29 5.75
CA ILE C 38 -22.57 7.06 5.73
C ILE C 38 -21.93 7.31 7.09
N HIS C 39 -22.52 8.16 7.91
CA HIS C 39 -21.91 8.52 9.17
C HIS C 39 -22.03 7.45 10.24
N HIS C 40 -22.88 6.46 10.04
CA HIS C 40 -22.99 5.36 10.99
C HIS C 40 -22.00 4.23 10.73
N LEU C 41 -21.23 4.31 9.65
CA LEU C 41 -20.28 3.25 9.33
C LEU C 41 -19.12 3.24 10.33
N SER C 42 -18.54 2.05 10.51
CA SER C 42 -17.42 1.90 11.42
C SER C 42 -16.59 0.70 10.97
N CYS C 43 -15.28 0.83 11.07
CA CYS C 43 -14.40 -0.25 10.66
C CYS C 43 -14.55 -1.46 11.60
N PRO C 44 -14.61 -2.66 11.07
CA PRO C 44 -14.82 -3.84 11.91
C PRO C 44 -13.62 -4.19 12.74
N ASN C 45 -13.85 -5.02 13.76
CA ASN C 45 -12.81 -5.50 14.65
C ASN C 45 -12.34 -6.87 14.19
N ASN C 46 -11.05 -7.01 13.94
CA ASN C 46 -10.47 -8.24 13.40
C ASN C 46 -9.69 -9.03 14.44
N LEU C 47 -9.92 -8.79 15.72
CA LEU C 47 -9.17 -9.44 16.78
C LEU C 47 -10.00 -10.52 17.45
N VAL C 48 -9.39 -11.68 17.65
CA VAL C 48 -10.00 -12.80 18.37
C VAL C 48 -9.07 -13.19 19.50
N VAL C 49 -9.63 -13.42 20.68
CA VAL C 49 -8.86 -13.70 21.88
C VAL C 49 -8.75 -15.20 22.07
N GLU C 50 -7.52 -15.68 22.24
CA GLU C 50 -7.22 -17.09 22.46
C GLU C 50 -6.59 -17.29 23.84
N ASP C 51 -7.02 -18.34 24.53
CA ASP C 51 -6.55 -18.62 25.88
C ASP C 51 -5.77 -19.92 25.87
N GLU C 52 -4.81 -20.04 26.79
CA GLU C 52 -3.93 -21.19 26.87
C GLU C 52 -4.09 -21.90 28.20
N GLY C 53 -4.24 -23.21 28.15
CA GLY C 53 -4.36 -24.04 29.34
C GLY C 53 -5.72 -24.66 29.54
N CYS C 54 -6.73 -24.25 28.79
CA CYS C 54 -8.08 -24.77 28.97
C CYS C 54 -8.18 -26.07 28.20
N THR C 55 -8.00 -27.20 28.88
CA THR C 55 -8.01 -28.49 28.22
C THR C 55 -9.18 -29.37 28.59
N ASN C 56 -10.12 -28.88 29.39
CA ASN C 56 -11.24 -29.70 29.84
C ASN C 56 -12.53 -29.13 29.27
N LEU C 57 -13.31 -29.98 28.61
CA LEU C 57 -14.57 -29.58 28.00
C LEU C 57 -15.72 -30.37 28.58
N SER C 58 -16.86 -29.70 28.78
CA SER C 58 -18.04 -30.37 29.30
C SER C 58 -19.29 -29.71 28.75
N GLY C 59 -20.18 -30.51 28.17
CA GLY C 59 -21.40 -29.97 27.58
C GLY C 59 -22.20 -29.16 28.59
N PHE C 60 -22.84 -28.09 28.11
CA PHE C 60 -23.67 -27.26 28.96
C PHE C 60 -24.63 -26.48 28.06
N SER C 61 -25.67 -25.93 28.70
CA SER C 61 -26.67 -25.13 28.01
C SER C 61 -26.59 -23.68 28.46
N TYR C 62 -26.78 -22.76 27.51
CA TYR C 62 -26.68 -21.34 27.79
C TYR C 62 -27.72 -20.59 26.99
N MET C 63 -27.93 -19.33 27.36
CA MET C 63 -28.92 -18.46 26.74
C MET C 63 -28.23 -17.22 26.17
N GLU C 64 -28.63 -16.81 24.97
CA GLU C 64 -28.05 -15.65 24.32
C GLU C 64 -29.12 -14.88 23.58
N LEU C 65 -28.80 -13.62 23.26
CA LEU C 65 -29.74 -12.76 22.55
C LEU C 65 -29.90 -13.20 21.11
N LYS C 66 -31.10 -12.97 20.57
CA LYS C 66 -31.35 -13.25 19.17
C LYS C 66 -30.64 -12.25 18.27
N VAL C 67 -30.49 -12.62 17.01
CA VAL C 67 -29.83 -11.76 16.04
C VAL C 67 -30.67 -10.52 15.81
N GLY C 68 -30.01 -9.38 15.66
CA GLY C 68 -30.67 -8.12 15.42
C GLY C 68 -30.97 -7.32 16.67
N TYR C 69 -30.77 -7.89 17.85
CA TYR C 69 -30.94 -7.19 19.10
C TYR C 69 -29.62 -7.05 19.87
N ILE C 70 -28.59 -7.78 19.46
CA ILE C 70 -27.32 -7.80 20.18
C ILE C 70 -26.65 -6.43 20.16
N SER C 71 -26.70 -5.73 19.05
CA SER C 71 -25.98 -4.45 18.97
C SER C 71 -26.60 -3.41 19.89
N ALA C 72 -27.87 -3.10 19.69
CA ALA C 72 -28.52 -2.08 20.49
C ALA C 72 -30.02 -2.13 20.33
N ILE C 73 -30.77 -2.22 21.43
CA ILE C 73 -32.21 -2.18 21.29
C ILE C 73 -32.57 -0.81 20.76
N LYS C 74 -33.44 -0.74 19.75
CA LYS C 74 -33.74 0.53 19.14
C LYS C 74 -35.20 0.93 19.40
N MET C 75 -35.40 2.20 19.76
CA MET C 75 -36.74 2.72 20.00
C MET C 75 -37.14 3.66 18.86
N ASN C 76 -38.23 3.35 18.18
CA ASN C 76 -38.68 4.19 17.07
C ASN C 76 -39.25 5.52 17.54
N GLY C 77 -39.13 6.55 16.70
CA GLY C 77 -39.66 7.83 17.10
C GLY C 77 -39.93 8.71 15.91
N PHE C 78 -40.27 9.97 16.18
CA PHE C 78 -40.53 10.94 15.13
C PHE C 78 -40.18 12.33 15.62
N THR C 79 -39.82 13.23 14.70
CA THR C 79 -39.43 14.58 15.06
C THR C 79 -40.42 15.60 14.51
N CYS C 80 -40.77 16.59 15.33
CA CYS C 80 -41.70 17.65 14.93
C CYS C 80 -40.94 18.95 14.72
N THR C 81 -41.09 19.56 13.55
CA THR C 81 -40.49 20.84 13.25
C THR C 81 -41.55 21.75 12.66
N GLY C 82 -41.87 22.84 13.34
CA GLY C 82 -42.90 23.74 12.86
C GLY C 82 -42.36 24.86 11.96
N VAL C 83 -43.18 25.24 11.00
CA VAL C 83 -42.85 26.33 10.08
C VAL C 83 -44.09 27.17 9.84
N VAL C 84 -43.89 28.46 9.64
CA VAL C 84 -44.98 29.41 9.42
C VAL C 84 -45.16 29.62 7.92
N THR C 85 -46.39 29.46 7.45
CA THR C 85 -46.72 29.66 6.04
C THR C 85 -47.59 30.91 5.88
N GLU C 86 -46.99 32.07 6.17
CA GLU C 86 -47.71 33.31 5.95
C GLU C 86 -47.47 33.80 4.52
N ALA C 87 -48.34 34.69 4.06
CA ALA C 87 -48.17 35.32 2.75
C ALA C 87 -48.96 36.61 2.72
N GLU C 88 -48.91 37.29 1.58
CA GLU C 88 -49.61 38.54 1.33
C GLU C 88 -50.76 38.32 0.36
N THR C 89 -51.69 39.26 0.35
CA THR C 89 -52.88 39.15 -0.50
C THR C 89 -53.49 40.51 -0.77
N VAL C 97 -53.65 42.88 -7.17
CA VAL C 97 -53.55 41.82 -6.18
C VAL C 97 -52.10 41.38 -6.03
N THR C 98 -51.54 41.58 -4.84
CA THR C 98 -50.16 41.20 -4.59
C THR C 98 -50.03 39.71 -4.31
N THR C 99 -48.79 39.22 -4.36
CA THR C 99 -48.49 37.81 -4.11
C THR C 99 -47.06 37.69 -3.63
N THR C 100 -46.85 37.17 -2.42
CA THR C 100 -45.51 36.91 -1.91
C THR C 100 -45.58 35.91 -0.76
N PHE C 101 -44.67 34.94 -0.76
CA PHE C 101 -44.68 33.87 0.24
C PHE C 101 -43.68 34.15 1.36
N LYS C 102 -43.99 33.65 2.57
CA LYS C 102 -43.15 33.89 3.74
C LYS C 102 -43.04 32.61 4.56
N ARG C 103 -41.82 32.24 4.96
CA ARG C 103 -41.61 31.00 5.71
C ARG C 103 -40.61 31.16 6.86
N LYS C 104 -41.07 30.94 8.10
CA LYS C 104 -40.17 30.99 9.25
C LYS C 104 -40.47 29.82 10.19
N HIS C 105 -39.43 29.30 10.83
CA HIS C 105 -39.57 28.13 11.70
C HIS C 105 -39.78 28.50 13.17
N PHE C 106 -40.32 27.54 13.93
CA PHE C 106 -40.61 27.74 15.35
C PHE C 106 -40.54 26.41 16.08
N ARG C 107 -40.45 26.47 17.41
CA ARG C 107 -40.46 25.26 18.22
C ARG C 107 -41.88 24.95 18.69
N PRO C 108 -42.44 23.80 18.35
CA PRO C 108 -43.84 23.52 18.72
C PRO C 108 -43.99 22.98 20.14
N THR C 109 -45.26 22.59 20.52
CA THR C 109 -45.64 21.97 21.79
C THR C 109 -45.83 20.47 21.62
N PRO C 110 -45.51 19.68 22.65
CA PRO C 110 -45.59 18.23 22.49
C PRO C 110 -46.99 17.71 22.20
N ASP C 111 -48.03 18.33 22.75
CA ASP C 111 -49.38 17.81 22.57
C ASP C 111 -49.82 17.92 21.12
N ALA C 112 -49.63 19.09 20.51
CA ALA C 112 -49.96 19.25 19.10
C ALA C 112 -49.09 18.37 18.23
N CYS C 113 -47.83 18.16 18.63
CA CYS C 113 -46.95 17.26 17.90
C CYS C 113 -47.50 15.83 17.90
N ARG C 114 -47.95 15.36 19.07
CA ARG C 114 -48.54 14.03 19.16
C ARG C 114 -49.83 13.95 18.34
N ALA C 115 -50.66 14.98 18.41
CA ALA C 115 -51.89 14.96 17.62
C ALA C 115 -51.56 14.90 16.14
N ALA C 116 -50.59 15.70 15.70
CA ALA C 116 -50.20 15.70 14.29
C ALA C 116 -49.72 14.31 13.90
N TYR C 117 -48.95 13.67 14.77
CA TYR C 117 -48.45 12.35 14.47
C TYR C 117 -49.61 11.37 14.32
N ASN C 118 -50.60 11.45 15.22
CA ASN C 118 -51.73 10.54 15.15
C ASN C 118 -52.49 10.73 13.85
N TRP C 119 -52.62 11.98 13.40
CA TRP C 119 -53.35 12.25 12.17
C TRP C 119 -52.55 11.83 10.95
N LYS C 120 -51.23 11.92 11.03
CA LYS C 120 -50.38 11.43 9.95
C LYS C 120 -50.35 9.91 9.96
N MET C 121 -50.45 9.30 11.14
CA MET C 121 -50.52 7.85 11.21
C MET C 121 -51.82 7.39 10.60
N ALA C 122 -52.88 8.19 10.74
CA ALA C 122 -54.14 7.83 10.11
C ALA C 122 -53.98 7.86 8.60
N GLY C 123 -53.09 8.71 8.12
CA GLY C 123 -52.81 8.82 6.69
C GLY C 123 -53.90 9.52 5.93
N ASP C 124 -54.77 10.22 6.64
CA ASP C 124 -55.86 10.91 6.01
C ASP C 124 -55.36 12.06 5.16
N PRO C 125 -56.08 12.38 4.09
CA PRO C 125 -55.69 13.52 3.22
C PRO C 125 -55.73 14.83 3.97
N ARG C 126 -56.54 14.91 5.03
CA ARG C 126 -56.66 16.14 5.79
C ARG C 126 -55.32 16.56 6.37
N TYR C 127 -54.54 15.60 6.90
CA TYR C 127 -53.21 15.97 7.37
C TYR C 127 -52.33 16.46 6.22
N GLU C 128 -52.40 15.76 5.07
CA GLU C 128 -51.56 16.14 3.92
C GLU C 128 -51.79 17.58 3.50
N GLU C 129 -53.05 17.99 3.40
CA GLU C 129 -53.35 19.34 2.96
C GLU C 129 -52.95 20.34 4.03
N SER C 130 -53.26 20.06 5.30
CA SER C 130 -52.94 20.97 6.39
C SER C 130 -51.46 21.35 6.39
N LEU C 131 -50.64 20.58 5.68
CA LEU C 131 -49.21 20.80 5.60
C LEU C 131 -48.75 21.28 4.23
N HIS C 132 -49.05 20.51 3.17
CA HIS C 132 -48.57 20.82 1.83
C HIS C 132 -49.07 22.14 1.24
N ASN C 133 -50.35 22.47 1.39
CA ASN C 133 -50.81 23.69 0.74
C ASN C 133 -51.08 24.84 1.69
N PRO C 134 -50.32 25.93 1.60
CA PRO C 134 -50.52 27.03 2.56
C PRO C 134 -51.78 27.84 2.34
N TYR C 135 -52.13 28.15 1.09
CA TYR C 135 -53.30 28.95 0.75
C TYR C 135 -53.44 30.17 1.68
N PRO C 136 -52.38 30.95 1.91
CA PRO C 136 -52.51 32.06 2.86
C PRO C 136 -53.01 33.33 2.17
N ASP C 137 -54.29 33.33 1.82
CA ASP C 137 -54.89 34.46 1.12
C ASP C 137 -56.12 34.98 1.87
N VAL C 144 -53.10 43.66 2.48
CA VAL C 144 -53.68 42.65 3.37
C VAL C 144 -52.76 41.43 3.40
N LYS C 145 -52.47 40.92 4.60
CA LYS C 145 -51.69 39.70 4.74
C LYS C 145 -52.57 38.58 5.30
N THR C 146 -52.08 37.35 5.18
CA THR C 146 -52.77 36.21 5.78
C THR C 146 -51.75 35.11 6.08
N THR C 147 -51.94 34.41 7.21
CA THR C 147 -50.97 33.42 7.66
C THR C 147 -51.64 32.09 7.98
N LYS C 148 -50.87 31.00 7.86
CA LYS C 148 -51.37 29.65 8.17
C LYS C 148 -50.29 28.89 8.93
N GLU C 149 -50.51 28.62 10.21
CA GLU C 149 -49.55 27.86 11.00
C GLU C 149 -49.52 26.38 10.62
N SER C 150 -48.31 25.81 10.57
CA SER C 150 -48.13 24.43 10.14
C SER C 150 -47.11 23.72 11.03
N LEU C 151 -47.32 22.42 11.25
CA LEU C 151 -46.38 21.59 11.99
C LEU C 151 -45.98 20.39 11.13
N VAL C 152 -44.69 20.27 10.81
CA VAL C 152 -44.21 19.21 9.93
C VAL C 152 -43.51 18.14 10.76
N ILE C 153 -43.83 16.87 10.51
CA ILE C 153 -43.19 15.75 11.19
C ILE C 153 -42.33 15.00 10.18
N ILE C 154 -41.15 14.60 10.60
CA ILE C 154 -40.21 13.91 9.73
C ILE C 154 -40.44 12.40 9.82
N SER C 155 -40.09 11.67 8.74
CA SER C 155 -40.15 10.21 8.67
C SER C 155 -39.61 9.62 9.95
N PRO C 156 -40.06 8.44 10.39
CA PRO C 156 -39.62 7.93 11.68
C PRO C 156 -38.10 7.88 11.81
N SER C 157 -37.61 8.28 12.98
CA SER C 157 -36.20 8.20 13.33
C SER C 157 -36.02 7.28 14.54
N VAL C 158 -34.86 6.64 14.63
CA VAL C 158 -34.65 5.61 15.63
C VAL C 158 -33.54 6.06 16.56
N ALA C 159 -33.59 5.60 17.81
CA ALA C 159 -32.59 5.98 18.79
C ALA C 159 -32.25 4.79 19.67
N ASP C 160 -30.97 4.57 19.88
CA ASP C 160 -30.53 3.45 20.71
C ASP C 160 -30.94 3.68 22.15
N LEU C 161 -31.32 2.60 22.83
CA LEU C 161 -31.69 2.65 24.23
C LEU C 161 -30.57 2.07 25.07
N ASP C 162 -30.22 2.74 26.17
CA ASP C 162 -29.21 2.19 27.05
C ASP C 162 -29.92 1.53 28.21
N PRO C 163 -29.75 0.21 28.39
CA PRO C 163 -30.48 -0.48 29.47
C PRO C 163 -30.12 -0.02 30.86
N TYR C 164 -28.83 0.25 31.11
CA TYR C 164 -28.41 0.59 32.46
C TYR C 164 -29.07 1.85 33.00
N ASP C 165 -29.16 2.92 32.21
CA ASP C 165 -29.75 4.15 32.71
C ASP C 165 -31.06 4.51 32.03
N ARG C 166 -31.59 3.65 31.16
CA ARG C 166 -32.82 3.94 30.43
C ARG C 166 -32.73 5.26 29.66
N SER C 167 -31.58 5.50 29.02
CA SER C 167 -31.38 6.75 28.30
C SER C 167 -31.35 6.47 26.80
N LEU C 168 -31.83 7.44 26.02
CA LEU C 168 -31.83 7.33 24.57
C LEU C 168 -30.67 8.09 23.95
N HIS C 169 -29.89 7.42 23.12
CA HIS C 169 -28.76 8.04 22.44
C HIS C 169 -29.04 8.13 20.94
N SER C 170 -28.61 9.23 20.32
CA SER C 170 -28.76 9.42 18.89
C SER C 170 -28.03 10.66 18.47
N ARG C 171 -27.70 10.74 17.18
CA ARG C 171 -27.00 11.91 16.68
C ARG C 171 -27.89 13.15 16.74
N VAL C 172 -29.20 12.98 16.60
CA VAL C 172 -30.13 14.09 16.61
C VAL C 172 -30.11 14.81 17.96
N PHE C 173 -30.03 14.05 19.05
CA PHE C 173 -29.99 14.68 20.36
C PHE C 173 -28.68 15.43 20.52
N PRO C 174 -28.70 16.62 21.11
CA PRO C 174 -27.46 17.40 21.20
C PRO C 174 -26.56 16.79 22.26
N GLY C 175 -25.31 16.55 21.86
CA GLY C 175 -24.34 15.97 22.75
C GLY C 175 -24.44 14.47 22.86
N GLY C 176 -25.43 13.85 22.24
CA GLY C 176 -25.56 12.42 22.22
C GLY C 176 -25.90 11.80 23.55
N ASN C 177 -26.51 12.57 24.47
CA ASN C 177 -26.91 12.04 25.77
C ASN C 177 -28.27 12.60 26.19
N CYS C 178 -29.34 11.99 25.71
CA CYS C 178 -30.67 12.38 26.15
C CYS C 178 -31.03 11.40 27.26
N SER C 179 -31.45 11.92 28.42
CA SER C 179 -31.71 11.07 29.56
C SER C 179 -33.10 11.28 30.15
N GLY C 180 -33.64 10.19 30.68
CA GLY C 180 -34.95 10.21 31.35
C GLY C 180 -36.08 10.79 30.52
N VAL C 181 -36.16 10.45 29.25
CA VAL C 181 -37.24 10.98 28.42
C VAL C 181 -38.60 10.50 28.93
N ALA C 182 -38.72 9.21 29.20
CA ALA C 182 -39.96 8.68 29.76
C ALA C 182 -40.17 9.16 31.19
N VAL C 183 -39.09 9.20 31.97
CA VAL C 183 -39.20 9.57 33.39
C VAL C 183 -39.68 11.00 33.58
N SER C 184 -39.17 11.95 32.80
CA SER C 184 -39.54 13.34 33.06
C SER C 184 -40.25 14.06 31.91
N SER C 185 -39.60 14.24 30.76
CA SER C 185 -40.19 15.03 29.67
C SER C 185 -40.41 14.18 28.43
N THR C 186 -41.65 14.16 27.94
CA THR C 186 -41.98 13.34 26.77
C THR C 186 -41.18 13.71 25.54
N TYR C 187 -40.64 14.92 25.47
CA TYR C 187 -39.91 15.36 24.28
C TYR C 187 -38.46 15.63 24.64
N CYS C 188 -37.58 15.45 23.67
CA CYS C 188 -36.16 15.67 23.86
C CYS C 188 -35.67 16.70 22.86
N SER C 189 -34.63 17.44 23.26
CA SER C 189 -34.10 18.50 22.42
C SER C 189 -33.36 17.94 21.21
N THR C 190 -33.23 18.77 20.19
CA THR C 190 -32.56 18.43 18.95
C THR C 190 -31.59 19.56 18.61
N ASN C 191 -30.65 19.27 17.70
CA ASN C 191 -29.64 20.27 17.36
C ASN C 191 -30.29 21.53 16.82
N HIS C 192 -31.30 21.37 15.97
CA HIS C 192 -32.05 22.51 15.47
C HIS C 192 -32.94 23.02 16.60
N ASP C 193 -32.86 24.33 16.89
CA ASP C 193 -33.60 24.85 18.02
C ASP C 193 -35.11 24.74 17.83
N TYR C 194 -35.57 24.73 16.58
CA TYR C 194 -36.98 24.62 16.28
C TYR C 194 -37.45 23.18 16.13
N THR C 195 -36.58 22.21 16.42
CA THR C 195 -36.91 20.80 16.27
C THR C 195 -36.89 20.09 17.61
N ILE C 196 -37.86 19.19 17.82
CA ILE C 196 -37.94 18.35 19.01
C ILE C 196 -38.19 16.92 18.56
N TRP C 197 -37.89 15.98 19.45
CA TRP C 197 -38.04 14.56 19.13
C TRP C 197 -39.10 13.92 20.02
N MET C 198 -39.80 12.95 19.44
CA MET C 198 -40.90 12.23 20.08
C MET C 198 -40.78 10.73 19.80
N PRO C 199 -40.77 9.90 20.84
CA PRO C 199 -40.89 8.46 20.61
C PRO C 199 -42.27 8.09 20.08
N GLU C 200 -42.30 7.05 19.25
CA GLU C 200 -43.59 6.61 18.70
C GLU C 200 -44.52 6.13 19.79
N ASN C 201 -44.01 5.33 20.73
CA ASN C 201 -44.83 4.92 21.85
C ASN C 201 -44.90 6.02 22.89
N PRO C 202 -46.02 6.12 23.62
CA PRO C 202 -46.08 7.11 24.69
C PRO C 202 -45.05 6.88 25.78
N ARG C 203 -44.69 5.63 26.04
CA ARG C 203 -43.72 5.29 27.05
C ARG C 203 -42.74 4.27 26.50
N LEU C 204 -41.53 4.27 27.04
CA LEU C 204 -40.49 3.38 26.54
C LEU C 204 -40.78 1.94 26.94
N GLY C 205 -41.56 1.22 26.14
CA GLY C 205 -41.87 -0.17 26.41
C GLY C 205 -41.10 -1.10 25.50
N MET C 206 -40.39 -2.04 26.10
CA MET C 206 -39.53 -2.97 25.37
C MET C 206 -39.97 -4.40 25.61
N SER C 207 -40.22 -5.13 24.53
CA SER C 207 -40.57 -6.54 24.66
C SER C 207 -39.34 -7.31 25.14
N CYS C 208 -39.56 -8.29 26.01
CA CYS C 208 -38.45 -9.07 26.53
C CYS C 208 -38.29 -10.42 25.85
N ASP C 209 -38.95 -10.64 24.72
CA ASP C 209 -38.77 -11.89 23.96
C ASP C 209 -37.58 -11.76 23.01
N ILE C 210 -36.40 -11.62 23.59
CA ILE C 210 -35.17 -11.47 22.83
C ILE C 210 -34.16 -12.56 23.14
N PHE C 211 -34.58 -13.69 23.71
CA PHE C 211 -33.64 -14.71 24.13
C PHE C 211 -33.86 -16.02 23.41
N THR C 212 -32.75 -16.66 23.01
CA THR C 212 -32.75 -17.96 22.38
C THR C 212 -31.80 -18.88 23.15
N ASN C 213 -32.09 -20.18 23.13
CA ASN C 213 -31.32 -21.17 23.87
C ASN C 213 -30.51 -22.03 22.93
N SER C 214 -29.23 -22.24 23.25
CA SER C 214 -28.35 -23.02 22.41
C SER C 214 -27.48 -23.94 23.27
N ARG C 215 -26.92 -24.96 22.63
CA ARG C 215 -26.01 -25.88 23.31
C ARG C 215 -24.58 -25.42 23.12
N GLY C 216 -23.69 -25.94 23.97
CA GLY C 216 -22.30 -25.58 23.87
C GLY C 216 -21.46 -26.45 24.77
N LYS C 217 -20.15 -26.26 24.69
CA LYS C 217 -19.21 -26.97 25.54
C LYS C 217 -18.48 -25.92 26.36
N ARG C 218 -18.17 -26.24 27.61
CA ARG C 218 -17.56 -25.27 28.51
C ARG C 218 -16.08 -25.58 28.67
N ALA C 219 -15.23 -24.61 28.38
CA ALA C 219 -13.78 -24.82 28.45
C ALA C 219 -13.34 -24.38 29.85
N SER C 220 -12.73 -25.29 30.59
CA SER C 220 -12.32 -24.98 31.95
C SER C 220 -10.83 -25.21 32.14
N LYS C 221 -10.15 -24.24 32.72
CA LYS C 221 -8.74 -24.35 33.05
C LYS C 221 -8.70 -24.51 34.57
N GLY C 222 -8.13 -25.59 35.04
CA GLY C 222 -8.18 -25.81 36.48
C GLY C 222 -9.65 -25.86 36.86
N SER C 223 -10.06 -25.02 37.80
CA SER C 223 -11.47 -24.97 38.19
C SER C 223 -12.23 -23.85 37.48
N GLU C 224 -11.58 -22.72 37.26
CA GLU C 224 -12.21 -21.57 36.62
C GLU C 224 -12.54 -21.88 35.16
N THR C 225 -13.64 -21.31 34.66
CA THR C 225 -14.04 -21.52 33.27
C THR C 225 -13.50 -20.36 32.45
N CYS C 226 -12.40 -20.60 31.72
CA CYS C 226 -11.82 -19.55 30.90
C CYS C 226 -12.70 -19.13 29.73
N GLY C 227 -13.38 -20.09 29.08
CA GLY C 227 -14.17 -19.75 27.90
C GLY C 227 -15.20 -20.82 27.60
N PHE C 228 -16.08 -20.52 26.65
CA PHE C 228 -17.05 -21.50 26.19
C PHE C 228 -17.13 -21.52 24.67
N VAL C 229 -17.41 -22.70 24.12
CA VAL C 229 -17.60 -22.87 22.68
C VAL C 229 -19.09 -22.72 22.40
N ASP C 230 -19.44 -21.97 21.37
CA ASP C 230 -20.84 -21.70 21.14
C ASP C 230 -21.46 -22.71 20.17
N GLU C 231 -22.72 -22.46 19.79
CA GLU C 231 -23.42 -23.35 18.88
C GLU C 231 -22.78 -23.35 17.50
N ARG C 232 -22.30 -22.20 17.06
CA ARG C 232 -21.65 -22.11 15.75
C ARG C 232 -20.30 -22.80 15.72
N GLY C 233 -19.76 -23.22 16.86
CA GLY C 233 -18.48 -23.88 16.88
C GLY C 233 -17.28 -22.98 17.06
N LEU C 234 -17.48 -21.72 17.45
CA LEU C 234 -16.41 -20.78 17.63
C LEU C 234 -16.12 -20.57 19.11
N TYR C 235 -14.84 -20.60 19.47
CA TYR C 235 -14.46 -20.42 20.86
C TYR C 235 -14.63 -18.96 21.28
N LYS C 236 -15.28 -18.76 22.42
CA LYS C 236 -15.50 -17.43 22.97
C LYS C 236 -14.72 -17.28 24.26
N SER C 237 -13.91 -16.23 24.35
CA SER C 237 -13.09 -15.99 25.53
C SER C 237 -13.89 -15.21 26.57
N LEU C 238 -13.90 -15.72 27.80
CA LEU C 238 -14.61 -15.08 28.89
C LEU C 238 -13.77 -14.04 29.61
N LYS C 239 -12.52 -13.85 29.21
CA LYS C 239 -11.66 -12.89 29.86
C LYS C 239 -12.13 -11.46 29.60
N GLY C 240 -12.03 -10.63 30.63
CA GLY C 240 -12.38 -9.23 30.48
C GLY C 240 -13.86 -8.93 30.39
N ALA C 241 -14.70 -9.81 30.93
CA ALA C 241 -16.14 -9.60 30.90
C ALA C 241 -16.60 -8.77 32.09
N CYS C 242 -17.80 -8.20 31.98
CA CYS C 242 -18.41 -7.43 33.04
C CYS C 242 -19.86 -7.88 33.21
N LYS C 243 -20.39 -7.71 34.41
CA LYS C 243 -21.73 -8.16 34.73
C LYS C 243 -22.76 -7.11 34.36
N LEU C 244 -23.76 -7.51 33.58
CA LEU C 244 -24.86 -6.64 33.19
C LEU C 244 -26.16 -7.39 33.45
N LYS C 245 -27.29 -6.69 33.38
CA LYS C 245 -28.58 -7.35 33.54
C LYS C 245 -29.59 -6.80 32.56
N LEU C 246 -30.13 -7.67 31.70
CA LEU C 246 -31.15 -7.28 30.74
C LEU C 246 -32.40 -8.09 31.02
N CYS C 247 -33.55 -7.40 31.06
CA CYS C 247 -34.83 -8.07 31.29
C CYS C 247 -34.86 -8.80 32.62
N GLY C 248 -34.04 -8.37 33.57
CA GLY C 248 -34.06 -8.94 34.90
C GLY C 248 -33.27 -10.20 35.07
N VAL C 249 -32.64 -10.72 34.02
CA VAL C 249 -31.78 -11.89 34.11
C VAL C 249 -30.32 -11.43 34.05
N LEU C 250 -29.54 -11.84 35.05
CA LEU C 250 -28.15 -11.43 35.11
C LEU C 250 -27.33 -12.17 34.07
N GLY C 251 -26.37 -11.47 33.47
CA GLY C 251 -25.51 -12.04 32.47
C GLY C 251 -24.13 -11.39 32.41
N LEU C 252 -23.37 -11.69 31.38
CA LEU C 252 -22.05 -11.09 31.18
C LEU C 252 -21.95 -10.49 29.79
N ARG C 253 -21.48 -9.25 29.71
CA ARG C 253 -21.21 -8.63 28.42
C ARG C 253 -19.78 -8.97 28.03
N LEU C 254 -19.63 -9.78 26.98
CA LEU C 254 -18.32 -10.24 26.58
C LEU C 254 -17.51 -9.13 25.96
N MET C 255 -16.26 -9.46 25.61
CA MET C 255 -15.36 -8.47 25.02
C MET C 255 -15.86 -8.01 23.66
N ASP C 256 -16.41 -8.92 22.86
CA ASP C 256 -16.88 -8.61 21.51
C ASP C 256 -18.26 -7.99 21.47
N GLY C 257 -18.93 -7.85 22.61
CA GLY C 257 -20.26 -7.29 22.68
C GLY C 257 -21.38 -8.30 22.84
N THR C 258 -21.11 -9.58 22.61
CA THR C 258 -22.13 -10.60 22.79
C THR C 258 -22.47 -10.76 24.27
N TRP C 259 -23.73 -10.96 24.57
CA TRP C 259 -24.17 -11.13 25.96
C TRP C 259 -24.68 -12.55 26.16
N VAL C 260 -24.13 -13.26 27.15
CA VAL C 260 -24.57 -14.62 27.46
C VAL C 260 -24.95 -14.75 28.92
N ALA C 261 -26.01 -15.50 29.19
CA ALA C 261 -26.46 -15.74 30.55
C ALA C 261 -25.75 -16.95 31.11
N MET C 262 -24.84 -16.76 32.05
CA MET C 262 -24.17 -17.92 32.65
C MET C 262 -23.67 -17.52 34.03
N GLN C 263 -23.06 -18.49 34.72
CA GLN C 263 -22.53 -18.24 36.05
C GLN C 263 -21.40 -17.23 35.97
N THR C 264 -21.34 -16.33 36.95
CA THR C 264 -20.32 -15.30 36.96
C THR C 264 -19.62 -15.26 38.31
N SER C 265 -18.33 -14.94 38.27
CA SER C 265 -17.55 -14.79 39.48
C SER C 265 -18.04 -13.57 40.24
N ASN C 266 -18.09 -13.67 41.56
CA ASN C 266 -18.51 -12.51 42.34
C ASN C 266 -17.48 -11.41 42.22
N GLU C 267 -16.22 -11.80 42.08
CA GLU C 267 -15.12 -10.85 41.94
C GLU C 267 -15.33 -9.94 40.73
N THR C 268 -15.88 -10.49 39.65
CA THR C 268 -16.11 -9.70 38.45
C THR C 268 -17.00 -8.50 38.78
N LYS C 269 -16.62 -7.35 38.26
CA LYS C 269 -17.33 -6.12 38.56
C LYS C 269 -18.52 -5.89 37.65
N TRP C 270 -19.27 -4.83 37.94
CA TRP C 270 -20.41 -4.44 37.12
C TRP C 270 -19.92 -3.62 35.94
N CYS C 271 -20.68 -3.65 34.86
CA CYS C 271 -20.25 -2.92 33.67
C CYS C 271 -20.25 -1.41 33.92
N PRO C 272 -19.29 -0.69 33.36
CA PRO C 272 -19.22 0.76 33.57
C PRO C 272 -20.45 1.44 33.03
N PRO C 273 -20.94 2.49 33.68
CA PRO C 273 -22.19 3.12 33.21
C PRO C 273 -22.14 3.48 31.74
N GLY C 274 -21.02 4.05 31.27
CA GLY C 274 -20.96 4.49 29.89
C GLY C 274 -21.07 3.34 28.92
N GLN C 275 -21.94 3.47 27.93
CA GLN C 275 -22.12 2.44 26.93
C GLN C 275 -22.39 3.14 25.60
N LEU C 276 -22.19 2.41 24.50
CA LEU C 276 -22.47 2.96 23.17
C LEU C 276 -21.73 4.26 22.92
N VAL C 277 -20.46 4.33 23.32
CA VAL C 277 -19.70 5.56 23.13
C VAL C 277 -18.43 5.27 22.34
N ASN C 278 -17.67 6.33 22.00
CA ASN C 278 -16.43 6.16 21.26
C ASN C 278 -15.54 5.12 21.93
N LEU C 279 -14.87 4.33 21.09
CA LEU C 279 -14.07 3.21 21.57
C LEU C 279 -13.18 3.59 22.75
N HIS C 280 -13.45 3.00 23.90
CA HIS C 280 -12.65 3.18 25.11
C HIS C 280 -12.35 1.81 25.73
N ASP C 281 -11.61 0.98 25.02
CA ASP C 281 -11.22 -0.32 25.52
C ASP C 281 -9.72 -0.27 25.81
N PHE C 282 -9.28 -1.02 26.82
CA PHE C 282 -7.88 -0.87 27.17
C PHE C 282 -7.03 -2.15 27.22
N ARG C 283 -7.46 -3.13 28.02
CA ARG C 283 -6.69 -4.35 28.23
C ARG C 283 -6.31 -5.07 26.94
N SER C 284 -7.27 -5.26 26.04
CA SER C 284 -6.96 -6.05 24.86
C SER C 284 -5.84 -5.44 24.05
N ASP C 285 -5.84 -4.12 23.89
CA ASP C 285 -4.81 -3.49 23.05
C ASP C 285 -3.40 -3.68 23.62
N GLU C 286 -3.23 -3.44 24.92
CA GLU C 286 -1.93 -3.68 25.55
C GLU C 286 -1.56 -5.15 25.70
N ILE C 287 -2.49 -5.98 26.19
CA ILE C 287 -2.17 -7.39 26.45
C ILE C 287 -1.91 -8.17 25.16
N GLU C 288 -2.68 -7.92 24.11
CA GLU C 288 -2.50 -8.66 22.88
C GLU C 288 -1.68 -7.77 21.96
N HIS C 289 -0.51 -8.28 21.57
CA HIS C 289 0.31 -7.50 20.66
C HIS C 289 -0.47 -7.28 19.38
N LEU C 290 -0.90 -6.05 19.18
CA LEU C 290 -1.61 -5.76 17.95
C LEU C 290 -0.56 -5.90 16.88
N VAL C 291 -0.51 -7.07 16.23
CA VAL C 291 0.55 -7.29 15.27
C VAL C 291 0.50 -6.16 14.28
N VAL C 292 1.64 -5.52 14.04
CA VAL C 292 1.65 -4.40 13.12
C VAL C 292 1.15 -4.84 11.75
N GLU C 293 1.79 -5.85 11.18
CA GLU C 293 1.41 -6.32 9.86
C GLU C 293 0.00 -6.87 9.81
N GLU C 294 -0.41 -7.61 10.83
CA GLU C 294 -1.71 -8.25 10.75
C GLU C 294 -2.88 -7.34 11.10
N LEU C 295 -2.76 -6.51 12.13
CA LEU C 295 -3.91 -5.71 12.51
C LEU C 295 -3.80 -4.24 12.13
N VAL C 296 -2.69 -3.60 12.46
CA VAL C 296 -2.55 -2.18 12.19
C VAL C 296 -2.67 -1.89 10.71
N LYS C 297 -2.06 -2.74 9.88
CA LYS C 297 -2.09 -2.50 8.44
C LYS C 297 -3.51 -2.60 7.91
N LYS C 298 -4.18 -3.72 8.19
CA LYS C 298 -5.56 -3.90 7.75
C LYS C 298 -6.43 -2.73 8.22
N ARG C 299 -6.21 -2.26 9.44
CA ARG C 299 -6.96 -1.14 9.95
C ARG C 299 -6.71 0.12 9.13
N GLU C 300 -5.46 0.35 8.74
CA GLU C 300 -5.16 1.53 7.92
C GLU C 300 -5.82 1.45 6.56
N GLU C 301 -5.79 0.27 5.92
CA GLU C 301 -6.44 0.11 4.63
C GLU C 301 -7.95 0.34 4.72
N CYS C 302 -8.56 -0.19 5.79
CA CYS C 302 -9.98 0.04 6.02
C CYS C 302 -10.25 1.52 6.24
N LEU C 303 -9.42 2.19 7.02
CA LEU C 303 -9.65 3.60 7.30
C LEU C 303 -9.49 4.43 6.03
N ASP C 304 -8.60 4.02 5.13
CA ASP C 304 -8.46 4.72 3.87
C ASP C 304 -9.75 4.67 3.06
N ALA C 305 -10.33 3.47 2.95
CA ALA C 305 -11.60 3.36 2.23
C ALA C 305 -12.73 4.11 2.92
N LEU C 306 -12.79 4.04 4.25
CA LEU C 306 -13.82 4.78 4.97
C LEU C 306 -13.67 6.28 4.79
N GLU C 307 -12.43 6.78 4.81
CA GLU C 307 -12.20 8.20 4.63
C GLU C 307 -12.62 8.63 3.24
N SER C 308 -12.33 7.79 2.24
CA SER C 308 -12.72 8.13 0.88
C SER C 308 -14.24 8.22 0.77
N ILE C 309 -14.94 7.31 1.45
CA ILE C 309 -16.41 7.36 1.42
C ILE C 309 -16.90 8.67 2.01
N MET C 310 -16.36 9.07 3.17
CA MET C 310 -16.83 10.31 3.79
C MET C 310 -16.53 11.51 2.92
N THR C 311 -15.34 11.57 2.33
CA THR C 311 -15.00 12.73 1.51
C THR C 311 -15.88 12.82 0.26
N THR C 312 -16.06 11.72 -0.45
CA THR C 312 -16.82 11.75 -1.70
C THR C 312 -18.33 11.62 -1.51
N LYS C 313 -18.79 11.27 -0.31
CA LYS C 313 -20.21 11.11 -0.04
C LYS C 313 -20.88 10.15 -1.02
N SER C 314 -20.15 9.12 -1.43
CA SER C 314 -20.68 8.13 -2.35
C SER C 314 -20.01 6.80 -2.07
N VAL C 315 -20.66 5.72 -2.48
CA VAL C 315 -20.17 4.38 -2.21
C VAL C 315 -20.14 3.58 -3.50
N SER C 316 -19.32 2.54 -3.50
CA SER C 316 -19.25 1.60 -4.59
C SER C 316 -19.15 0.20 -4.01
N PHE C 317 -19.53 -0.78 -4.82
CA PHE C 317 -19.56 -2.16 -4.33
C PHE C 317 -18.18 -2.62 -3.93
N ARG C 318 -17.15 -2.20 -4.65
CA ARG C 318 -15.80 -2.58 -4.25
C ARG C 318 -15.43 -1.98 -2.90
N ARG C 319 -15.80 -0.71 -2.68
CA ARG C 319 -15.43 -0.05 -1.42
C ARG C 319 -16.21 -0.62 -0.25
N LEU C 320 -17.43 -1.08 -0.48
CA LEU C 320 -18.20 -1.70 0.59
C LEU C 320 -17.57 -3.01 1.04
N SER C 321 -16.86 -3.69 0.14
CA SER C 321 -16.26 -4.96 0.50
C SER C 321 -15.13 -4.80 1.49
N HIS C 322 -14.55 -3.62 1.61
CA HIS C 322 -13.43 -3.39 2.51
C HIS C 322 -13.86 -3.23 3.95
N LEU C 323 -15.16 -3.17 4.23
CA LEU C 323 -15.66 -3.04 5.59
C LEU C 323 -16.09 -4.37 6.19
N ARG C 324 -15.85 -5.47 5.50
CA ARG C 324 -16.25 -6.78 6.01
C ARG C 324 -15.30 -7.25 7.09
N LYS C 325 -15.85 -7.93 8.10
CA LYS C 325 -15.03 -8.49 9.15
C LYS C 325 -14.20 -9.65 8.60
N LEU C 326 -12.92 -9.69 8.96
CA LEU C 326 -12.06 -10.75 8.45
C LEU C 326 -12.01 -11.96 9.36
N VAL C 327 -12.75 -11.96 10.47
CA VAL C 327 -12.69 -13.05 11.43
C VAL C 327 -14.09 -13.55 11.75
N PRO C 328 -14.22 -14.72 12.38
CA PRO C 328 -15.54 -15.29 12.66
C PRO C 328 -16.41 -14.55 13.69
N GLY C 329 -15.93 -13.53 14.39
CA GLY C 329 -16.75 -12.89 15.40
C GLY C 329 -17.95 -12.14 14.86
N PHE C 330 -18.88 -11.85 15.77
CA PHE C 330 -20.12 -11.15 15.43
C PHE C 330 -19.84 -9.77 14.85
N GLY C 331 -20.59 -9.41 13.82
CA GLY C 331 -20.39 -8.13 13.16
C GLY C 331 -21.62 -7.56 12.48
N LYS C 332 -21.42 -6.65 11.53
CA LYS C 332 -22.49 -5.97 10.82
C LYS C 332 -22.30 -6.03 9.31
N ALA C 333 -23.33 -6.42 8.59
CA ALA C 333 -23.30 -6.49 7.14
C ALA C 333 -23.90 -5.24 6.52
N TYR C 334 -23.48 -4.89 5.31
CA TYR C 334 -23.97 -3.69 4.65
C TYR C 334 -24.41 -4.00 3.23
N THR C 335 -25.37 -3.22 2.74
CA THR C 335 -25.90 -3.37 1.39
C THR C 335 -26.70 -2.13 1.03
N ILE C 336 -27.07 -2.01 -0.24
CA ILE C 336 -27.79 -0.84 -0.74
C ILE C 336 -29.01 -1.26 -1.54
N PHE C 337 -30.20 -1.02 -0.98
CA PHE C 337 -31.47 -1.29 -1.65
C PHE C 337 -32.21 0.03 -1.87
N ASN C 338 -32.73 0.22 -3.07
CA ASN C 338 -33.38 1.47 -3.46
C ASN C 338 -32.52 2.69 -3.14
N LYS C 339 -31.24 2.62 -3.52
CA LYS C 339 -30.31 3.71 -3.25
C LYS C 339 -30.28 4.13 -1.78
N THR C 340 -30.57 3.20 -0.87
CA THR C 340 -30.51 3.51 0.56
C THR C 340 -29.56 2.55 1.25
N LEU C 341 -28.68 3.11 2.06
CA LEU C 341 -27.72 2.29 2.78
C LEU C 341 -28.45 1.44 3.82
N MET C 342 -28.10 0.17 3.90
CA MET C 342 -28.75 -0.77 4.81
C MET C 342 -27.72 -1.49 5.65
N GLU C 343 -28.14 -1.95 6.82
CA GLU C 343 -27.24 -2.69 7.70
C GLU C 343 -28.03 -3.68 8.53
N ALA C 344 -27.34 -4.69 9.02
CA ALA C 344 -27.96 -5.71 9.85
C ALA C 344 -26.89 -6.44 10.65
N ASP C 345 -27.32 -7.10 11.72
CA ASP C 345 -26.43 -7.87 12.55
C ASP C 345 -26.27 -9.29 12.01
N ALA C 346 -25.08 -9.86 12.21
CA ALA C 346 -24.82 -11.17 11.66
C ALA C 346 -23.70 -11.85 12.42
N HIS C 347 -23.64 -13.17 12.30
CA HIS C 347 -22.55 -13.98 12.82
C HIS C 347 -21.76 -14.53 11.64
N TYR C 348 -20.46 -14.32 11.64
CA TYR C 348 -19.61 -14.64 10.51
C TYR C 348 -18.93 -16.00 10.70
N LYS C 349 -18.87 -16.77 9.63
CA LYS C 349 -18.17 -18.05 9.61
C LYS C 349 -17.12 -18.04 8.51
N SER C 350 -16.01 -18.72 8.76
CA SER C 350 -14.92 -18.76 7.82
C SER C 350 -15.24 -19.70 6.66
N VAL C 351 -14.59 -19.44 5.53
CA VAL C 351 -14.77 -20.22 4.31
C VAL C 351 -13.40 -20.67 3.81
N ARG C 352 -13.29 -21.94 3.45
CA ARG C 352 -12.04 -22.50 2.97
C ARG C 352 -11.96 -22.61 1.46
N THR C 353 -13.09 -22.79 0.78
CA THR C 353 -13.11 -22.93 -0.66
C THR C 353 -14.30 -22.19 -1.24
N TRP C 354 -14.09 -21.51 -2.36
CA TRP C 354 -15.16 -20.72 -2.94
C TRP C 354 -16.30 -21.57 -3.42
N ASN C 355 -16.10 -22.88 -3.51
CA ASN C 355 -17.16 -23.77 -3.93
C ASN C 355 -18.33 -23.78 -2.94
N GLU C 356 -18.03 -23.76 -1.64
CA GLU C 356 -19.09 -23.86 -0.63
C GLU C 356 -20.08 -22.70 -0.68
N ILE C 357 -19.58 -21.47 -0.81
CA ILE C 357 -20.47 -20.31 -0.90
C ILE C 357 -21.27 -20.30 -2.20
N ILE C 358 -20.67 -20.71 -3.32
CA ILE C 358 -21.39 -20.68 -4.58
C ILE C 358 -21.40 -22.04 -5.23
N PRO C 359 -22.30 -22.93 -4.81
CA PRO C 359 -22.30 -24.28 -5.34
C PRO C 359 -22.61 -24.36 -6.81
N SER C 360 -23.59 -23.61 -7.29
CA SER C 360 -23.98 -23.63 -8.69
C SER C 360 -24.23 -22.21 -9.15
N LYS C 361 -24.54 -22.04 -10.42
CA LYS C 361 -24.72 -20.68 -10.93
C LYS C 361 -25.98 -20.07 -10.35
N GLY C 362 -25.87 -18.82 -9.87
CA GLY C 362 -27.04 -18.15 -9.34
C GLY C 362 -27.45 -18.47 -7.92
N CYS C 363 -26.60 -19.12 -7.12
CA CYS C 363 -26.94 -19.37 -5.72
C CYS C 363 -25.83 -19.03 -4.75
N LEU C 364 -26.14 -18.26 -3.73
CA LEU C 364 -25.19 -17.93 -2.68
C LEU C 364 -25.78 -18.52 -1.42
N ARG C 365 -25.22 -19.62 -0.95
CA ARG C 365 -25.77 -20.28 0.22
C ARG C 365 -25.57 -19.51 1.50
N VAL C 366 -26.64 -19.32 2.26
CA VAL C 366 -26.55 -18.63 3.54
C VAL C 366 -27.38 -19.45 4.52
N GLY C 367 -26.75 -20.02 5.53
CA GLY C 367 -27.48 -20.88 6.44
C GLY C 367 -28.00 -22.13 5.78
N GLY C 368 -27.37 -22.57 4.68
CA GLY C 368 -27.84 -23.74 3.98
C GLY C 368 -28.97 -23.49 2.99
N ARG C 369 -29.34 -22.23 2.75
CA ARG C 369 -30.39 -21.87 1.81
C ARG C 369 -29.89 -20.87 0.80
N CYS C 370 -30.32 -21.00 -0.45
CA CYS C 370 -29.93 -20.00 -1.44
C CYS C 370 -30.53 -18.65 -1.07
N HIS C 371 -29.68 -17.68 -0.75
CA HIS C 371 -30.16 -16.38 -0.34
C HIS C 371 -30.89 -15.68 -1.49
N PRO C 372 -32.01 -15.02 -1.22
CA PRO C 372 -32.73 -14.27 -2.26
C PRO C 372 -32.06 -12.94 -2.54
N HIS C 373 -32.17 -12.47 -3.77
CA HIS C 373 -31.54 -11.22 -4.17
C HIS C 373 -32.60 -10.16 -4.46
N VAL C 374 -32.40 -8.97 -3.91
CA VAL C 374 -33.29 -7.85 -4.18
C VAL C 374 -32.65 -7.03 -5.28
N ASN C 375 -33.29 -7.00 -6.45
CA ASN C 375 -32.76 -6.27 -7.60
C ASN C 375 -31.34 -6.73 -7.92
N GLY C 376 -31.10 -8.02 -7.76
CA GLY C 376 -29.77 -8.57 -8.00
C GLY C 376 -28.69 -7.98 -7.13
N VAL C 377 -29.00 -7.64 -5.89
CA VAL C 377 -28.03 -7.07 -4.96
C VAL C 377 -27.99 -7.91 -3.69
N PHE C 378 -26.83 -8.44 -3.38
CA PHE C 378 -26.60 -9.23 -2.16
C PHE C 378 -25.94 -8.35 -1.11
N PHE C 379 -25.56 -8.96 0.01
CA PHE C 379 -24.90 -8.23 1.08
C PHE C 379 -23.41 -8.09 0.82
N ASN C 380 -22.81 -7.09 1.47
CA ASN C 380 -21.36 -6.88 1.46
C ASN C 380 -20.82 -6.73 0.06
N GLY C 381 -21.57 -6.08 -0.81
CA GLY C 381 -21.09 -5.77 -2.13
C GLY C 381 -21.20 -6.89 -3.14
N ILE C 382 -21.70 -8.05 -2.77
CA ILE C 382 -21.90 -9.12 -3.73
C ILE C 382 -23.07 -8.78 -4.63
N ILE C 383 -22.89 -8.91 -5.94
CA ILE C 383 -23.91 -8.56 -6.91
C ILE C 383 -24.06 -9.70 -7.90
N LEU C 384 -25.17 -9.67 -8.63
CA LEU C 384 -25.41 -10.61 -9.71
C LEU C 384 -24.99 -9.97 -11.02
N GLY C 385 -24.05 -10.61 -11.71
CA GLY C 385 -23.50 -10.06 -12.92
C GLY C 385 -24.45 -10.08 -14.09
N PRO C 386 -24.10 -9.37 -15.17
CA PRO C 386 -24.96 -9.37 -16.35
C PRO C 386 -25.13 -10.74 -16.97
N ASP C 387 -24.17 -11.63 -16.81
CA ASP C 387 -24.28 -12.98 -17.34
C ASP C 387 -25.13 -13.88 -16.46
N GLY C 388 -25.84 -13.33 -15.49
CA GLY C 388 -26.57 -14.17 -14.55
C GLY C 388 -25.67 -15.00 -13.66
N ASN C 389 -24.53 -14.45 -13.22
CA ASN C 389 -23.60 -15.20 -12.40
C ASN C 389 -23.16 -14.36 -11.20
N VAL C 390 -23.02 -15.02 -10.05
CA VAL C 390 -22.65 -14.34 -8.81
C VAL C 390 -21.21 -13.84 -8.86
N LEU C 391 -21.01 -12.55 -8.60
CA LEU C 391 -19.67 -11.98 -8.61
C LEU C 391 -19.28 -11.55 -7.20
N ILE C 392 -18.13 -12.00 -6.74
CA ILE C 392 -17.63 -11.58 -5.43
C ILE C 392 -16.39 -10.72 -5.66
N PRO C 393 -16.34 -9.49 -5.15
CA PRO C 393 -15.19 -8.64 -5.49
C PRO C 393 -13.86 -9.21 -5.07
N GLU C 394 -13.78 -9.90 -3.93
CA GLU C 394 -12.52 -10.50 -3.51
C GLU C 394 -12.25 -11.83 -4.16
N MET C 395 -13.23 -12.43 -4.82
CA MET C 395 -13.01 -13.63 -5.61
C MET C 395 -12.58 -13.30 -7.03
N GLN C 396 -13.20 -12.28 -7.62
CA GLN C 396 -12.83 -11.89 -8.98
C GLN C 396 -11.43 -11.31 -9.01
N SER C 397 -11.06 -10.54 -7.99
CA SER C 397 -9.73 -9.96 -7.96
C SER C 397 -8.65 -11.03 -7.89
N SER C 398 -8.91 -12.09 -7.11
CA SER C 398 -7.93 -13.18 -7.00
C SER C 398 -7.75 -13.93 -8.31
N LEU C 399 -8.70 -13.79 -9.24
CA LEU C 399 -8.58 -14.42 -10.55
C LEU C 399 -8.14 -13.43 -11.62
N LEU C 400 -7.68 -12.25 -11.23
CA LEU C 400 -7.36 -11.15 -12.13
C LEU C 400 -8.53 -10.74 -13.00
N GLN C 401 -9.75 -11.06 -12.61
CA GLN C 401 -10.92 -10.62 -13.33
C GLN C 401 -11.25 -9.18 -12.99
N GLN C 402 -11.90 -8.49 -13.90
CA GLN C 402 -12.30 -7.11 -13.67
C GLN C 402 -13.67 -6.85 -14.30
N HIS C 403 -14.47 -6.02 -13.63
CA HIS C 403 -15.80 -5.69 -14.14
C HIS C 403 -16.12 -4.25 -13.79
N MET C 404 -16.77 -3.56 -14.73
CA MET C 404 -17.13 -2.16 -14.54
C MET C 404 -18.29 -1.99 -13.58
N GLU C 405 -19.13 -3.02 -13.42
CA GLU C 405 -20.31 -2.92 -12.57
C GLU C 405 -19.93 -2.67 -11.12
N LEU C 406 -18.89 -3.32 -10.64
CA LEU C 406 -18.50 -3.14 -9.25
C LEU C 406 -17.94 -1.75 -8.98
N LEU C 407 -17.16 -1.21 -9.90
CA LEU C 407 -16.56 0.12 -9.70
C LEU C 407 -17.59 1.24 -9.61
N VAL C 408 -18.66 1.19 -10.40
CA VAL C 408 -19.65 2.27 -10.45
C VAL C 408 -20.00 2.82 -9.07
N SER C 409 -20.05 4.15 -8.97
CA SER C 409 -20.28 4.85 -7.71
C SER C 409 -21.64 5.55 -7.68
N SER C 410 -22.35 5.44 -6.56
CA SER C 410 -23.66 6.04 -6.41
C SER C 410 -23.78 6.82 -5.11
N VAL C 411 -24.28 8.05 -5.18
CA VAL C 411 -24.41 8.92 -4.01
C VAL C 411 -25.50 8.41 -3.07
N ILE C 412 -25.31 8.62 -1.77
CA ILE C 412 -26.28 8.22 -0.75
C ILE C 412 -26.81 9.44 -0.01
N PRO C 413 -28.12 9.64 0.04
CA PRO C 413 -28.69 10.79 0.77
C PRO C 413 -28.52 10.72 2.28
N LEU C 414 -28.32 11.87 2.92
CA LEU C 414 -28.16 11.91 4.36
C LEU C 414 -29.46 11.54 5.07
N MET C 415 -29.34 10.76 6.15
CA MET C 415 -30.52 10.30 6.88
C MET C 415 -31.35 11.42 7.53
N HIS C 416 -30.68 12.42 8.13
CA HIS C 416 -31.41 13.48 8.83
C HIS C 416 -31.50 14.76 8.06
N PRO C 417 -32.59 15.02 7.34
CA PRO C 417 -32.62 16.25 6.52
C PRO C 417 -32.68 17.53 7.33
N LEU C 418 -33.44 17.57 8.42
CA LEU C 418 -33.59 18.82 9.17
C LEU C 418 -32.80 18.84 10.47
N ALA C 419 -32.95 17.81 11.29
CA ALA C 419 -32.29 17.77 12.59
C ALA C 419 -30.82 18.16 12.48
N ASP C 420 -30.09 17.48 11.60
CA ASP C 420 -28.68 17.75 11.43
C ASP C 420 -28.48 18.62 10.19
N PRO C 421 -27.83 19.78 10.31
CA PRO C 421 -27.57 20.65 9.17
C PRO C 421 -26.18 20.44 8.58
N SER D 2 7.59 -10.26 23.85
CA SER D 2 8.71 -10.12 22.94
C SER D 2 10.01 -10.19 23.71
N VAL D 3 10.98 -10.90 23.16
CA VAL D 3 12.31 -11.04 23.75
C VAL D 3 13.31 -11.33 22.64
N LEU D 4 14.59 -11.23 22.96
CA LEU D 4 15.66 -11.51 22.02
C LEU D 4 16.29 -12.85 22.37
N THR D 5 16.39 -13.74 21.39
CA THR D 5 16.94 -15.08 21.59
C THR D 5 18.31 -15.22 20.96
N GLN D 6 19.27 -15.72 21.72
CA GLN D 6 20.63 -15.86 21.22
C GLN D 6 21.19 -17.20 21.71
N SER D 7 22.20 -17.70 21.00
CA SER D 7 22.75 -19.01 21.34
C SER D 7 23.38 -19.01 22.74
N PRO D 8 23.29 -20.12 23.48
CA PRO D 8 23.97 -20.14 24.79
C PRO D 8 25.48 -20.03 24.71
N SER D 9 26.13 -20.73 23.79
CA SER D 9 27.59 -20.72 23.71
C SER D 9 28.06 -21.05 22.31
N ALA D 10 29.30 -20.65 22.01
CA ALA D 10 29.92 -20.94 20.72
C ALA D 10 31.36 -21.39 20.92
N SER D 11 31.86 -22.22 20.02
CA SER D 11 33.24 -22.70 20.09
C SER D 11 33.79 -22.92 18.69
N ASP D 12 35.08 -22.65 18.49
CA ASP D 12 35.64 -22.78 17.14
C ASP D 12 37.16 -22.84 17.19
N THR D 13 37.73 -23.49 16.18
CA THR D 13 39.18 -23.60 16.06
C THR D 13 39.75 -22.24 15.67
N PRO D 14 41.01 -21.97 16.00
CA PRO D 14 41.59 -20.69 15.59
C PRO D 14 41.65 -20.57 14.07
N GLY D 15 41.70 -19.31 13.62
CA GLY D 15 41.73 -19.04 12.19
C GLY D 15 40.49 -19.50 11.46
N GLN D 16 39.32 -19.33 12.08
CA GLN D 16 38.06 -19.75 11.46
C GLN D 16 36.96 -18.74 11.73
N ARG D 17 36.13 -18.50 10.72
CA ARG D 17 35.02 -17.56 10.84
C ARG D 17 33.94 -18.09 11.78
N VAL D 18 33.49 -17.25 12.70
CA VAL D 18 32.43 -17.61 13.64
C VAL D 18 31.28 -16.64 13.46
N THR D 19 30.05 -17.15 13.48
CA THR D 19 28.87 -16.32 13.34
C THR D 19 27.94 -16.45 14.54
N ILE D 20 27.53 -15.33 15.12
CA ILE D 20 26.62 -15.29 16.25
C ILE D 20 25.33 -14.63 15.76
N SER D 21 24.19 -15.22 16.10
CA SER D 21 22.92 -14.73 15.59
C SER D 21 21.91 -14.39 16.68
N CYS D 22 21.21 -13.28 16.50
CA CYS D 22 20.14 -12.84 17.39
C CYS D 22 18.84 -12.83 16.60
N SER D 23 17.78 -13.36 17.20
CA SER D 23 16.48 -13.43 16.56
C SER D 23 15.46 -12.65 17.37
N GLY D 24 14.69 -11.80 16.69
CA GLY D 24 13.70 -10.97 17.35
C GLY D 24 12.44 -10.82 16.53
N SER D 25 11.48 -10.11 17.11
CA SER D 25 10.20 -9.89 16.46
C SER D 25 10.28 -8.74 15.46
N SER D 26 9.12 -8.34 14.93
CA SER D 26 9.07 -7.25 13.96
C SER D 26 9.35 -5.91 14.59
N SER D 27 8.92 -5.71 15.84
CA SER D 27 9.11 -4.43 16.52
C SER D 27 10.50 -4.26 17.11
N ASN D 28 11.30 -5.31 17.15
CA ASN D 28 12.64 -5.23 17.72
C ASN D 28 13.69 -4.98 16.64
N ILE D 29 13.78 -5.87 15.66
CA ILE D 29 14.83 -5.82 14.65
C ILE D 29 14.27 -5.22 13.38
N GLY D 30 13.00 -5.48 13.11
CA GLY D 30 12.41 -4.98 11.89
C GLY D 30 12.10 -3.51 11.91
N SER D 31 12.24 -2.85 13.05
CA SER D 31 11.95 -1.44 13.17
C SER D 31 13.07 -0.60 13.75
N ASN D 32 14.06 -1.20 14.40
CA ASN D 32 15.11 -0.43 15.04
C ASN D 32 16.45 -1.11 14.83
N TYR D 33 17.51 -0.34 14.97
CA TYR D 33 18.87 -0.82 14.80
C TYR D 33 19.27 -1.71 15.97
N VAL D 34 20.26 -2.58 15.70
CA VAL D 34 20.77 -3.53 16.67
C VAL D 34 22.22 -3.21 16.98
N TYR D 35 22.56 -3.20 18.27
CA TYR D 35 23.91 -2.91 18.73
C TYR D 35 24.47 -4.10 19.49
N TRP D 36 25.66 -4.55 19.09
CA TRP D 36 26.33 -5.67 19.77
C TRP D 36 27.42 -5.17 20.71
N TYR D 37 27.47 -5.71 21.92
CA TYR D 37 28.44 -5.33 22.94
C TYR D 37 29.40 -6.48 23.21
N GLN D 38 30.61 -6.14 23.66
CA GLN D 38 31.62 -7.13 24.06
C GLN D 38 32.04 -6.88 25.50
N GLN D 39 32.00 -7.92 26.33
CA GLN D 39 32.34 -7.80 27.74
C GLN D 39 33.38 -8.84 28.12
N PHE D 40 34.55 -8.37 28.54
CA PHE D 40 35.49 -9.28 29.16
C PHE D 40 35.12 -9.53 30.62
N PRO D 41 35.48 -10.67 31.17
CA PRO D 41 35.14 -10.97 32.57
C PRO D 41 35.72 -9.93 33.52
N GLY D 42 34.89 -9.52 34.49
CA GLY D 42 35.31 -8.56 35.48
C GLY D 42 35.46 -7.14 34.97
N THR D 43 34.91 -6.84 33.80
CA THR D 43 35.03 -5.51 33.23
C THR D 43 33.69 -5.07 32.68
N ALA D 44 33.50 -3.76 32.60
CA ALA D 44 32.27 -3.23 32.05
C ALA D 44 32.21 -3.48 30.55
N PRO D 45 31.03 -3.78 30.01
CA PRO D 45 30.92 -4.00 28.56
C PRO D 45 31.18 -2.74 27.77
N LYS D 46 31.63 -2.94 26.53
CA LYS D 46 31.91 -1.84 25.61
C LYS D 46 31.16 -2.09 24.31
N LEU D 47 30.85 -1.00 23.61
CA LEU D 47 30.07 -1.05 22.37
C LEU D 47 30.92 -1.51 21.19
N LEU D 48 30.81 -2.78 20.82
CA LEU D 48 31.58 -3.29 19.68
C LEU D 48 31.17 -2.66 18.35
N ILE D 49 29.88 -2.52 18.08
CA ILE D 49 29.38 -1.83 16.88
C ILE D 49 28.36 -0.77 17.26
N TYR D 50 28.54 0.45 16.75
CA TYR D 50 27.69 1.56 17.13
C TYR D 50 26.46 1.70 16.24
N LYS D 51 26.29 0.80 15.27
CA LYS D 51 25.12 0.77 14.42
C LYS D 51 25.03 -0.65 13.91
N SER D 52 23.97 -0.98 13.18
CA SER D 52 23.83 -2.37 12.76
C SER D 52 25.03 -2.81 11.94
N ASP D 53 25.55 -1.94 11.06
CA ASP D 53 26.67 -2.29 10.22
C ASP D 53 27.94 -1.51 10.51
N LYS D 54 27.82 -0.28 10.97
CA LYS D 54 28.97 0.57 11.20
C LYS D 54 29.79 0.12 12.41
N ARG D 55 31.08 0.45 12.37
CA ARG D 55 32.04 0.12 13.42
C ARG D 55 32.59 1.38 14.06
N PRO D 56 32.60 1.48 15.39
CA PRO D 56 33.24 2.64 16.02
C PRO D 56 34.74 2.53 15.90
N SER D 57 35.40 3.68 16.02
CA SER D 57 36.85 3.72 15.87
C SER D 57 37.54 2.91 16.95
N GLY D 58 38.66 2.29 16.58
CA GLY D 58 39.41 1.45 17.47
C GLY D 58 39.00 0.00 17.50
N VAL D 59 38.08 -0.41 16.64
CA VAL D 59 37.62 -1.79 16.56
C VAL D 59 38.33 -2.48 15.39
N PRO D 60 38.95 -3.63 15.61
CA PRO D 60 39.58 -4.34 14.50
C PRO D 60 38.58 -4.60 13.38
N ASP D 61 39.07 -4.55 12.14
CA ASP D 61 38.19 -4.67 10.99
C ASP D 61 37.62 -6.07 10.81
N ARG D 62 38.15 -7.08 11.50
CA ARG D 62 37.61 -8.42 11.32
C ARG D 62 36.20 -8.58 11.88
N PHE D 63 35.73 -7.65 12.70
CA PHE D 63 34.37 -7.69 13.21
C PHE D 63 33.41 -7.02 12.22
N SER D 64 32.34 -7.72 11.85
CA SER D 64 31.37 -7.16 10.93
C SER D 64 30.01 -7.78 11.19
N GLY D 65 28.97 -6.95 11.27
CA GLY D 65 27.63 -7.42 11.53
C GLY D 65 26.70 -7.15 10.35
N SER D 66 25.74 -8.04 10.17
CA SER D 66 24.76 -7.93 9.10
C SER D 66 23.38 -8.16 9.71
N THR D 67 22.38 -7.45 9.17
CA THR D 67 21.03 -7.53 9.73
C THR D 67 20.00 -8.01 8.72
N SER D 68 19.29 -9.10 9.04
CA SER D 68 18.21 -9.59 8.21
C SER D 68 16.94 -8.87 8.67
N GLY D 69 15.81 -9.09 8.00
CA GLY D 69 14.64 -8.33 8.37
C GLY D 69 14.19 -8.53 9.81
N THR D 70 14.15 -9.78 10.29
CA THR D 70 13.83 -10.03 11.68
C THR D 70 14.98 -10.59 12.51
N SER D 71 16.18 -10.71 11.96
CA SER D 71 17.28 -11.32 12.69
C SER D 71 18.57 -10.55 12.45
N ALA D 72 19.51 -10.70 13.38
CA ALA D 72 20.81 -10.05 13.24
C ALA D 72 21.89 -11.11 13.27
N SER D 73 23.10 -10.72 12.85
CA SER D 73 24.23 -11.63 12.82
C SER D 73 25.55 -10.88 12.95
N LEU D 74 26.45 -11.40 13.79
CA LEU D 74 27.77 -10.80 13.97
C LEU D 74 28.78 -11.88 13.65
N ALA D 75 29.53 -11.68 12.57
CA ALA D 75 30.52 -12.63 12.11
C ALA D 75 31.94 -12.10 12.27
N ILE D 76 32.81 -12.90 12.87
CA ILE D 76 34.22 -12.55 13.02
C ILE D 76 35.01 -13.37 12.00
N SER D 77 35.64 -12.69 11.04
CA SER D 77 36.34 -13.42 9.99
C SER D 77 37.52 -14.22 10.54
N GLY D 78 38.29 -13.63 11.46
CA GLY D 78 39.45 -14.30 12.00
C GLY D 78 39.38 -14.51 13.49
N LEU D 79 39.70 -15.71 13.95
CA LEU D 79 39.59 -16.03 15.37
C LEU D 79 40.96 -15.89 16.02
N ARG D 80 41.02 -15.12 17.10
CA ARG D 80 42.25 -14.88 17.82
C ARG D 80 42.03 -15.19 19.29
N SER D 81 43.14 -15.42 20.01
CA SER D 81 43.03 -15.74 21.43
C SER D 81 42.34 -14.64 22.22
N GLU D 82 42.35 -13.42 21.70
CA GLU D 82 41.74 -12.29 22.40
C GLU D 82 40.28 -12.11 22.07
N ASP D 83 39.73 -12.95 21.19
CA ASP D 83 38.35 -12.84 20.80
C ASP D 83 37.43 -13.59 21.74
N GLU D 84 37.97 -14.23 22.77
CA GLU D 84 37.14 -14.99 23.69
C GLU D 84 36.48 -13.99 24.64
N ALA D 85 35.17 -13.81 24.51
CA ALA D 85 34.44 -12.83 25.31
C ALA D 85 32.97 -13.17 25.24
N ASP D 86 32.18 -12.49 26.07
CA ASP D 86 30.75 -12.66 26.04
C ASP D 86 30.16 -11.55 25.18
N TYR D 87 29.32 -11.92 24.22
CA TYR D 87 28.74 -10.96 23.29
C TYR D 87 27.23 -10.82 23.53
N TYR D 88 26.76 -9.59 23.71
CA TYR D 88 25.36 -9.35 23.99
C TYR D 88 24.80 -8.38 22.95
N CYS D 89 23.63 -8.70 22.41
CA CYS D 89 22.99 -7.88 21.40
C CYS D 89 21.81 -7.14 22.02
N ALA D 90 21.68 -5.85 21.72
CA ALA D 90 20.62 -5.03 22.30
C ALA D 90 19.83 -4.31 21.20
N ALA D 91 18.52 -4.19 21.41
CA ALA D 91 17.67 -3.50 20.46
C ALA D 91 16.49 -2.86 21.19
N TRP D 92 15.92 -1.85 20.56
CA TRP D 92 14.77 -1.15 21.12
C TRP D 92 13.48 -1.82 20.69
N ASP D 93 12.47 -1.77 21.55
CA ASP D 93 11.18 -2.37 21.26
C ASP D 93 10.11 -1.29 21.32
N ASN D 94 9.46 -1.02 20.18
CA ASN D 94 8.41 -0.01 20.15
C ASN D 94 7.29 -0.31 21.14
N ARG D 95 6.74 -1.52 21.08
CA ARG D 95 5.61 -1.86 21.95
C ARG D 95 5.99 -1.84 23.42
N LEU D 96 7.13 -2.44 23.77
CA LEU D 96 7.59 -2.39 25.16
C LEU D 96 7.96 -0.99 25.61
N SER D 97 8.56 -0.20 24.72
CA SER D 97 9.08 1.12 25.02
C SER D 97 10.29 1.06 25.93
N GLY D 98 11.02 -0.06 25.86
CA GLY D 98 12.21 -0.27 26.66
C GLY D 98 13.25 -1.06 25.91
N TRP D 99 14.50 -0.90 26.33
CA TRP D 99 15.60 -1.65 25.73
C TRP D 99 15.48 -3.14 26.07
N LEU D 100 15.87 -4.00 25.13
CA LEU D 100 15.84 -5.43 25.31
C LEU D 100 17.23 -6.02 25.12
N PHE D 101 17.69 -6.81 26.08
CA PHE D 101 19.00 -7.45 26.03
C PHE D 101 18.84 -8.95 25.86
N GLY D 102 19.52 -9.52 24.87
CA GLY D 102 19.44 -10.95 24.66
C GLY D 102 20.39 -11.74 25.54
N GLY D 103 20.17 -13.05 25.55
CA GLY D 103 21.04 -13.94 26.30
C GLY D 103 22.44 -13.95 25.70
N GLY D 104 23.42 -13.55 26.50
CA GLY D 104 24.77 -13.41 25.96
C GLY D 104 25.36 -14.75 25.56
N THR D 105 25.98 -14.77 24.39
CA THR D 105 26.70 -15.95 23.92
C THR D 105 28.17 -15.85 24.33
N LYS D 106 28.71 -16.94 24.88
CA LYS D 106 30.10 -17.00 25.29
C LYS D 106 30.92 -17.75 24.24
N LEU D 107 31.88 -17.07 23.64
CA LEU D 107 32.70 -17.65 22.59
C LEU D 107 33.99 -18.15 23.20
N THR D 108 34.30 -19.42 23.00
CA THR D 108 35.54 -20.02 23.50
C THR D 108 36.36 -20.56 22.33
N VAL D 109 37.63 -20.16 22.27
CA VAL D 109 38.51 -20.66 21.22
C VAL D 109 38.81 -22.14 21.46
N LEU D 110 39.04 -22.86 20.38
CA LEU D 110 39.28 -24.29 20.48
C LEU D 110 40.63 -24.66 19.86
N SER E 2 3.41 -25.84 -7.14
CA SER E 2 3.85 -25.60 -5.77
C SER E 2 3.96 -26.92 -5.02
N VAL E 3 5.03 -27.05 -4.23
CA VAL E 3 5.28 -28.23 -3.43
C VAL E 3 6.14 -27.82 -2.24
N LEU E 4 6.24 -28.71 -1.26
CA LEU E 4 7.06 -28.49 -0.08
C LEU E 4 8.32 -29.33 -0.19
N THR E 5 9.48 -28.70 -0.03
CA THR E 5 10.76 -29.39 -0.14
C THR E 5 11.42 -29.54 1.22
N GLN E 6 11.86 -30.76 1.53
CA GLN E 6 12.48 -31.04 2.82
C GLN E 6 13.67 -31.96 2.60
N SER E 7 14.62 -31.95 3.56
CA SER E 7 15.82 -32.74 3.40
C SER E 7 15.52 -34.23 3.36
N PRO E 8 16.27 -35.02 2.58
CA PRO E 8 16.02 -36.48 2.59
C PRO E 8 16.30 -37.15 3.93
N SER E 9 17.41 -36.80 4.60
CA SER E 9 17.75 -37.46 5.86
C SER E 9 18.64 -36.55 6.71
N ALA E 10 18.65 -36.84 8.01
CA ALA E 10 19.50 -36.09 8.96
C ALA E 10 20.17 -37.05 9.92
N SER E 11 21.36 -36.68 10.40
CA SER E 11 22.09 -37.51 11.34
C SER E 11 22.89 -36.63 12.30
N ASP E 12 23.00 -37.05 13.56
CA ASP E 12 23.70 -36.20 14.54
C ASP E 12 24.10 -37.01 15.77
N THR E 13 25.16 -36.54 16.42
CA THR E 13 25.64 -37.18 17.64
C THR E 13 24.66 -36.88 18.78
N PRO E 14 24.60 -37.74 19.79
CA PRO E 14 23.71 -37.45 20.92
C PRO E 14 24.10 -36.16 21.63
N GLY E 15 23.12 -35.58 22.30
CA GLY E 15 23.34 -34.34 23.02
C GLY E 15 23.69 -33.18 22.11
N GLN E 16 23.07 -33.10 20.94
CA GLN E 16 23.36 -32.02 20.00
C GLN E 16 22.08 -31.53 19.33
N ARG E 17 22.00 -30.23 19.14
CA ARG E 17 20.84 -29.60 18.49
C ARG E 17 20.77 -29.97 17.02
N VAL E 18 19.59 -30.38 16.57
CA VAL E 18 19.35 -30.72 15.17
C VAL E 18 18.25 -29.82 14.64
N THR E 19 18.42 -29.33 13.41
CA THR E 19 17.43 -28.48 12.78
C THR E 19 16.94 -29.07 11.46
N ILE E 20 15.62 -29.16 11.30
CA ILE E 20 15.00 -29.65 10.08
C ILE E 20 14.26 -28.50 9.44
N SER E 21 14.41 -28.33 8.13
CA SER E 21 13.83 -27.17 7.45
C SER E 21 12.93 -27.55 6.29
N CYS E 22 11.81 -26.85 6.18
CA CYS E 22 10.85 -27.00 5.09
C CYS E 22 10.80 -25.69 4.32
N SER E 23 10.84 -25.77 3.00
CA SER E 23 10.80 -24.59 2.14
C SER E 23 9.58 -24.64 1.25
N GLY E 24 8.83 -23.53 1.19
CA GLY E 24 7.63 -23.46 0.39
C GLY E 24 7.46 -22.11 -0.27
N SER E 25 6.40 -22.00 -1.06
CA SER E 25 6.11 -20.77 -1.79
C SER E 25 5.41 -19.77 -0.89
N SER E 26 4.94 -18.67 -1.50
CA SER E 26 4.25 -17.63 -0.74
C SER E 26 2.87 -18.07 -0.28
N SER E 27 2.19 -18.89 -1.08
CA SER E 27 0.83 -19.33 -0.75
C SER E 27 0.81 -20.48 0.25
N ASN E 28 1.95 -21.10 0.51
CA ASN E 28 2.02 -22.24 1.44
C ASN E 28 2.39 -21.78 2.85
N ILE E 29 3.53 -21.16 3.00
CA ILE E 29 4.07 -20.81 4.31
C ILE E 29 3.80 -19.35 4.58
N GLY E 30 3.83 -18.54 3.54
CA GLY E 30 3.64 -17.12 3.72
C GLY E 30 2.21 -16.71 3.99
N SER E 31 1.27 -17.64 3.88
CA SER E 31 -0.14 -17.35 4.09
C SER E 31 -0.82 -18.25 5.11
N ASN E 32 -0.26 -19.40 5.45
CA ASN E 32 -0.92 -20.33 6.35
C ASN E 32 0.09 -20.93 7.30
N TYR E 33 -0.42 -21.44 8.42
CA TYR E 33 0.40 -22.05 9.44
C TYR E 33 0.94 -23.40 8.98
N VAL E 34 2.04 -23.81 9.59
CA VAL E 34 2.72 -25.06 9.27
C VAL E 34 2.68 -25.99 10.48
N TYR E 35 2.32 -27.25 10.24
CA TYR E 35 2.22 -28.26 11.29
C TYR E 35 3.21 -29.38 11.01
N TRP E 36 4.03 -29.73 12.01
CA TRP E 36 4.98 -30.82 11.89
C TRP E 36 4.47 -32.07 12.61
N TYR E 37 4.58 -33.21 11.94
CA TYR E 37 4.14 -34.51 12.47
C TYR E 37 5.33 -35.41 12.75
N GLN E 38 5.16 -36.34 13.70
CA GLN E 38 6.16 -37.34 14.01
C GLN E 38 5.56 -38.73 13.88
N GLN E 39 6.24 -39.59 13.13
CA GLN E 39 5.75 -40.94 12.86
C GLN E 39 6.82 -41.97 13.20
N PHE E 40 6.53 -42.83 14.18
CA PHE E 40 7.39 -43.98 14.38
C PHE E 40 7.04 -45.09 13.39
N PRO E 41 8.01 -45.93 13.05
CA PRO E 41 7.73 -47.00 12.08
C PRO E 41 6.61 -47.93 12.55
N GLY E 42 5.73 -48.26 11.61
CA GLY E 42 4.62 -49.14 11.90
C GLY E 42 3.52 -48.54 12.75
N THR E 43 3.50 -47.21 12.88
CA THR E 43 2.49 -46.55 13.70
C THR E 43 1.95 -45.34 12.96
N ALA E 44 0.75 -44.94 13.32
CA ALA E 44 0.15 -43.78 12.69
C ALA E 44 0.86 -42.51 13.17
N PRO E 45 1.02 -41.52 12.31
CA PRO E 45 1.67 -40.28 12.72
C PRO E 45 0.84 -39.51 13.74
N LYS E 46 1.52 -38.71 14.54
CA LYS E 46 0.90 -37.88 15.55
C LYS E 46 1.36 -36.44 15.35
N LEU E 47 0.52 -35.50 15.79
CA LEU E 47 0.80 -34.07 15.63
C LEU E 47 1.80 -33.56 16.65
N LEU E 48 3.07 -33.42 16.25
CA LEU E 48 4.07 -32.92 17.17
C LEU E 48 3.84 -31.48 17.62
N ILE E 49 3.49 -30.57 16.69
CA ILE E 49 3.13 -29.19 17.03
C ILE E 49 1.80 -28.82 16.40
N TYR E 50 0.90 -28.27 17.20
CA TYR E 50 -0.45 -27.96 16.72
C TYR E 50 -0.57 -26.58 16.11
N LYS E 51 0.52 -25.83 16.04
CA LYS E 51 0.56 -24.53 15.41
C LYS E 51 2.00 -24.30 15.03
N SER E 52 2.29 -23.21 14.33
CA SER E 52 3.67 -23.03 13.87
C SER E 52 4.62 -23.00 15.06
N ASP E 53 4.23 -22.36 16.15
CA ASP E 53 5.10 -22.26 17.33
C ASP E 53 4.59 -23.01 18.54
N LYS E 54 3.28 -23.12 18.70
CA LYS E 54 2.69 -23.73 19.88
C LYS E 54 2.91 -25.24 19.91
N ARG E 55 2.93 -25.79 21.12
CA ARG E 55 3.11 -27.21 21.37
C ARG E 55 1.88 -27.81 22.03
N PRO E 56 1.36 -28.93 21.54
CA PRO E 56 0.24 -29.57 22.22
C PRO E 56 0.73 -30.23 23.49
N SER E 57 -0.21 -30.46 24.41
CA SER E 57 0.15 -31.04 25.69
C SER E 57 0.72 -32.45 25.53
N GLY E 58 1.66 -32.79 26.39
CA GLY E 58 2.32 -34.08 26.35
C GLY E 58 3.53 -34.15 25.46
N VAL E 59 3.97 -33.03 24.91
CA VAL E 59 5.17 -32.98 24.06
C VAL E 59 6.33 -32.46 24.88
N PRO E 60 7.46 -33.16 24.90
CA PRO E 60 8.63 -32.64 25.63
C PRO E 60 8.99 -31.25 25.15
N ASP E 61 9.47 -30.42 26.08
CA ASP E 61 9.75 -29.04 25.77
C ASP E 61 10.96 -28.83 24.87
N ARG E 62 11.78 -29.86 24.65
CA ARG E 62 12.93 -29.69 23.79
C ARG E 62 12.57 -29.50 22.32
N PHE E 63 11.33 -29.79 21.93
CA PHE E 63 10.88 -29.55 20.57
C PHE E 63 10.37 -28.13 20.43
N SER E 64 10.87 -27.42 19.42
CA SER E 64 10.43 -26.05 19.19
C SER E 64 10.59 -25.71 17.72
N GLY E 65 9.56 -25.12 17.12
CA GLY E 65 9.58 -24.75 15.73
C GLY E 65 9.50 -23.25 15.53
N SER E 66 10.15 -22.77 14.47
CA SER E 66 10.17 -21.35 14.12
C SER E 66 9.85 -21.24 12.64
N THR E 67 9.15 -20.16 12.28
CA THR E 67 8.71 -19.98 10.90
C THR E 67 9.24 -18.69 10.27
N SER E 68 9.96 -18.82 9.16
CA SER E 68 10.43 -17.66 8.41
C SER E 68 9.32 -17.30 7.43
N GLY E 69 9.47 -16.20 6.67
CA GLY E 69 8.36 -15.81 5.81
C GLY E 69 7.98 -16.85 4.77
N THR E 70 8.96 -17.46 4.10
CA THR E 70 8.66 -18.52 3.16
C THR E 70 9.16 -19.90 3.57
N SER E 71 9.75 -20.04 4.76
CA SER E 71 10.32 -21.33 5.16
C SER E 71 10.01 -21.61 6.63
N ALA E 72 10.05 -22.89 6.98
CA ALA E 72 9.81 -23.30 8.35
C ALA E 72 11.04 -24.06 8.86
N SER E 73 11.09 -24.22 10.19
CA SER E 73 12.21 -24.91 10.82
C SER E 73 11.80 -25.55 12.13
N LEU E 74 12.21 -26.80 12.35
CA LEU E 74 11.92 -27.50 13.60
C LEU E 74 13.25 -27.92 14.19
N ALA E 75 13.59 -27.33 15.33
CA ALA E 75 14.85 -27.60 16.01
C ALA E 75 14.65 -28.34 17.31
N ILE E 76 15.39 -29.42 17.51
CA ILE E 76 15.35 -30.18 18.76
C ILE E 76 16.62 -29.85 19.53
N SER E 77 16.46 -29.22 20.70
CA SER E 77 17.64 -28.81 21.46
C SER E 77 18.48 -30.00 21.93
N GLY E 78 17.82 -31.05 22.41
CA GLY E 78 18.53 -32.21 22.92
C GLY E 78 18.22 -33.48 22.16
N LEU E 79 19.23 -34.25 21.81
CA LEU E 79 19.04 -35.45 21.02
C LEU E 79 19.02 -36.66 21.96
N ARG E 80 17.98 -37.46 21.84
CA ARG E 80 17.81 -38.65 22.67
C ARG E 80 17.57 -39.85 21.76
N SER E 81 17.81 -41.05 22.30
CA SER E 81 17.61 -42.26 21.52
C SER E 81 16.18 -42.40 21.02
N GLU E 82 15.23 -41.74 21.67
CA GLU E 82 13.83 -41.85 21.30
C GLU E 82 13.43 -40.80 20.27
N ASP E 83 14.35 -39.94 19.87
CA ASP E 83 14.04 -38.90 18.92
C ASP E 83 14.21 -39.37 17.49
N GLU E 84 14.59 -40.63 17.28
CA GLU E 84 14.79 -41.14 15.93
C GLU E 84 13.41 -41.45 15.35
N ALA E 85 12.97 -40.65 14.37
CA ALA E 85 11.65 -40.80 13.80
C ALA E 85 11.63 -40.08 12.47
N ASP E 86 10.55 -40.28 11.73
CA ASP E 86 10.38 -39.57 10.47
C ASP E 86 9.51 -38.36 10.73
N TYR E 87 9.96 -37.19 10.29
CA TYR E 87 9.24 -35.94 10.53
C TYR E 87 8.68 -35.37 9.23
N TYR E 88 7.38 -35.08 9.21
CA TYR E 88 6.74 -34.58 8.01
C TYR E 88 6.06 -33.26 8.31
N CYS E 89 6.25 -32.27 7.44
CA CYS E 89 5.67 -30.94 7.62
C CYS E 89 4.52 -30.76 6.65
N ALA E 90 3.40 -30.22 7.13
CA ALA E 90 2.22 -30.03 6.30
C ALA E 90 1.73 -28.59 6.35
N ALA E 91 1.25 -28.09 5.21
CA ALA E 91 0.72 -26.74 5.15
C ALA E 91 -0.38 -26.67 4.09
N TRP E 92 -1.24 -25.68 4.23
CA TRP E 92 -2.33 -25.47 3.30
C TRP E 92 -1.88 -24.56 2.16
N ASP E 93 -2.44 -24.79 0.98
CA ASP E 93 -2.11 -24.01 -0.21
C ASP E 93 -3.37 -23.35 -0.71
N ASN E 94 -3.40 -22.02 -0.70
CA ASN E 94 -4.56 -21.30 -1.21
C ASN E 94 -4.87 -21.64 -2.65
N ARG E 95 -3.88 -21.53 -3.54
CA ARG E 95 -4.12 -21.77 -4.96
C ARG E 95 -4.53 -23.21 -5.23
N LEU E 96 -3.83 -24.17 -4.64
CA LEU E 96 -4.22 -25.56 -4.82
C LEU E 96 -5.56 -25.89 -4.17
N SER E 97 -5.85 -25.29 -3.02
CA SER E 97 -7.04 -25.56 -2.23
C SER E 97 -6.98 -26.96 -1.62
N GLY E 98 -5.76 -27.45 -1.40
CA GLY E 98 -5.56 -28.76 -0.78
C GLY E 98 -4.34 -28.77 0.11
N TRP E 99 -4.32 -29.73 1.03
CA TRP E 99 -3.19 -29.90 1.92
C TRP E 99 -1.97 -30.38 1.14
N LEU E 100 -0.78 -29.92 1.55
CA LEU E 100 0.48 -30.32 0.93
C LEU E 100 1.40 -30.95 1.96
N PHE E 101 1.92 -32.13 1.65
CA PHE E 101 2.83 -32.84 2.54
C PHE E 101 4.22 -32.88 1.93
N GLY E 102 5.22 -32.48 2.70
CA GLY E 102 6.58 -32.50 2.20
C GLY E 102 7.24 -33.87 2.34
N GLY E 103 8.39 -34.00 1.69
CA GLY E 103 9.16 -35.22 1.78
C GLY E 103 9.70 -35.42 3.19
N GLY E 104 9.30 -36.50 3.84
CA GLY E 104 9.67 -36.68 5.24
C GLY E 104 11.16 -36.87 5.41
N THR E 105 11.72 -36.19 6.40
CA THR E 105 13.12 -36.36 6.76
C THR E 105 13.24 -37.40 7.86
N LYS E 106 14.18 -38.33 7.69
CA LYS E 106 14.44 -39.38 8.66
C LYS E 106 15.66 -39.02 9.50
N LEU E 107 15.46 -38.87 10.80
CA LEU E 107 16.54 -38.48 11.71
C LEU E 107 17.09 -39.74 12.37
N THR E 108 18.39 -39.94 12.24
CA THR E 108 19.08 -41.07 12.86
C THR E 108 20.14 -40.58 13.82
N VAL E 109 20.11 -41.10 15.05
CA VAL E 109 21.11 -40.72 16.04
C VAL E 109 22.45 -41.33 15.65
N LEU E 110 23.52 -40.65 16.03
CA LEU E 110 24.86 -41.11 15.67
C LEU E 110 25.72 -41.31 16.90
N SER F 2 26.72 -0.13 -3.57
CA SER F 2 26.17 -1.48 -3.69
C SER F 2 27.16 -2.40 -4.37
N VAL F 3 27.27 -3.62 -3.85
CA VAL F 3 28.16 -4.64 -4.40
C VAL F 3 27.60 -6.00 -4.02
N LEU F 4 28.13 -7.04 -4.66
CA LEU F 4 27.72 -8.42 -4.38
C LEU F 4 28.83 -9.09 -3.57
N THR F 5 28.47 -9.69 -2.44
CA THR F 5 29.43 -10.34 -1.56
C THR F 5 29.30 -11.86 -1.64
N GLN F 6 30.41 -12.56 -1.83
CA GLN F 6 30.39 -14.01 -1.94
C GLN F 6 31.58 -14.58 -1.17
N SER F 7 31.48 -15.85 -0.78
CA SER F 7 32.54 -16.45 0.01
C SER F 7 33.85 -16.52 -0.76
N PRO F 8 35.00 -16.36 -0.09
CA PRO F 8 36.28 -16.51 -0.82
C PRO F 8 36.52 -17.91 -1.37
N SER F 9 36.25 -18.96 -0.60
CA SER F 9 36.52 -20.32 -1.06
C SER F 9 35.63 -21.32 -0.35
N ALA F 10 35.47 -22.49 -0.98
CA ALA F 10 34.67 -23.57 -0.41
C ALA F 10 35.40 -24.90 -0.57
N SER F 11 35.17 -25.83 0.36
CA SER F 11 35.81 -27.14 0.29
C SER F 11 34.88 -28.20 0.87
N ASP F 12 34.88 -29.41 0.30
CA ASP F 12 33.96 -30.43 0.78
C ASP F 12 34.39 -31.82 0.32
N THR F 13 34.00 -32.81 1.11
CA THR F 13 34.30 -34.20 0.78
C THR F 13 33.43 -34.63 -0.40
N PRO F 14 33.87 -35.61 -1.18
CA PRO F 14 33.04 -36.08 -2.29
C PRO F 14 31.73 -36.66 -1.80
N GLY F 15 30.74 -36.64 -2.69
CA GLY F 15 29.42 -37.15 -2.36
C GLY F 15 28.73 -36.35 -1.27
N GLN F 16 28.89 -35.03 -1.28
CA GLN F 16 28.28 -34.18 -0.28
C GLN F 16 27.75 -32.90 -0.89
N ARG F 17 26.58 -32.47 -0.41
CA ARG F 17 25.96 -31.24 -0.89
C ARG F 17 26.75 -30.01 -0.48
N VAL F 18 27.00 -29.11 -1.43
CA VAL F 18 27.71 -27.87 -1.16
C VAL F 18 26.80 -26.71 -1.55
N THR F 19 26.78 -25.66 -0.72
CA THR F 19 25.98 -24.48 -0.99
C THR F 19 26.83 -23.22 -1.07
N ILE F 20 26.66 -22.45 -2.13
CA ILE F 20 27.37 -21.19 -2.33
C ILE F 20 26.33 -20.08 -2.27
N SER F 21 26.63 -19.01 -1.54
CA SER F 21 25.65 -17.95 -1.34
C SER F 21 26.17 -16.57 -1.75
N CYS F 22 25.30 -15.81 -2.41
CA CYS F 22 25.57 -14.43 -2.80
C CYS F 22 24.61 -13.52 -2.06
N SER F 23 25.11 -12.43 -1.51
CA SER F 23 24.29 -11.48 -0.76
C SER F 23 24.35 -10.11 -1.44
N GLY F 24 23.17 -9.51 -1.64
CA GLY F 24 23.10 -8.22 -2.31
C GLY F 24 22.03 -7.33 -1.68
N SER F 25 21.93 -6.12 -2.21
CA SER F 25 20.98 -5.14 -1.72
C SER F 25 19.59 -5.38 -2.32
N SER F 26 18.68 -4.45 -2.08
CA SER F 26 17.32 -4.56 -2.59
C SER F 26 17.26 -4.35 -4.09
N SER F 27 18.11 -3.48 -4.63
CA SER F 27 18.09 -3.18 -6.05
C SER F 27 18.82 -4.21 -6.89
N ASN F 28 19.57 -5.11 -6.26
CA ASN F 28 20.33 -6.12 -7.00
C ASN F 28 19.55 -7.42 -7.12
N ILE F 29 19.19 -8.01 -5.98
CA ILE F 29 18.58 -9.33 -5.96
C ILE F 29 17.08 -9.18 -5.76
N GLY F 30 16.67 -8.16 -5.03
CA GLY F 30 15.27 -7.98 -4.76
C GLY F 30 14.48 -7.42 -5.92
N SER F 31 15.15 -7.04 -7.00
CA SER F 31 14.48 -6.48 -8.16
C SER F 31 14.83 -7.15 -9.48
N ASN F 32 15.91 -7.92 -9.55
CA ASN F 32 16.32 -8.52 -10.81
C ASN F 32 16.80 -9.94 -10.57
N TYR F 33 16.78 -10.72 -11.64
CA TYR F 33 17.20 -12.12 -11.59
C TYR F 33 18.71 -12.22 -11.43
N VAL F 34 19.15 -13.36 -10.90
CA VAL F 34 20.56 -13.65 -10.65
C VAL F 34 21.01 -14.81 -11.52
N TYR F 35 22.16 -14.65 -12.17
CA TYR F 35 22.73 -15.67 -13.04
C TYR F 35 24.08 -16.12 -12.51
N TRP F 36 24.26 -17.42 -12.36
CA TRP F 36 25.53 -17.99 -11.90
C TRP F 36 26.32 -18.56 -13.06
N TYR F 37 27.62 -18.26 -13.11
CA TYR F 37 28.53 -18.71 -14.16
C TYR F 37 29.54 -19.69 -13.60
N GLN F 38 30.04 -20.57 -14.45
CA GLN F 38 31.10 -21.52 -14.11
C GLN F 38 32.28 -21.35 -15.05
N GLN F 39 33.48 -21.19 -14.48
CA GLN F 39 34.68 -20.97 -15.26
C GLN F 39 35.76 -21.96 -14.88
N PHE F 40 36.17 -22.80 -15.83
CA PHE F 40 37.36 -23.60 -15.60
C PHE F 40 38.61 -22.77 -15.87
N PRO F 41 39.72 -23.10 -15.23
CA PRO F 41 40.96 -22.34 -15.44
C PRO F 41 41.38 -22.33 -16.90
N GLY F 42 41.80 -21.16 -17.38
CA GLY F 42 42.26 -21.00 -18.74
C GLY F 42 41.18 -21.09 -19.79
N THR F 43 39.91 -20.96 -19.39
CA THR F 43 38.80 -21.04 -20.33
C THR F 43 37.80 -19.94 -20.04
N ALA F 44 37.04 -19.57 -21.07
CA ALA F 44 36.04 -18.54 -20.89
C ALA F 44 34.89 -19.08 -20.06
N PRO F 45 34.29 -18.26 -19.20
CA PRO F 45 33.17 -18.71 -18.39
C PRO F 45 31.95 -19.03 -19.23
N LYS F 46 31.11 -19.92 -18.70
CA LYS F 46 29.88 -20.31 -19.35
C LYS F 46 28.72 -20.13 -18.37
N LEU F 47 27.53 -19.92 -18.90
CA LEU F 47 26.33 -19.67 -18.10
C LEU F 47 25.77 -20.95 -17.51
N LEU F 48 26.07 -21.21 -16.22
CA LEU F 48 25.54 -22.40 -15.58
C LEU F 48 24.01 -22.41 -15.45
N ILE F 49 23.41 -21.30 -15.04
CA ILE F 49 21.96 -21.17 -14.98
C ILE F 49 21.50 -19.91 -15.70
N TYR F 50 20.53 -20.04 -16.59
CA TYR F 50 20.08 -18.93 -17.42
C TYR F 50 18.99 -18.11 -16.77
N LYS F 51 18.58 -18.46 -15.57
CA LYS F 51 17.59 -17.69 -14.81
C LYS F 51 17.85 -18.06 -13.36
N SER F 52 17.14 -17.41 -12.44
CA SER F 52 17.44 -17.67 -11.04
C SER F 52 17.25 -19.15 -10.71
N ASP F 53 16.21 -19.78 -11.26
CA ASP F 53 15.94 -21.18 -10.98
C ASP F 53 16.12 -22.10 -12.18
N LYS F 54 15.86 -21.61 -13.38
CA LYS F 54 15.92 -22.42 -14.58
C LYS F 54 17.35 -22.82 -14.94
N ARG F 55 17.46 -23.95 -15.63
CA ARG F 55 18.73 -24.51 -16.08
C ARG F 55 18.78 -24.57 -17.60
N PRO F 56 19.84 -24.08 -18.23
CA PRO F 56 19.95 -24.23 -19.68
C PRO F 56 20.27 -25.66 -20.04
N SER F 57 19.96 -26.03 -21.28
CA SER F 57 20.16 -27.40 -21.72
C SER F 57 21.63 -27.78 -21.68
N GLY F 58 21.89 -29.04 -21.36
CA GLY F 58 23.24 -29.56 -21.26
C GLY F 58 23.87 -29.42 -19.90
N VAL F 59 23.12 -28.96 -18.90
CA VAL F 59 23.63 -28.82 -17.55
C VAL F 59 23.16 -30.00 -16.71
N PRO F 60 24.05 -30.71 -16.02
CA PRO F 60 23.62 -31.81 -15.16
C PRO F 60 22.58 -31.34 -14.15
N ASP F 61 21.63 -32.22 -13.85
CA ASP F 61 20.52 -31.86 -12.98
C ASP F 61 20.91 -31.65 -11.53
N ARG F 62 22.11 -32.05 -11.13
CA ARG F 62 22.49 -31.86 -9.74
C ARG F 62 22.71 -30.39 -9.37
N PHE F 63 22.82 -29.50 -10.35
CA PHE F 63 22.94 -28.07 -10.08
C PHE F 63 21.56 -27.45 -9.94
N SER F 64 21.34 -26.72 -8.85
CA SER F 64 20.06 -26.07 -8.63
C SER F 64 20.26 -24.83 -7.77
N GLY F 65 19.67 -23.72 -8.18
CA GLY F 65 19.79 -22.47 -7.45
C GLY F 65 18.45 -22.00 -6.91
N SER F 66 18.51 -21.33 -5.76
CA SER F 66 17.32 -20.81 -5.09
C SER F 66 17.61 -19.37 -4.70
N THR F 67 16.58 -18.52 -4.76
CA THR F 67 16.76 -17.09 -4.49
C THR F 67 15.90 -16.59 -3.33
N SER F 68 16.54 -16.02 -2.32
CA SER F 68 15.83 -15.42 -1.20
C SER F 68 15.56 -13.97 -1.59
N GLY F 69 14.84 -13.21 -0.76
CA GLY F 69 14.49 -11.86 -1.19
C GLY F 69 15.70 -10.97 -1.46
N THR F 70 16.70 -11.00 -0.58
CA THR F 70 17.91 -10.22 -0.83
C THR F 70 19.15 -11.07 -1.06
N SER F 71 19.04 -12.39 -1.11
CA SER F 71 20.21 -13.24 -1.25
C SER F 71 19.94 -14.38 -2.22
N ALA F 72 21.01 -14.93 -2.78
CA ALA F 72 20.89 -16.05 -3.70
C ALA F 72 21.69 -17.22 -3.16
N SER F 73 21.43 -18.41 -3.71
CA SER F 73 22.13 -19.62 -3.28
C SER F 73 22.19 -20.64 -4.40
N LEU F 74 23.36 -21.26 -4.59
CA LEU F 74 23.53 -22.29 -5.60
C LEU F 74 24.04 -23.52 -4.88
N ALA F 75 23.22 -24.57 -4.86
CA ALA F 75 23.53 -25.81 -4.17
C ALA F 75 23.74 -26.96 -5.15
N ILE F 76 24.84 -27.67 -4.99
CA ILE F 76 25.13 -28.84 -5.81
C ILE F 76 24.87 -30.08 -4.95
N SER F 77 23.88 -30.89 -5.34
CA SER F 77 23.54 -32.04 -4.51
C SER F 77 24.67 -33.05 -4.44
N GLY F 78 25.33 -33.32 -5.56
CA GLY F 78 26.38 -34.32 -5.59
C GLY F 78 27.72 -33.74 -5.99
N LEU F 79 28.77 -34.07 -5.26
CA LEU F 79 30.10 -33.52 -5.53
C LEU F 79 30.89 -34.51 -6.36
N ARG F 80 31.43 -34.04 -7.47
CA ARG F 80 32.21 -34.86 -8.37
C ARG F 80 33.55 -34.19 -8.64
N SER F 81 34.54 -34.98 -9.09
CA SER F 81 35.85 -34.42 -9.37
C SER F 81 35.80 -33.32 -10.40
N GLU F 82 34.77 -33.29 -11.24
CA GLU F 82 34.67 -32.29 -12.30
C GLU F 82 33.95 -31.04 -11.84
N ASP F 83 33.50 -31.00 -10.59
CA ASP F 83 32.77 -29.86 -10.07
C ASP F 83 33.71 -28.81 -9.51
N GLU F 84 35.03 -29.03 -9.57
CA GLU F 84 35.96 -28.07 -9.02
C GLU F 84 36.12 -26.95 -10.05
N ALA F 85 35.61 -25.77 -9.73
CA ALA F 85 35.62 -24.65 -10.65
C ALA F 85 35.38 -23.38 -9.86
N ASP F 86 35.55 -22.25 -10.52
CA ASP F 86 35.27 -20.97 -9.90
C ASP F 86 33.86 -20.55 -10.31
N TYR F 87 33.04 -20.20 -9.33
CA TYR F 87 31.65 -19.83 -9.58
C TYR F 87 31.42 -18.35 -9.31
N TYR F 88 30.85 -17.63 -10.29
CA TYR F 88 30.64 -16.20 -10.16
C TYR F 88 29.16 -15.90 -10.38
N CYS F 89 28.58 -15.08 -9.51
CA CYS F 89 27.17 -14.72 -9.59
C CYS F 89 27.05 -13.28 -10.10
N ALA F 90 26.13 -13.05 -11.04
CA ALA F 90 25.96 -11.72 -11.61
C ALA F 90 24.51 -11.27 -11.53
N ALA F 91 24.31 -9.98 -11.29
CA ALA F 91 22.97 -9.43 -11.22
C ALA F 91 22.98 -7.98 -11.69
N TRP F 92 21.83 -7.50 -12.11
CA TRP F 92 21.69 -6.13 -12.56
C TRP F 92 21.33 -5.23 -11.40
N ASP F 93 21.79 -3.98 -11.46
CA ASP F 93 21.53 -2.99 -10.42
C ASP F 93 20.80 -1.82 -11.02
N ASN F 94 19.56 -1.59 -10.58
CA ASN F 94 18.80 -0.46 -11.09
C ASN F 94 19.51 0.87 -10.87
N ARG F 95 19.91 1.15 -9.63
CA ARG F 95 20.54 2.43 -9.34
C ARG F 95 21.85 2.62 -10.08
N LEU F 96 22.71 1.61 -10.08
CA LEU F 96 23.96 1.71 -10.82
C LEU F 96 23.74 1.76 -12.34
N SER F 97 22.74 1.03 -12.84
CA SER F 97 22.47 0.89 -14.27
C SER F 97 23.56 0.10 -14.96
N GLY F 98 24.22 -0.78 -14.21
CA GLY F 98 25.27 -1.63 -14.76
C GLY F 98 25.29 -2.99 -14.10
N TRP F 99 25.87 -3.96 -14.82
CA TRP F 99 25.99 -5.30 -14.28
C TRP F 99 26.98 -5.32 -13.12
N LEU F 100 26.69 -6.18 -12.14
CA LEU F 100 27.56 -6.34 -10.97
C LEU F 100 28.01 -7.78 -10.83
N PHE F 101 29.32 -7.99 -10.70
CA PHE F 101 29.89 -9.32 -10.56
C PHE F 101 30.45 -9.49 -9.15
N GLY F 102 30.07 -10.57 -8.49
CA GLY F 102 30.56 -10.81 -7.15
C GLY F 102 31.92 -11.50 -7.14
N GLY F 103 32.53 -11.53 -5.96
CA GLY F 103 33.80 -12.21 -5.79
C GLY F 103 33.64 -13.70 -5.98
N GLY F 104 34.33 -14.25 -6.97
CA GLY F 104 34.14 -15.65 -7.31
C GLY F 104 34.61 -16.57 -6.20
N THR F 105 33.79 -17.57 -5.89
CA THR F 105 34.15 -18.61 -4.93
C THR F 105 34.79 -19.78 -5.65
N LYS F 106 35.90 -20.26 -5.12
CA LYS F 106 36.61 -21.40 -5.69
C LYS F 106 36.30 -22.65 -4.88
N LEU F 107 35.69 -23.64 -5.53
CA LEU F 107 35.29 -24.87 -4.86
C LEU F 107 36.36 -25.92 -5.12
N THR F 108 36.89 -26.50 -4.05
CA THR F 108 37.89 -27.56 -4.14
C THR F 108 37.38 -28.82 -3.47
N VAL F 109 37.44 -29.94 -4.19
CA VAL F 109 37.01 -31.21 -3.62
C VAL F 109 38.01 -31.65 -2.56
N LEU F 110 37.51 -32.39 -1.58
CA LEU F 110 38.36 -32.82 -0.46
C LEU F 110 38.35 -34.33 -0.33
N GLN G 1 36.05 11.64 25.62
CA GLN G 1 36.48 12.54 26.69
C GLN G 1 35.65 12.36 27.95
N VAL G 2 34.32 12.38 27.80
CA VAL G 2 33.45 12.27 28.95
C VAL G 2 33.55 10.89 29.58
N HIS G 3 33.53 10.84 30.90
CA HIS G 3 33.60 9.59 31.64
C HIS G 3 32.75 9.71 32.89
N LEU G 4 32.21 8.58 33.34
CA LEU G 4 31.32 8.57 34.48
C LEU G 4 31.91 7.73 35.60
N GLN G 5 31.66 8.13 36.85
CA GLN G 5 32.10 7.36 38.00
C GLN G 5 30.94 7.09 38.94
N GLU G 6 30.70 5.82 39.25
CA GLU G 6 29.66 5.40 40.17
C GLU G 6 30.10 5.54 41.62
N SER G 7 29.16 5.90 42.48
CA SER G 7 29.41 6.00 43.91
C SER G 7 28.20 5.47 44.67
N GLY G 8 28.45 4.94 45.87
CA GLY G 8 27.36 4.49 46.72
C GLY G 8 27.70 3.36 47.67
N PRO G 9 26.69 2.91 48.41
CA PRO G 9 26.90 1.82 49.39
C PRO G 9 27.21 0.50 48.72
N GLY G 10 28.06 -0.29 49.37
CA GLY G 10 28.45 -1.59 48.87
C GLY G 10 27.60 -2.72 49.42
N LEU G 11 27.21 -2.63 50.69
CA LEU G 11 26.36 -3.62 51.31
C LEU G 11 25.18 -2.92 51.94
N VAL G 12 24.02 -3.56 51.91
CA VAL G 12 22.79 -3.00 52.45
C VAL G 12 21.97 -4.12 53.09
N LYS G 13 21.37 -3.83 54.23
CA LYS G 13 20.52 -4.79 54.88
C LYS G 13 19.21 -4.93 54.11
N PRO G 14 18.53 -6.07 54.24
CA PRO G 14 17.24 -6.23 53.57
C PRO G 14 16.20 -5.27 54.11
N SER G 15 15.23 -4.94 53.25
CA SER G 15 14.13 -4.02 53.52
C SER G 15 14.58 -2.57 53.63
N GLU G 16 15.78 -2.24 53.16
CA GLU G 16 16.24 -0.86 53.15
C GLU G 16 16.21 -0.32 51.71
N THR G 17 17.00 0.70 51.44
CA THR G 17 17.03 1.35 50.14
C THR G 17 18.46 1.53 49.65
N LEU G 18 18.60 1.69 48.34
CA LEU G 18 19.88 1.92 47.69
C LEU G 18 19.99 3.38 47.26
N SER G 19 21.13 4.01 47.54
CA SER G 19 21.35 5.41 47.26
C SER G 19 22.41 5.64 46.17
N LEU G 20 22.60 4.69 45.27
CA LEU G 20 23.66 4.81 44.28
C LEU G 20 23.54 6.06 43.42
N THR G 21 24.66 6.75 43.23
CA THR G 21 24.71 7.98 42.45
C THR G 21 25.99 7.98 41.62
N CYS G 22 25.91 8.50 40.39
CA CYS G 22 27.11 8.64 39.57
C CYS G 22 27.21 10.05 39.01
N THR G 23 28.44 10.50 38.83
CA THR G 23 28.77 11.84 38.38
C THR G 23 29.19 11.85 36.92
N VAL G 24 28.99 12.99 36.27
CA VAL G 24 29.37 13.20 34.88
C VAL G 24 30.41 14.30 34.84
N SER G 25 31.53 14.04 34.17
CA SER G 25 32.63 15.00 34.10
C SER G 25 33.14 15.13 32.68
N GLY G 26 33.36 16.38 32.24
CA GLY G 26 33.88 16.66 30.93
C GLY G 26 32.86 17.05 29.87
N ASP G 27 31.57 17.00 30.18
CA ASP G 27 30.57 17.34 29.17
C ASP G 27 29.28 17.70 29.87
N SER G 28 28.43 18.44 29.15
CA SER G 28 27.16 18.86 29.71
C SER G 28 26.14 17.74 29.60
N MET G 29 25.14 17.81 30.46
CA MET G 29 24.11 16.77 30.54
C MET G 29 22.96 16.97 29.57
N ASN G 30 22.94 18.07 28.82
CA ASN G 30 21.80 18.36 27.97
C ASN G 30 21.77 17.45 26.74
N ASN G 31 20.56 17.27 26.21
CA ASN G 31 20.32 16.54 24.97
C ASN G 31 20.73 15.08 25.04
N PHE G 32 20.76 14.50 26.23
CA PHE G 32 21.12 13.10 26.35
C PHE G 32 20.23 12.42 27.37
N TYR G 33 19.92 11.16 27.11
CA TYR G 33 19.24 10.31 28.08
C TYR G 33 20.27 9.65 28.98
N TRP G 34 19.93 9.51 30.26
CA TRP G 34 20.80 8.90 31.25
C TRP G 34 20.06 7.78 31.96
N GLY G 35 20.67 6.58 31.99
CA GLY G 35 20.00 5.41 32.51
C GLY G 35 20.93 4.56 33.36
N TRP G 36 20.39 3.45 33.88
CA TRP G 36 21.13 2.55 34.74
C TRP G 36 20.95 1.09 34.34
N ILE G 37 22.06 0.37 34.24
CA ILE G 37 22.08 -1.02 33.81
C ILE G 37 22.65 -1.87 34.94
N ARG G 38 21.99 -2.98 35.25
CA ARG G 38 22.45 -3.87 36.30
C ARG G 38 22.62 -5.28 35.77
N GLN G 39 23.53 -6.03 36.39
CA GLN G 39 23.86 -7.38 35.95
C GLN G 39 24.07 -8.31 37.14
N PRO G 40 23.22 -9.32 37.30
CA PRO G 40 23.48 -10.34 38.31
C PRO G 40 24.78 -11.07 38.00
N ALA G 41 25.46 -11.49 39.06
CA ALA G 41 26.77 -12.11 38.91
C ALA G 41 26.69 -13.38 38.07
N GLY G 42 27.28 -13.35 36.88
CA GLY G 42 27.31 -14.49 35.99
C GLY G 42 26.13 -14.62 35.06
N LYS G 43 25.20 -13.68 35.09
CA LYS G 43 24.02 -13.72 34.24
C LYS G 43 24.02 -12.51 33.29
N GLY G 44 22.93 -12.37 32.52
CA GLY G 44 22.83 -11.33 31.54
C GLY G 44 22.52 -9.97 32.13
N LEU G 45 22.53 -8.96 31.27
CA LEU G 45 22.29 -7.59 31.69
C LEU G 45 20.81 -7.27 31.71
N GLU G 46 20.44 -6.28 32.52
CA GLU G 46 19.06 -5.84 32.65
C GLU G 46 19.01 -4.32 32.63
N TRP G 47 17.96 -3.76 32.05
CA TRP G 47 17.78 -2.32 31.94
C TRP G 47 16.82 -1.82 33.00
N ILE G 48 17.34 -1.08 33.99
CA ILE G 48 16.49 -0.52 35.03
C ILE G 48 15.58 0.57 34.48
N GLY G 49 16.12 1.46 33.66
CA GLY G 49 15.34 2.57 33.13
C GLY G 49 16.25 3.75 32.83
N TYR G 50 15.64 4.83 32.37
CA TYR G 50 16.38 6.05 32.06
C TYR G 50 15.59 7.29 32.43
N ILE G 51 16.27 8.43 32.36
CA ILE G 51 15.67 9.74 32.60
C ILE G 51 16.26 10.70 31.58
N TYR G 52 15.51 11.77 31.29
CA TYR G 52 15.95 12.76 30.32
C TYR G 52 16.38 14.03 31.03
N TYR G 53 17.16 14.87 30.35
CA TYR G 53 17.56 16.12 30.97
C TYR G 53 16.37 16.99 31.30
N SER G 54 15.25 16.81 30.59
CA SER G 54 14.02 17.54 30.88
C SER G 54 13.39 17.05 32.17
N GLY G 55 13.48 15.75 32.44
CA GLY G 55 12.90 15.14 33.62
C GLY G 55 11.83 14.09 33.36
N THR G 56 11.51 13.75 32.11
CA THR G 56 10.59 12.66 31.87
C THR G 56 11.26 11.35 32.24
N THR G 57 10.49 10.44 32.82
CA THR G 57 11.03 9.18 33.30
C THR G 57 10.41 8.00 32.58
N ASN G 58 11.14 6.89 32.61
CA ASN G 58 10.69 5.63 32.04
C ASN G 58 11.35 4.49 32.81
N TYR G 59 10.60 3.42 33.04
CA TYR G 59 11.09 2.35 33.89
C TYR G 59 10.78 1.00 33.26
N ASN G 60 11.56 0.01 33.64
CA ASN G 60 11.28 -1.36 33.22
C ASN G 60 9.99 -1.82 33.87
N PRO G 61 9.06 -2.40 33.11
CA PRO G 61 7.79 -2.83 33.71
C PRO G 61 7.95 -3.80 34.86
N SER G 62 8.95 -4.68 34.81
CA SER G 62 9.15 -5.63 35.89
C SER G 62 9.57 -4.97 37.19
N LEU G 63 10.11 -3.75 37.14
CA LEU G 63 10.54 -3.03 38.34
C LEU G 63 9.87 -1.67 38.46
N LYS G 64 8.73 -1.48 37.81
CA LYS G 64 8.12 -0.15 37.77
C LYS G 64 7.71 0.33 39.15
N SER G 65 7.39 -0.59 40.05
CA SER G 65 6.86 -0.20 41.35
C SER G 65 7.94 0.09 42.38
N ARG G 66 9.18 -0.34 42.15
CA ARG G 66 10.19 -0.30 43.20
C ARG G 66 11.30 0.72 42.98
N VAL G 67 11.43 1.29 41.78
CA VAL G 67 12.58 2.12 41.44
C VAL G 67 12.14 3.52 41.08
N THR G 68 12.93 4.50 41.50
CA THR G 68 12.75 5.89 41.13
C THR G 68 14.10 6.47 40.76
N ILE G 69 14.11 7.39 39.80
CA ILE G 69 15.33 8.01 39.31
C ILE G 69 15.18 9.51 39.40
N SER G 70 16.20 10.18 39.94
CA SER G 70 16.21 11.62 40.09
C SER G 70 17.46 12.20 39.45
N ILE G 71 17.35 13.44 39.00
CA ILE G 71 18.42 14.13 38.30
C ILE G 71 18.58 15.53 38.85
N ASP G 72 19.82 16.03 38.84
CA ASP G 72 20.13 17.39 39.27
C ASP G 72 21.18 17.95 38.31
N THR G 73 20.72 18.73 37.34
CA THR G 73 21.63 19.29 36.35
C THR G 73 22.61 20.27 36.93
N SER G 74 22.27 20.91 38.06
CA SER G 74 23.14 21.93 38.61
C SER G 74 24.48 21.38 39.04
N LYS G 75 24.56 20.09 39.39
CA LYS G 75 25.81 19.51 39.83
C LYS G 75 26.25 18.32 38.97
N ASN G 76 25.60 18.10 37.82
CA ASN G 76 25.94 16.99 36.93
C ASN G 76 25.91 15.65 37.65
N GLN G 77 24.81 15.38 38.36
CA GLN G 77 24.69 14.11 39.04
C GLN G 77 23.26 13.58 38.96
N PHE G 78 23.14 12.29 38.68
CA PHE G 78 21.84 11.61 38.68
C PHE G 78 21.97 10.36 39.53
N SER G 79 20.88 10.00 40.21
CA SER G 79 20.89 8.89 41.15
C SER G 79 19.72 7.95 40.91
N LEU G 80 19.78 6.79 41.58
CA LEU G 80 18.74 5.78 41.50
C LEU G 80 18.43 5.23 42.88
N LYS G 81 17.15 5.15 43.23
CA LYS G 81 16.70 4.64 44.52
C LYS G 81 15.77 3.46 44.31
N VAL G 82 16.02 2.36 45.04
CA VAL G 82 15.14 1.20 45.02
C VAL G 82 14.40 1.12 46.36
N ASN G 83 13.07 1.06 46.29
CA ASN G 83 12.26 1.07 47.51
C ASN G 83 12.48 -0.16 48.39
N SER G 84 12.56 -1.35 47.79
CA SER G 84 12.69 -2.59 48.56
C SER G 84 13.93 -3.36 48.13
N VAL G 85 14.69 -3.82 49.11
CA VAL G 85 15.93 -4.57 48.87
C VAL G 85 15.73 -6.00 49.34
N THR G 86 15.98 -6.95 48.44
CA THR G 86 15.89 -8.37 48.76
C THR G 86 17.22 -9.03 48.35
N ALA G 87 17.31 -10.34 48.57
CA ALA G 87 18.55 -11.04 48.21
C ALA G 87 18.74 -11.04 46.69
N ALA G 88 17.64 -10.99 45.94
CA ALA G 88 17.72 -10.96 44.48
C ALA G 88 18.41 -9.69 43.99
N ASP G 89 18.29 -8.60 44.73
CA ASP G 89 18.84 -7.32 44.31
C ASP G 89 20.34 -7.36 44.09
N THR G 90 21.08 -8.22 44.81
CA THR G 90 22.53 -8.19 44.67
C THR G 90 22.93 -8.34 43.21
N ALA G 91 23.72 -7.40 42.72
CA ALA G 91 24.15 -7.37 41.33
C ALA G 91 25.23 -6.31 41.19
N VAL G 92 25.79 -6.22 40.00
CA VAL G 92 26.77 -5.18 39.67
C VAL G 92 26.03 -4.13 38.85
N TYR G 93 26.10 -2.88 39.27
CA TYR G 93 25.36 -1.80 38.63
C TYR G 93 26.29 -0.92 37.80
N TYR G 94 25.79 -0.49 36.65
CA TYR G 94 26.54 0.33 35.72
C TYR G 94 25.75 1.60 35.38
N CYS G 95 26.46 2.70 35.21
CA CYS G 95 25.86 3.95 34.75
C CYS G 95 26.21 4.13 33.29
N ALA G 96 25.26 4.63 32.51
CA ALA G 96 25.50 4.76 31.08
C ALA G 96 24.77 5.95 30.51
N ARG G 97 25.43 6.65 29.59
CA ARG G 97 24.77 7.70 28.83
C ARG G 97 24.04 7.08 27.65
N ASP G 98 22.75 7.33 27.56
CA ASP G 98 21.90 6.76 26.52
C ASP G 98 21.67 7.80 25.44
N SER G 99 22.28 7.57 24.28
CA SER G 99 22.04 8.39 23.11
C SER G 99 21.04 7.64 22.23
N GLY G 100 19.84 8.19 22.10
CA GLY G 100 18.82 7.55 21.30
C GLY G 100 19.23 7.43 19.85
N ASP G 101 18.61 6.47 19.17
CA ASP G 101 18.94 6.21 17.78
C ASP G 101 18.65 7.42 16.89
N TYR G 102 17.50 8.05 17.07
CA TYR G 102 17.11 9.16 16.22
C TYR G 102 17.25 10.53 16.85
N VAL G 103 17.61 10.64 18.13
CA VAL G 103 17.68 11.95 18.75
C VAL G 103 18.79 12.78 18.11
N SER G 104 20.02 12.28 18.14
CA SER G 104 21.14 12.93 17.48
C SER G 104 21.78 11.93 16.54
N TYR G 105 21.94 12.32 15.28
CA TYR G 105 22.58 11.43 14.31
C TYR G 105 24.05 11.21 14.59
N TYR G 106 24.72 12.16 15.24
CA TYR G 106 26.13 11.97 15.58
C TYR G 106 26.35 10.80 16.53
N TYR G 107 25.49 10.63 17.53
CA TYR G 107 25.69 9.60 18.54
C TYR G 107 24.60 8.53 18.44
N TYR G 108 25.02 7.27 18.43
CA TYR G 108 24.12 6.13 18.42
C TYR G 108 24.40 5.17 19.57
N GLY G 109 23.35 4.75 20.26
CA GLY G 109 23.50 3.76 21.31
C GLY G 109 24.04 4.29 22.62
N MET G 110 24.24 3.36 23.55
CA MET G 110 24.81 3.66 24.86
C MET G 110 26.31 3.78 24.70
N ASP G 111 26.81 5.01 24.66
CA ASP G 111 28.22 5.23 24.32
C ASP G 111 29.16 4.87 25.46
N VAL G 112 29.01 5.53 26.60
CA VAL G 112 29.99 5.46 27.67
C VAL G 112 29.39 4.73 28.87
N TRP G 113 30.15 3.78 29.42
CA TRP G 113 29.75 3.03 30.60
C TRP G 113 30.76 3.25 31.70
N GLY G 114 30.28 3.53 32.89
CA GLY G 114 31.15 3.69 34.05
C GLY G 114 31.63 2.36 34.60
N PRO G 115 32.64 2.43 35.46
CA PRO G 115 33.15 1.22 36.11
C PRO G 115 32.09 0.58 36.99
N GLY G 116 31.86 -0.71 36.78
CA GLY G 116 30.87 -1.44 37.54
C GLY G 116 31.09 -1.44 39.04
N THR G 117 30.03 -1.18 39.80
CA THR G 117 30.08 -1.16 41.25
C THR G 117 29.17 -2.26 41.80
N THR G 118 29.69 -3.08 42.69
CA THR G 118 28.96 -4.20 43.26
C THR G 118 28.13 -3.75 44.46
N VAL G 119 26.93 -4.31 44.56
CA VAL G 119 26.04 -4.08 45.69
C VAL G 119 25.61 -5.43 46.25
N THR G 120 25.79 -5.62 47.54
CA THR G 120 25.48 -6.88 48.20
C THR G 120 24.41 -6.69 49.26
N VAL G 121 23.67 -7.76 49.53
CA VAL G 121 22.59 -7.75 50.51
C VAL G 121 22.90 -8.76 51.60
N SER G 122 22.88 -8.31 52.85
CA SER G 122 23.17 -9.18 53.98
C SER G 122 21.89 -9.81 54.51
N GLN H 1 -10.50 -37.60 23.83
CA GLN H 1 -11.56 -38.56 24.08
C GLN H 1 -12.01 -39.27 22.80
N VAL H 2 -12.29 -38.48 21.76
CA VAL H 2 -12.76 -39.04 20.52
C VAL H 2 -11.68 -39.88 19.85
N HIS H 3 -12.07 -41.00 19.26
CA HIS H 3 -11.15 -41.87 18.57
C HIS H 3 -11.86 -42.50 17.38
N LEU H 4 -11.10 -42.82 16.34
CA LEU H 4 -11.67 -43.35 15.12
C LEU H 4 -11.13 -44.74 14.85
N GLN H 5 -11.96 -45.61 14.29
CA GLN H 5 -11.52 -46.94 13.90
C GLN H 5 -11.85 -47.22 12.43
N GLU H 6 -10.84 -47.58 11.65
CA GLU H 6 -11.00 -47.93 10.25
C GLU H 6 -11.51 -49.36 10.08
N SER H 7 -12.33 -49.57 9.06
CA SER H 7 -12.82 -50.90 8.73
C SER H 7 -12.87 -51.04 7.21
N GLY H 8 -12.73 -52.27 6.73
CA GLY H 8 -12.83 -52.53 5.31
C GLY H 8 -12.03 -53.71 4.78
N PRO H 9 -12.10 -53.92 3.48
CA PRO H 9 -11.36 -55.04 2.86
C PRO H 9 -9.86 -54.86 2.91
N GLY H 10 -9.16 -55.98 3.08
CA GLY H 10 -7.71 -55.97 3.14
C GLY H 10 -7.05 -56.22 1.79
N LEU H 11 -7.64 -57.09 0.99
CA LEU H 11 -7.13 -57.37 -0.36
C LEU H 11 -8.26 -57.20 -1.35
N VAL H 12 -7.93 -56.71 -2.53
CA VAL H 12 -8.91 -56.47 -3.58
C VAL H 12 -8.29 -56.80 -4.93
N LYS H 13 -9.07 -57.43 -5.80
CA LYS H 13 -8.59 -57.73 -7.13
C LYS H 13 -8.53 -56.46 -7.96
N PRO H 14 -7.68 -56.42 -8.99
CA PRO H 14 -7.63 -55.25 -9.86
C PRO H 14 -8.93 -55.03 -10.59
N SER H 15 -9.18 -53.76 -10.94
CA SER H 15 -10.37 -53.29 -11.64
C SER H 15 -11.62 -53.35 -10.78
N GLU H 16 -11.49 -53.48 -9.47
CA GLU H 16 -12.64 -53.45 -8.58
C GLU H 16 -12.68 -52.13 -7.83
N THR H 17 -13.34 -52.11 -6.67
CA THR H 17 -13.52 -50.89 -5.88
C THR H 17 -13.18 -51.16 -4.42
N LEU H 18 -12.87 -50.08 -3.71
CA LEU H 18 -12.57 -50.12 -2.28
C LEU H 18 -13.75 -49.55 -1.49
N SER H 19 -14.13 -50.25 -0.42
CA SER H 19 -15.27 -49.86 0.39
C SER H 19 -14.90 -49.42 1.80
N LEU H 20 -13.68 -48.91 1.98
CA LEU H 20 -13.22 -48.57 3.33
C LEU H 20 -14.12 -47.56 4.03
N THR H 21 -14.42 -47.83 5.30
CA THR H 21 -15.28 -46.99 6.10
C THR H 21 -14.71 -46.90 7.50
N CYS H 22 -14.80 -45.73 8.14
CA CYS H 22 -14.38 -45.58 9.53
C CYS H 22 -15.47 -44.92 10.35
N THR H 23 -15.52 -45.29 11.63
CA THR H 23 -16.54 -44.85 12.57
C THR H 23 -15.96 -43.80 13.52
N VAL H 24 -16.85 -42.95 14.03
CA VAL H 24 -16.50 -41.92 15.00
C VAL H 24 -17.26 -42.21 16.28
N SER H 25 -16.54 -42.23 17.40
CA SER H 25 -17.12 -42.56 18.69
C SER H 25 -16.67 -41.57 19.76
N GLY H 26 -17.62 -41.09 20.57
CA GLY H 26 -17.32 -40.17 21.65
C GLY H 26 -17.57 -38.71 21.37
N ASP H 27 -17.93 -38.34 20.14
CA ASP H 27 -18.15 -36.93 19.86
C ASP H 27 -19.02 -36.82 18.61
N SER H 28 -19.66 -35.66 18.46
CA SER H 28 -20.53 -35.43 17.31
C SER H 28 -19.71 -35.03 16.11
N MET H 29 -20.28 -35.25 14.93
CA MET H 29 -19.61 -35.00 13.68
C MET H 29 -19.76 -33.58 13.19
N ASN H 30 -20.51 -32.74 13.88
CA ASN H 30 -20.77 -31.39 13.37
C ASN H 30 -19.55 -30.49 13.52
N ASN H 31 -19.50 -29.48 12.66
CA ASN H 31 -18.48 -28.42 12.71
C ASN H 31 -17.06 -28.94 12.49
N PHE H 32 -16.91 -30.07 11.82
CA PHE H 32 -15.59 -30.61 11.56
C PHE H 32 -15.50 -31.15 10.15
N TYR H 33 -14.34 -30.99 9.54
CA TYR H 33 -14.04 -31.63 8.27
C TYR H 33 -13.48 -33.02 8.53
N TRP H 34 -13.84 -33.97 7.67
CA TRP H 34 -13.40 -35.35 7.78
C TRP H 34 -12.78 -35.79 6.45
N GLY H 35 -11.56 -36.32 6.51
CA GLY H 35 -10.80 -36.64 5.31
C GLY H 35 -10.08 -37.97 5.44
N TRP H 36 -9.36 -38.34 4.38
CA TRP H 36 -8.63 -39.60 4.32
C TRP H 36 -7.22 -39.41 3.80
N ILE H 37 -6.27 -40.01 4.51
CA ILE H 37 -4.85 -39.89 4.20
C ILE H 37 -4.31 -41.28 3.91
N ARG H 38 -3.55 -41.42 2.83
CA ARG H 38 -2.96 -42.70 2.46
C ARG H 38 -1.45 -42.57 2.31
N GLN H 39 -0.76 -43.68 2.54
CA GLN H 39 0.70 -43.70 2.52
C GLN H 39 1.21 -44.98 1.87
N PRO H 40 1.88 -44.87 0.73
CA PRO H 40 2.56 -46.04 0.16
C PRO H 40 3.63 -46.55 1.11
N ALA H 41 3.84 -47.86 1.10
CA ALA H 41 4.76 -48.49 2.03
C ALA H 41 6.18 -47.96 1.84
N GLY H 42 6.67 -47.23 2.84
CA GLY H 42 8.01 -46.69 2.83
C GLY H 42 8.16 -45.34 2.17
N LYS H 43 7.07 -44.73 1.72
CA LYS H 43 7.10 -43.43 1.07
C LYS H 43 6.30 -42.42 1.89
N GLY H 44 6.18 -41.21 1.34
CA GLY H 44 5.51 -40.13 2.05
C GLY H 44 4.00 -40.24 2.03
N LEU H 45 3.36 -39.35 2.76
CA LEU H 45 1.90 -39.34 2.88
C LEU H 45 1.26 -38.57 1.74
N GLU H 46 0.00 -38.91 1.46
CA GLU H 46 -0.77 -38.26 0.42
C GLU H 46 -2.16 -37.95 0.93
N TRP H 47 -2.74 -36.83 0.48
CA TRP H 47 -4.07 -36.40 0.91
C TRP H 47 -5.10 -36.74 -0.16
N ILE H 48 -5.96 -37.72 0.14
CA ILE H 48 -7.01 -38.08 -0.79
C ILE H 48 -8.05 -36.97 -0.94
N GLY H 49 -8.47 -36.39 0.16
CA GLY H 49 -9.51 -35.36 0.14
C GLY H 49 -10.27 -35.36 1.44
N TYR H 50 -11.25 -34.45 1.52
CA TYR H 50 -12.10 -34.35 2.70
C TYR H 50 -13.54 -34.07 2.34
N ILE H 51 -14.40 -34.14 3.35
CA ILE H 51 -15.82 -33.83 3.22
C ILE H 51 -16.24 -33.07 4.48
N TYR H 52 -17.30 -32.28 4.36
CA TYR H 52 -17.78 -31.48 5.48
C TYR H 52 -19.08 -32.08 6.01
N TYR H 53 -19.43 -31.74 7.25
CA TYR H 53 -20.69 -32.25 7.78
C TYR H 53 -21.88 -31.78 6.96
N SER H 54 -21.74 -30.67 6.26
CA SER H 54 -22.80 -30.18 5.37
C SER H 54 -22.92 -31.05 4.13
N GLY H 55 -21.80 -31.55 3.63
CA GLY H 55 -21.76 -32.38 2.43
C GLY H 55 -20.95 -31.81 1.27
N THR H 56 -20.33 -30.65 1.39
CA THR H 56 -19.46 -30.17 0.33
C THR H 56 -18.23 -31.06 0.25
N THR H 57 -17.75 -31.33 -0.95
CA THR H 57 -16.63 -32.22 -1.15
C THR H 57 -15.45 -31.51 -1.80
N ASN H 58 -14.27 -32.09 -1.60
CA ASN H 58 -13.05 -31.60 -2.19
C ASN H 58 -12.11 -32.78 -2.37
N TYR H 59 -11.38 -32.79 -3.48
CA TYR H 59 -10.55 -33.94 -3.82
C TYR H 59 -9.19 -33.49 -4.31
N ASN H 60 -8.21 -34.37 -4.15
CA ASN H 60 -6.89 -34.13 -4.71
C ASN H 60 -6.99 -34.12 -6.23
N PRO H 61 -6.43 -33.11 -6.91
CA PRO H 61 -6.53 -33.06 -8.36
C PRO H 61 -5.97 -34.29 -9.06
N SER H 62 -4.92 -34.90 -8.52
CA SER H 62 -4.35 -36.09 -9.14
C SER H 62 -5.29 -37.29 -9.09
N LEU H 63 -6.24 -37.30 -8.17
CA LEU H 63 -7.19 -38.40 -8.06
C LEU H 63 -8.63 -37.94 -8.16
N LYS H 64 -8.88 -36.79 -8.78
CA LYS H 64 -10.22 -36.22 -8.79
C LYS H 64 -11.20 -37.11 -9.53
N SER H 65 -10.73 -37.89 -10.50
CA SER H 65 -11.63 -38.67 -11.33
C SER H 65 -11.98 -40.02 -10.75
N ARG H 66 -11.22 -40.52 -9.78
CA ARG H 66 -11.35 -41.90 -9.35
C ARG H 66 -11.96 -42.07 -7.96
N VAL H 67 -12.06 -41.02 -7.15
CA VAL H 67 -12.43 -41.15 -5.75
C VAL H 67 -13.70 -40.38 -5.46
N THR H 68 -14.55 -40.96 -4.63
CA THR H 68 -15.75 -40.32 -4.12
C THR H 68 -15.85 -40.57 -2.63
N ILE H 69 -16.37 -39.58 -1.89
CA ILE H 69 -16.50 -39.67 -0.45
C ILE H 69 -17.95 -39.41 -0.07
N SER H 70 -18.48 -40.26 0.81
CA SER H 70 -19.85 -40.14 1.26
C SER H 70 -19.88 -40.10 2.79
N ILE H 71 -20.90 -39.45 3.33
CA ILE H 71 -21.04 -39.27 4.77
C ILE H 71 -22.47 -39.57 5.17
N ASP H 72 -22.62 -40.08 6.40
CA ASP H 72 -23.95 -40.36 6.97
C ASP H 72 -23.91 -39.98 8.44
N THR H 73 -24.41 -38.78 8.75
CA THR H 73 -24.38 -38.28 10.11
C THR H 73 -25.24 -39.11 11.06
N SER H 74 -26.27 -39.77 10.53
CA SER H 74 -27.18 -40.50 11.41
C SER H 74 -26.49 -41.62 12.16
N LYS H 75 -25.41 -42.17 11.61
CA LYS H 75 -24.73 -43.27 12.27
C LYS H 75 -23.26 -42.97 12.56
N ASN H 76 -22.84 -41.71 12.40
CA ASN H 76 -21.46 -41.31 12.66
C ASN H 76 -20.46 -42.15 11.84
N GLN H 77 -20.70 -42.25 10.54
CA GLN H 77 -19.79 -43.00 9.69
C GLN H 77 -19.62 -42.31 8.35
N PHE H 78 -18.37 -42.24 7.88
CA PHE H 78 -18.06 -41.72 6.57
C PHE H 78 -17.16 -42.72 5.86
N SER H 79 -17.30 -42.83 4.55
CA SER H 79 -16.59 -43.82 3.77
C SER H 79 -15.93 -43.21 2.55
N LEU H 80 -15.07 -44.01 1.90
CA LEU H 80 -14.36 -43.60 0.69
C LEU H 80 -14.38 -44.73 -0.32
N LYS H 81 -14.72 -44.41 -1.57
CA LYS H 81 -14.78 -45.37 -2.66
C LYS H 81 -13.85 -44.95 -3.79
N VAL H 82 -13.02 -45.87 -4.28
CA VAL H 82 -12.15 -45.63 -5.41
C VAL H 82 -12.69 -46.42 -6.61
N ASN H 83 -12.93 -45.71 -7.72
CA ASN H 83 -13.52 -46.35 -8.89
C ASN H 83 -12.63 -47.42 -9.51
N SER H 84 -11.33 -47.16 -9.63
CA SER H 84 -10.42 -48.09 -10.28
C SER H 84 -9.28 -48.47 -9.35
N VAL H 85 -8.99 -49.77 -9.28
CA VAL H 85 -7.94 -50.30 -8.43
C VAL H 85 -6.82 -50.86 -9.29
N THR H 86 -5.60 -50.38 -9.06
CA THR H 86 -4.42 -50.85 -9.77
C THR H 86 -3.38 -51.28 -8.74
N ALA H 87 -2.22 -51.74 -9.23
CA ALA H 87 -1.18 -52.16 -8.30
C ALA H 87 -0.63 -50.97 -7.51
N ALA H 88 -0.70 -49.77 -8.10
CA ALA H 88 -0.23 -48.57 -7.42
C ALA H 88 -1.07 -48.27 -6.19
N ASP H 89 -2.35 -48.66 -6.19
CA ASP H 89 -3.24 -48.33 -5.10
C ASP H 89 -2.78 -48.90 -3.76
N THR H 90 -2.06 -50.02 -3.75
CA THR H 90 -1.70 -50.62 -2.47
C THR H 90 -0.98 -49.60 -1.60
N ALA H 91 -1.50 -49.41 -0.38
CA ALA H 91 -0.98 -48.42 0.55
C ALA H 91 -1.66 -48.66 1.90
N VAL H 92 -1.22 -47.91 2.89
CA VAL H 92 -1.83 -47.92 4.21
C VAL H 92 -2.71 -46.68 4.31
N TYR H 93 -3.97 -46.86 4.65
CA TYR H 93 -4.92 -45.76 4.68
C TYR H 93 -5.23 -45.35 6.11
N TYR H 94 -5.38 -44.06 6.33
CA TYR H 94 -5.65 -43.48 7.64
C TYR H 94 -6.88 -42.60 7.58
N CYS H 95 -7.68 -42.61 8.64
CA CYS H 95 -8.81 -41.70 8.77
C CYS H 95 -8.42 -40.59 9.74
N ALA H 96 -8.84 -39.37 9.44
CA ALA H 96 -8.45 -38.25 10.28
C ALA H 96 -9.53 -37.19 10.33
N ARG H 97 -9.71 -36.61 11.50
CA ARG H 97 -10.59 -35.46 11.65
C ARG H 97 -9.81 -34.21 11.30
N ASP H 98 -10.31 -33.44 10.34
CA ASP H 98 -9.65 -32.24 9.86
C ASP H 98 -10.31 -31.02 10.49
N SER H 99 -9.58 -30.37 11.39
CA SER H 99 -10.00 -29.11 11.96
C SER H 99 -9.27 -28.00 11.23
N GLY H 100 -10.01 -27.21 10.47
CA GLY H 100 -9.41 -26.13 9.72
C GLY H 100 -8.73 -25.12 10.61
N ASP H 101 -7.79 -24.39 10.02
CA ASP H 101 -7.01 -23.42 10.79
C ASP H 101 -7.89 -22.31 11.34
N TYR H 102 -8.80 -21.79 10.53
CA TYR H 102 -9.64 -20.68 10.95
C TYR H 102 -11.07 -21.05 11.30
N VAL H 103 -11.49 -22.29 11.12
CA VAL H 103 -12.88 -22.63 11.40
C VAL H 103 -13.16 -22.48 12.89
N SER H 104 -12.44 -23.20 13.73
CA SER H 104 -12.55 -23.08 15.17
C SER H 104 -11.19 -22.76 15.73
N TYR H 105 -11.09 -21.71 16.53
CA TYR H 105 -9.82 -21.35 17.13
C TYR H 105 -9.35 -22.36 18.17
N TYR H 106 -10.27 -23.08 18.81
CA TYR H 106 -9.87 -24.09 19.78
C TYR H 106 -9.06 -25.22 19.15
N TYR H 107 -9.44 -25.67 17.96
CA TYR H 107 -8.77 -26.80 17.33
C TYR H 107 -8.01 -26.37 16.09
N TYR H 108 -6.76 -26.80 15.98
CA TYR H 108 -5.92 -26.54 14.82
C TYR H 108 -5.35 -27.83 14.24
N GLY H 109 -5.43 -27.97 12.92
CA GLY H 109 -4.83 -29.11 12.25
C GLY H 109 -5.62 -30.40 12.36
N MET H 110 -5.02 -31.46 11.80
CA MET H 110 -5.59 -32.80 11.86
C MET H 110 -5.30 -33.39 13.23
N ASP H 111 -6.29 -33.39 14.10
CA ASP H 111 -6.05 -33.75 15.49
C ASP H 111 -5.87 -35.25 15.68
N VAL H 112 -6.88 -36.03 15.33
CA VAL H 112 -6.92 -37.45 15.69
C VAL H 112 -6.79 -38.29 14.44
N TRP H 113 -5.92 -39.30 14.49
CA TRP H 113 -5.71 -40.24 13.41
C TRP H 113 -6.04 -41.64 13.88
N GLY H 114 -6.79 -42.37 13.08
CA GLY H 114 -7.10 -43.74 13.40
C GLY H 114 -5.95 -44.69 13.09
N PRO H 115 -6.05 -45.91 13.61
CA PRO H 115 -5.04 -46.93 13.33
C PRO H 115 -4.98 -47.27 11.85
N GLY H 116 -3.78 -47.21 11.28
CA GLY H 116 -3.61 -47.48 9.87
C GLY H 116 -4.04 -48.86 9.44
N THR H 117 -4.78 -48.95 8.34
CA THR H 117 -5.24 -50.21 7.78
C THR H 117 -4.64 -50.41 6.40
N THR H 118 -4.04 -51.58 6.19
CA THR H 118 -3.38 -51.89 4.92
C THR H 118 -4.37 -52.43 3.90
N VAL H 119 -4.19 -52.02 2.65
CA VAL H 119 -4.97 -52.51 1.53
C VAL H 119 -4.01 -53.00 0.46
N THR H 120 -4.22 -54.23 0.00
CA THR H 120 -3.35 -54.86 -0.98
C THR H 120 -4.12 -55.20 -2.24
N VAL H 121 -3.40 -55.25 -3.36
CA VAL H 121 -3.99 -55.54 -4.66
C VAL H 121 -3.34 -56.81 -5.22
N SER H 122 -4.16 -57.78 -5.58
CA SER H 122 -3.66 -59.04 -6.12
C SER H 122 -3.55 -58.97 -7.64
N GLN I 1 24.22 -21.71 -32.17
CA GLN I 1 24.78 -21.55 -33.50
C GLN I 1 25.72 -20.36 -33.60
N VAL I 2 25.27 -19.21 -33.12
CA VAL I 2 26.08 -18.00 -33.22
C VAL I 2 27.32 -18.12 -32.33
N HIS I 3 28.45 -17.63 -32.83
CA HIS I 3 29.69 -17.65 -32.09
C HIS I 3 30.48 -16.40 -32.42
N LEU I 4 31.29 -15.94 -31.48
CA LEU I 4 32.05 -14.70 -31.64
C LEU I 4 33.53 -14.99 -31.57
N GLN I 5 34.31 -14.25 -32.36
CA GLN I 5 35.77 -14.37 -32.31
C GLN I 5 36.41 -13.01 -32.09
N GLU I 6 37.24 -12.90 -31.05
CA GLU I 6 37.97 -11.69 -30.74
C GLU I 6 39.22 -11.55 -31.60
N SER I 7 39.55 -10.31 -31.95
CA SER I 7 40.76 -10.00 -32.70
C SER I 7 41.37 -8.71 -32.18
N GLY I 8 42.69 -8.60 -32.30
CA GLY I 8 43.36 -7.38 -31.90
C GLY I 8 44.80 -7.53 -31.45
N PRO I 9 45.41 -6.42 -31.03
CA PRO I 9 46.80 -6.45 -30.58
C PRO I 9 46.98 -7.21 -29.27
N GLY I 10 48.11 -7.90 -29.16
CA GLY I 10 48.42 -8.67 -27.97
C GLY I 10 49.24 -7.88 -26.96
N LEU I 11 50.18 -7.06 -27.43
CA LEU I 11 50.98 -6.22 -26.56
C LEU I 11 50.88 -4.79 -27.03
N VAL I 12 50.89 -3.86 -26.09
CA VAL I 12 50.79 -2.44 -26.39
C VAL I 12 51.68 -1.66 -25.43
N LYS I 13 52.35 -0.64 -25.95
CA LYS I 13 53.17 0.20 -25.11
C LYS I 13 52.29 1.10 -24.26
N PRO I 14 52.80 1.56 -23.11
CA PRO I 14 52.01 2.48 -22.28
C PRO I 14 51.74 3.80 -22.99
N SER I 15 50.63 4.42 -22.60
CA SER I 15 50.15 5.69 -23.13
C SER I 15 49.63 5.57 -24.55
N GLU I 16 49.35 4.36 -25.03
CA GLU I 16 48.76 4.20 -26.35
C GLU I 16 47.29 3.80 -26.21
N THR I 17 46.75 3.14 -27.23
CA THR I 17 45.35 2.77 -27.26
C THR I 17 45.19 1.32 -27.68
N LEU I 18 44.04 0.74 -27.32
CA LEU I 18 43.67 -0.63 -27.67
C LEU I 18 42.62 -0.62 -28.78
N SER I 19 42.83 -1.46 -29.79
CA SER I 19 41.94 -1.52 -30.95
C SER I 19 41.17 -2.83 -31.05
N LEU I 20 40.92 -3.50 -29.92
CA LEU I 20 40.29 -4.82 -29.97
C LEU I 20 38.92 -4.79 -30.64
N THR I 21 38.69 -5.77 -31.51
CA THR I 21 37.44 -5.88 -32.26
C THR I 21 37.05 -7.34 -32.33
N CYS I 22 35.75 -7.63 -32.24
CA CYS I 22 35.26 -8.99 -32.41
C CYS I 22 34.13 -9.04 -33.42
N THR I 23 34.05 -10.16 -34.13
CA THR I 23 33.09 -10.38 -35.19
C THR I 23 31.96 -11.30 -34.73
N VAL I 24 30.80 -11.14 -35.38
CA VAL I 24 29.62 -11.96 -35.10
C VAL I 24 29.30 -12.73 -36.37
N SER I 25 29.12 -14.05 -36.24
CA SER I 25 28.85 -14.90 -37.38
C SER I 25 27.72 -15.87 -37.08
N GLY I 26 26.80 -16.01 -38.03
CA GLY I 26 25.67 -16.91 -37.89
C GLY I 26 24.35 -16.29 -37.47
N ASP I 27 24.33 -15.00 -37.13
CA ASP I 27 23.09 -14.41 -36.68
C ASP I 27 23.18 -12.90 -36.85
N SER I 28 22.02 -12.25 -36.91
CA SER I 28 21.97 -10.81 -37.07
C SER I 28 22.20 -10.11 -35.74
N MET I 29 22.64 -8.87 -35.82
CA MET I 29 22.99 -8.10 -34.65
C MET I 29 21.81 -7.35 -34.04
N ASN I 30 20.63 -7.42 -34.66
CA ASN I 30 19.51 -6.63 -34.18
C ASN I 30 18.93 -7.20 -32.90
N ASN I 31 18.28 -6.32 -32.13
CA ASN I 31 17.54 -6.67 -30.92
C ASN I 31 18.43 -7.29 -29.84
N PHE I 32 19.72 -6.99 -29.84
CA PHE I 32 20.60 -7.52 -28.82
C PHE I 32 21.57 -6.46 -28.37
N TYR I 33 21.90 -6.48 -27.09
CA TYR I 33 22.98 -5.67 -26.55
C TYR I 33 24.30 -6.40 -26.69
N TRP I 34 25.36 -5.65 -26.98
CA TRP I 34 26.70 -6.20 -27.15
C TRP I 34 27.67 -5.47 -26.25
N GLY I 35 28.43 -6.21 -25.44
CA GLY I 35 29.29 -5.62 -24.44
C GLY I 35 30.64 -6.32 -24.37
N TRP I 36 31.49 -5.83 -23.46
CA TRP I 36 32.84 -6.36 -23.29
C TRP I 36 33.17 -6.59 -21.83
N ILE I 37 33.72 -7.77 -21.54
CA ILE I 37 34.04 -8.19 -20.18
C ILE I 37 35.55 -8.44 -20.11
N ARG I 38 36.19 -7.93 -19.08
CA ARG I 38 37.62 -8.13 -18.90
C ARG I 38 37.92 -8.72 -17.53
N GLN I 39 39.02 -9.46 -17.46
CA GLN I 39 39.39 -10.16 -16.24
C GLN I 39 40.89 -10.09 -16.01
N PRO I 40 41.33 -9.44 -14.93
CA PRO I 40 42.75 -9.49 -14.56
C PRO I 40 43.15 -10.92 -14.24
N ALA I 41 44.41 -11.24 -14.54
CA ALA I 41 44.90 -12.60 -14.37
C ALA I 41 44.81 -13.05 -12.92
N GLY I 42 43.94 -14.02 -12.65
CA GLY I 42 43.77 -14.58 -11.34
C GLY I 42 42.77 -13.85 -10.45
N LYS I 43 42.10 -12.82 -10.96
CA LYS I 43 41.13 -12.06 -10.19
C LYS I 43 39.75 -12.19 -10.82
N GLY I 44 38.79 -11.44 -10.27
CA GLY I 44 37.42 -11.53 -10.72
C GLY I 44 37.17 -10.78 -12.03
N LEU I 45 35.95 -10.93 -12.53
CA LEU I 45 35.57 -10.32 -13.79
C LEU I 45 35.08 -8.89 -13.59
N GLU I 46 35.18 -8.09 -14.64
CA GLU I 46 34.74 -6.70 -14.61
C GLU I 46 33.96 -6.40 -15.89
N TRP I 47 32.96 -5.53 -15.78
CA TRP I 47 32.10 -5.16 -16.91
C TRP I 47 32.52 -3.81 -17.45
N ILE I 48 33.10 -3.80 -18.65
CA ILE I 48 33.49 -2.55 -19.28
C ILE I 48 32.28 -1.72 -19.68
N GLY I 49 31.29 -2.35 -20.28
CA GLY I 49 30.12 -1.64 -20.75
C GLY I 49 29.50 -2.37 -21.93
N TYR I 50 28.42 -1.78 -22.46
CA TYR I 50 27.74 -2.36 -23.61
C TYR I 50 27.25 -1.28 -24.57
N ILE I 51 26.79 -1.73 -25.73
CA ILE I 51 26.21 -0.87 -26.75
C ILE I 51 25.01 -1.59 -27.34
N TYR I 52 24.07 -0.83 -27.89
CA TYR I 52 22.87 -1.41 -28.48
C TYR I 52 22.93 -1.32 -29.98
N TYR I 53 22.13 -2.14 -30.67
CA TYR I 53 22.13 -2.06 -32.12
C TYR I 53 21.69 -0.69 -32.62
N SER I 54 20.92 0.04 -31.80
CA SER I 54 20.51 1.40 -32.14
C SER I 54 21.69 2.36 -32.05
N GLY I 55 22.58 2.15 -31.08
CA GLY I 55 23.73 3.00 -30.86
C GLY I 55 23.78 3.69 -29.50
N THR I 56 22.83 3.49 -28.60
CA THR I 56 22.94 4.04 -27.27
C THR I 56 24.07 3.33 -26.53
N THR I 57 24.81 4.08 -25.73
CA THR I 57 25.96 3.54 -25.04
C THR I 57 25.81 3.63 -23.53
N ASN I 58 26.55 2.77 -22.84
CA ASN I 58 26.59 2.76 -21.39
C ASN I 58 27.95 2.25 -20.96
N TYR I 59 28.50 2.82 -19.89
CA TYR I 59 29.85 2.50 -19.48
C TYR I 59 29.92 2.32 -17.98
N ASN I 60 30.90 1.55 -17.55
CA ASN I 60 31.18 1.42 -16.12
C ASN I 60 31.64 2.75 -15.58
N PRO I 61 31.07 3.23 -14.47
CA PRO I 61 31.49 4.53 -13.93
C PRO I 61 32.96 4.63 -13.63
N SER I 62 33.60 3.55 -13.19
CA SER I 62 35.02 3.57 -12.89
C SER I 62 35.88 3.78 -14.13
N LEU I 63 35.36 3.48 -15.31
CA LEU I 63 36.11 3.66 -16.55
C LEU I 63 35.38 4.55 -17.55
N LYS I 64 34.47 5.40 -17.08
CA LYS I 64 33.64 6.17 -17.99
C LYS I 64 34.46 7.13 -18.82
N SER I 65 35.60 7.59 -18.31
CA SER I 65 36.36 8.61 -19.01
C SER I 65 37.34 8.05 -20.03
N ARG I 66 37.65 6.76 -19.97
CA ARG I 66 38.74 6.21 -20.76
C ARG I 66 38.31 5.31 -21.91
N VAL I 67 37.06 4.85 -21.93
CA VAL I 67 36.64 3.82 -22.88
C VAL I 67 35.53 4.34 -23.78
N THR I 68 35.59 3.94 -25.04
CA THR I 68 34.55 4.22 -26.02
C THR I 68 34.27 2.95 -26.81
N ILE I 69 33.02 2.76 -27.19
CA ILE I 69 32.59 1.57 -27.92
C ILE I 69 31.88 2.01 -29.19
N SER I 70 32.25 1.39 -30.31
CA SER I 70 31.67 1.70 -31.60
C SER I 70 31.13 0.42 -32.24
N ILE I 71 30.12 0.58 -33.07
CA ILE I 71 29.44 -0.54 -33.72
C ILE I 71 29.25 -0.24 -35.20
N ASP I 72 29.29 -1.28 -36.01
CA ASP I 72 29.04 -1.17 -37.45
C ASP I 72 28.22 -2.38 -37.89
N THR I 73 26.91 -2.18 -38.01
CA THR I 73 26.01 -3.27 -38.36
C THR I 73 26.26 -3.79 -39.77
N SER I 74 26.80 -2.95 -40.64
CA SER I 74 26.96 -3.37 -42.03
C SER I 74 27.92 -4.54 -42.18
N LYS I 75 28.85 -4.70 -41.25
CA LYS I 75 29.80 -5.80 -41.35
C LYS I 75 29.77 -6.71 -40.13
N ASN I 76 28.78 -6.58 -39.25
CA ASN I 76 28.65 -7.42 -38.06
C ASN I 76 29.92 -7.35 -37.20
N GLN I 77 30.38 -6.14 -36.91
CA GLN I 77 31.56 -6.01 -36.05
C GLN I 77 31.42 -4.83 -35.11
N PHE I 78 31.78 -5.03 -33.85
CA PHE I 78 31.82 -3.98 -32.86
C PHE I 78 33.18 -4.00 -32.18
N SER I 79 33.67 -2.82 -31.79
CA SER I 79 35.01 -2.69 -31.25
C SER I 79 35.00 -1.87 -29.96
N LEU I 80 36.13 -1.89 -29.27
CA LEU I 80 36.33 -1.14 -28.03
C LEU I 80 37.68 -0.46 -28.04
N LYS I 81 37.70 0.82 -27.70
CA LYS I 81 38.93 1.61 -27.64
C LYS I 81 39.13 2.18 -26.25
N VAL I 82 40.34 2.03 -25.69
CA VAL I 82 40.69 2.62 -24.40
C VAL I 82 41.68 3.76 -24.65
N ASN I 83 41.34 4.94 -24.14
CA ASN I 83 42.16 6.12 -24.37
C ASN I 83 43.55 6.02 -23.77
N SER I 84 43.66 5.53 -22.53
CA SER I 84 44.94 5.46 -21.85
C SER I 84 45.26 4.05 -21.41
N VAL I 85 46.49 3.61 -21.67
CA VAL I 85 46.95 2.27 -21.34
C VAL I 85 48.00 2.37 -20.25
N THR I 86 47.79 1.65 -19.15
CA THR I 86 48.72 1.58 -18.04
C THR I 86 49.03 0.12 -17.75
N ALA I 87 49.88 -0.12 -16.75
CA ALA I 87 50.20 -1.51 -16.42
C ALA I 87 48.99 -2.23 -15.85
N ALA I 88 48.07 -1.49 -15.23
CA ALA I 88 46.85 -2.09 -14.69
C ALA I 88 45.97 -2.67 -15.78
N ASP I 89 46.04 -2.10 -16.98
CA ASP I 89 45.17 -2.54 -18.07
C ASP I 89 45.37 -4.00 -18.44
N THR I 90 46.56 -4.56 -18.24
CA THR I 90 46.78 -5.94 -18.69
C THR I 90 45.73 -6.86 -18.09
N ALA I 91 45.04 -7.60 -18.95
CA ALA I 91 43.96 -8.48 -18.55
C ALA I 91 43.58 -9.33 -19.75
N VAL I 92 42.66 -10.26 -19.52
CA VAL I 92 42.11 -11.09 -20.58
C VAL I 92 40.73 -10.53 -20.89
N TYR I 93 40.48 -10.22 -22.17
CA TYR I 93 39.24 -9.58 -22.57
C TYR I 93 38.33 -10.58 -23.28
N TYR I 94 37.04 -10.46 -23.02
CA TYR I 94 36.02 -11.34 -23.57
C TYR I 94 34.94 -10.52 -24.26
N CYS I 95 34.41 -11.04 -25.36
CA CYS I 95 33.28 -10.43 -26.04
C CYS I 95 32.04 -11.25 -25.70
N ALA I 96 30.91 -10.58 -25.49
CA ALA I 96 29.71 -11.29 -25.10
C ALA I 96 28.47 -10.61 -25.64
N ARG I 97 27.50 -11.43 -26.07
CA ARG I 97 26.20 -10.92 -26.44
C ARG I 97 25.35 -10.78 -25.19
N ASP I 98 24.85 -9.59 -24.95
CA ASP I 98 24.06 -9.30 -23.75
C ASP I 98 22.58 -9.30 -24.12
N SER I 99 21.87 -10.31 -23.64
CA SER I 99 20.42 -10.37 -23.77
C SER I 99 19.82 -9.91 -22.45
N GLY I 100 19.17 -8.77 -22.48
CA GLY I 100 18.57 -8.23 -21.28
C GLY I 100 17.51 -9.15 -20.71
N ASP I 101 17.26 -8.99 -19.42
CA ASP I 101 16.32 -9.85 -18.73
C ASP I 101 14.90 -9.69 -19.29
N TYR I 102 14.48 -8.46 -19.53
CA TYR I 102 13.12 -8.21 -19.99
C TYR I 102 13.01 -7.87 -21.47
N VAL I 103 14.12 -7.73 -22.20
CA VAL I 103 13.99 -7.33 -23.59
C VAL I 103 13.30 -8.43 -24.39
N SER I 104 13.86 -9.64 -24.39
CA SER I 104 13.26 -10.78 -25.04
C SER I 104 13.11 -11.89 -24.01
N TYR I 105 11.91 -12.41 -23.88
CA TYR I 105 11.69 -13.51 -22.93
C TYR I 105 12.38 -14.79 -23.34
N TYR I 106 12.61 -15.01 -24.64
CA TYR I 106 13.32 -16.20 -25.07
C TYR I 106 14.75 -16.27 -24.54
N TYR I 107 15.46 -15.15 -24.53
CA TYR I 107 16.86 -15.15 -24.12
C TYR I 107 17.06 -14.39 -22.82
N TYR I 108 17.78 -15.00 -21.88
CA TYR I 108 18.11 -14.36 -20.61
C TYR I 108 19.61 -14.38 -20.37
N GLY I 109 20.16 -13.25 -19.94
CA GLY I 109 21.55 -13.17 -19.58
C GLY I 109 22.51 -13.10 -20.74
N MET I 110 23.80 -13.10 -20.40
CA MET I 110 24.88 -13.11 -21.39
C MET I 110 25.05 -14.51 -21.92
N ASP I 111 24.52 -14.77 -23.10
CA ASP I 111 24.46 -16.13 -23.62
C ASP I 111 25.81 -16.65 -24.08
N VAL I 112 26.42 -15.98 -25.06
CA VAL I 112 27.57 -16.51 -25.76
C VAL I 112 28.79 -15.66 -25.44
N TRP I 113 29.90 -16.32 -25.10
CA TRP I 113 31.16 -15.66 -24.82
C TRP I 113 32.22 -16.15 -25.80
N GLY I 114 32.97 -15.22 -26.36
CA GLY I 114 34.06 -15.57 -27.25
C GLY I 114 35.28 -16.05 -26.51
N PRO I 115 36.21 -16.65 -27.25
CA PRO I 115 37.47 -17.09 -26.65
C PRO I 115 38.27 -15.92 -26.12
N GLY I 116 38.69 -16.01 -24.86
CA GLY I 116 39.44 -14.95 -24.23
C GLY I 116 40.75 -14.61 -24.92
N THR I 117 41.01 -13.32 -25.11
CA THR I 117 42.23 -12.83 -25.73
C THR I 117 43.01 -12.00 -24.73
N THR I 118 44.29 -12.32 -24.56
CA THR I 118 45.14 -11.62 -23.60
C THR I 118 45.72 -10.35 -24.20
N VAL I 119 45.81 -9.31 -23.39
CA VAL I 119 46.43 -8.05 -23.76
C VAL I 119 47.47 -7.70 -22.70
N THR I 120 48.69 -7.43 -23.12
CA THR I 120 49.79 -7.13 -22.23
C THR I 120 50.32 -5.73 -22.48
N VAL I 121 50.90 -5.14 -21.43
CA VAL I 121 51.46 -3.80 -21.49
C VAL I 121 52.94 -3.87 -21.18
N SER I 122 53.77 -3.32 -22.07
CA SER I 122 55.21 -3.33 -21.88
C SER I 122 55.66 -2.08 -21.14
C1 NAG J . -6.59 21.24 -30.16
C2 NAG J . -6.83 20.68 -31.57
C3 NAG J . -6.15 21.56 -32.62
C4 NAG J . -6.63 23.00 -32.49
C5 NAG J . -6.35 23.50 -31.08
C6 NAG J . -6.87 24.89 -30.83
C7 NAG J . -7.17 18.25 -31.67
C8 NAG J . -6.51 16.91 -31.78
N2 NAG J . -6.35 19.31 -31.67
O3 NAG J . -6.47 21.05 -33.92
O4 NAG J . -5.96 23.82 -33.43
O5 NAG J . -7.00 22.64 -30.13
O6 NAG J . -8.24 25.00 -31.18
O7 NAG J . -8.39 18.37 -31.58
C1 NAG K . -25.68 -11.50 -29.35
C2 NAG K . -26.89 -11.99 -30.13
C3 NAG K . -26.59 -13.33 -30.78
C4 NAG K . -25.35 -13.21 -31.66
C5 NAG K . -24.18 -12.69 -30.81
C6 NAG K . -22.93 -12.47 -31.61
C7 NAG K . -29.27 -11.63 -29.60
C8 NAG K . -29.37 -10.98 -30.95
N2 NAG K . -28.06 -12.10 -29.27
O3 NAG K . -27.70 -13.75 -31.56
O4 NAG K . -25.01 -14.47 -32.21
O5 NAG K . -24.53 -11.43 -30.22
O6 NAG K . -23.09 -11.41 -32.54
O7 NAG K . -30.23 -11.74 -28.85
C1 NAG L . -4.49 -31.68 -40.90
C2 NAG L . -3.15 -32.31 -40.49
C3 NAG L . -2.32 -32.59 -41.74
C4 NAG L . -3.10 -33.46 -42.70
C5 NAG L . -4.43 -32.80 -43.04
C6 NAG L . -5.32 -33.67 -43.91
C7 NAG L . -2.66 -31.41 -38.25
C8 NAG L . -1.80 -30.47 -37.46
N2 NAG L . -2.43 -31.44 -39.57
O3 NAG L . -1.10 -33.23 -41.36
O4 NAG L . -2.35 -33.66 -43.89
O5 NAG L . -5.16 -32.54 -41.84
O6 NAG L . -4.56 -34.36 -44.89
O7 NAG L . -3.50 -32.11 -37.72
C1 NAG M . -11.20 32.62 14.58
C2 NAG M . -10.29 33.84 14.76
C3 NAG M . -10.59 34.55 16.06
C4 NAG M . -12.07 34.93 16.13
C5 NAG M . -12.91 33.67 15.97
C6 NAG M . -14.39 33.96 15.94
C7 NAG M . -8.11 33.67 13.64
C8 NAG M . -6.68 33.21 13.76
N2 NAG M . -8.88 33.45 14.71
O3 NAG M . -9.79 35.73 16.16
O4 NAG M . -12.35 35.54 17.38
O5 NAG M . -12.59 33.02 14.73
O6 NAG M . -14.71 34.96 14.98
O7 NAG M . -8.53 34.21 12.63
C1 NAG N . 14.05 35.64 -13.52
C2 NAG N . 14.47 36.82 -14.41
C3 NAG N . 15.98 37.00 -14.36
C4 NAG N . 16.43 37.17 -12.91
C5 NAG N . 15.97 35.95 -12.11
C6 NAG N . 16.32 36.06 -10.64
C7 NAG N . 13.41 37.60 -16.48
C8 NAG N . 13.22 38.92 -15.78
N2 NAG N . 14.02 36.64 -15.78
O3 NAG N . 16.35 38.14 -15.12
O4 NAG N . 17.85 37.25 -12.86
O5 NAG N . 14.54 35.84 -12.18
O6 NAG N . 15.60 37.11 -10.01
O7 NAG N . 13.03 37.43 -17.63
C1 NAG O . 41.27 31.58 1.71
C2 NAG O . 42.03 30.46 2.43
C3 NAG O . 42.89 31.07 3.54
C4 NAG O . 43.82 32.13 2.97
C5 NAG O . 43.00 33.19 2.23
C6 NAG O . 43.87 34.21 1.53
C7 NAG O . 40.61 28.47 2.26
C8 NAG O . 39.68 27.53 2.98
N2 NAG O . 41.12 29.46 2.98
O3 NAG O . 43.64 30.04 4.17
O4 NAG O . 44.56 32.74 4.02
O5 NAG O . 42.20 32.56 1.21
O6 NAG O . 45.00 34.55 2.33
O7 NAG O . 40.89 28.31 1.08
C1 NAG P . -37.23 -1.17 -3.59
C2 NAG P . -38.19 -1.56 -2.46
C3 NAG P . -39.35 -2.39 -2.99
C4 NAG P . -40.06 -1.66 -4.11
C5 NAG P . -39.06 -1.32 -5.21
C6 NAG P . -39.66 -0.51 -6.34
C7 NAG P . -37.16 -1.71 -0.23
C8 NAG P . -36.44 -2.58 0.74
N2 NAG P . -37.49 -2.27 -1.40
O3 NAG P . -40.27 -2.66 -1.93
O4 NAG P . -41.10 -2.47 -4.64
O5 NAG P . -37.99 -0.54 -4.67
O6 NAG P . -40.33 0.64 -5.84
O7 NAG P . -37.43 -0.54 0.02
C1 NAG Q . -19.67 -16.26 45.23
C2 NAG Q . -18.71 -17.45 45.17
C3 NAG Q . -19.42 -18.71 45.65
C4 NAG Q . -19.97 -18.49 47.05
C5 NAG Q . -20.90 -17.28 47.06
C6 NAG Q . -21.41 -16.93 48.43
C7 NAG Q . -17.16 -16.95 43.32
C8 NAG Q . -16.77 -17.27 41.92
N2 NAG Q . -18.19 -17.64 43.83
O3 NAG Q . -18.50 -19.80 45.66
O4 NAG Q . -20.71 -19.64 47.46
O5 NAG Q . -20.19 -16.13 46.58
O6 NAG Q . -21.71 -18.10 49.18
O7 NAG Q . -16.57 -16.10 43.99
C1 NAG R . -24.87 10.86 30.16
C2 NAG R . -25.57 11.61 31.30
C3 NAG R . -25.38 10.85 32.61
C4 NAG R . -25.89 9.43 32.46
C5 NAG R . -25.16 8.76 31.30
C6 NAG R . -25.65 7.35 31.03
C7 NAG R . -25.86 14.04 31.55
C8 NAG R . -27.33 13.76 31.57
N2 NAG R . -25.06 12.97 31.42
O3 NAG R . -26.10 11.52 33.65
O4 NAG R . -25.66 8.70 33.65
O5 NAG R . -25.37 9.51 30.10
O6 NAG R . -26.99 7.36 30.55
O7 NAG R . -25.40 15.17 31.64
#